data_7T17
#
_entry.id   7T17
#
_cell.length_a   1.00
_cell.length_b   1.00
_cell.length_c   1.00
_cell.angle_alpha   90.00
_cell.angle_beta   90.00
_cell.angle_gamma   90.00
#
_symmetry.space_group_name_H-M   'P 1'
#
loop_
_entity.id
_entity.type
_entity.pdbx_description
1 polymer 'DH1017.IgM FabC constant domain'
2 polymer 'DH1017.IgM LambdaC constant domain'
3 polymer 'DH1017.IgM IgH'
4 polymer 'DH1017.IgM IgL'
5 polymer 'Core protein'
#
loop_
_entity_poly.entity_id
_entity_poly.type
_entity_poly.pdbx_seq_one_letter_code
_entity_poly.pdbx_strand_id
1 'polypeptide(L)'
;ASTKGPSVFPLAPSSKSTSGGTAALGCLVKDYFPEPVTVSWNSGALTSGVHTFPAVLQSSGLYSLSSVVTVPSSSLGTQT
YICNVNHKPSNTKVDKKVEPKSCDK
;
H
2 'polypeptide(L)'
;GQPKANPTVTLFPPSSEELQANKATLVCLISDFYPGAVTVAWKADSSPVKAGVETTTPSKQSNNKYAASSYLSLTPEQWK
SHRSYSCQVTHEGSTVEKTVAPTECS
;
I
3 'polypeptide(L)'
;QVQLQESGPGLVKPSQTLSLTCAVSGGSISSGDSYWSWIRQHPGKGLEWIGSIYYSGSTYYNPSLKSRVTIPIDTSKNQF
SLKLSSVTAADTAVYYCARHVGDLRVNDAFDIWGQGTMVTVSS
;
J,F
4 'polypeptide(L)'
;QSVLTQPPSVSAAPGQKVTISCSGSSSNIGNNFVSWYQRLPGTPPKLLIYDSDKRPSGIPDRFSGSKSGTSATLGITGLQ
TGDEGDYYCGTWDRSLSVVVFGGGTKLTVL
;
K,G
5 'polypeptide(L)'
;IRCIGVSNRDFVEGMSGGTWVDVVLEHGGCVTVMAQDKPTVDIELVTTTVSNMAEVRSYCYEASISDMASDSRCPTQGEA
YLDKQSDTQYVCKRTLVDRGWGNGCGLFGKGSLVTCAKFACSKKMTGKSIQPENLEYRIMLSVHGSQHSGMIVNDTGHET
DENRAKVEITPNSPRAEATLGGFGSLGLDCEPRTGLDFSDLYYLTMNNKHWLVHKEWFHDIPLPWHAGADTGTPHWNNKE
ALVEFKDAHAKRQTVVVLGSQEGAVHTALAGALEAEMDGAKGRLSSGHLKCRLKMDKLRLKGVSYSLCTAAFTFTKIPAE
TLHGTVTVEVQYAGTDGPCKVPAQMAVDMQTLTPVGRLITANPVITESTENSKMMLELDPPFGDSYIVIGVG
;
A,C,E
#
# COMPACT_ATOMS: atom_id res chain seq x y z
N ALA A 1 -41.76 0.88 19.34
CA ALA A 1 -41.62 1.31 20.73
C ALA A 1 -42.57 0.55 21.65
N SER A 2 -43.41 1.29 22.37
CA SER A 2 -44.37 0.67 23.27
C SER A 2 -45.56 0.11 22.48
N THR A 3 -46.22 -0.90 23.05
CA THR A 3 -47.39 -1.48 22.41
C THR A 3 -48.60 -0.58 22.61
N LYS A 4 -49.32 -0.31 21.53
CA LYS A 4 -50.52 0.52 21.57
C LYS A 4 -51.34 0.26 20.32
N GLY A 5 -52.67 0.27 20.46
CA GLY A 5 -53.57 0.09 19.36
C GLY A 5 -53.83 1.40 18.61
N PRO A 6 -54.20 1.30 17.34
CA PRO A 6 -54.42 2.50 16.54
C PRO A 6 -55.85 3.00 16.57
N SER A 7 -56.06 4.21 16.05
CA SER A 7 -57.38 4.76 15.83
C SER A 7 -58.08 4.00 14.70
N VAL A 8 -59.41 4.03 14.72
CA VAL A 8 -60.25 3.03 14.06
C VAL A 8 -61.18 3.64 13.02
N PHE A 9 -60.67 4.62 12.25
CA PHE A 9 -61.41 5.51 11.35
C PHE A 9 -62.23 4.78 10.29
N PRO A 10 -63.49 5.19 10.07
CA PRO A 10 -64.48 4.31 9.46
C PRO A 10 -64.62 4.42 7.94
N LEU A 11 -64.06 5.47 7.31
CA LEU A 11 -63.86 5.62 5.87
C LEU A 11 -65.07 5.39 4.96
N ALA A 12 -66.17 6.11 5.20
CA ALA A 12 -67.47 5.81 4.60
C ALA A 12 -67.57 6.14 3.12
N PRO A 13 -68.68 5.76 2.46
CA PRO A 13 -68.86 6.13 1.05
C PRO A 13 -69.59 7.46 0.89
N SER A 14 -69.79 7.91 -0.35
CA SER A 14 -70.48 9.15 -0.62
C SER A 14 -70.90 9.21 -2.09
N SER A 15 -71.52 10.34 -2.46
CA SER A 15 -72.01 10.51 -3.83
C SER A 15 -70.87 10.79 -4.80
N LYS A 16 -69.80 11.43 -4.32
CA LYS A 16 -68.64 11.74 -5.16
C LYS A 16 -67.64 10.61 -5.21
N SER A 17 -67.88 9.52 -4.47
CA SER A 17 -67.05 8.34 -4.52
C SER A 17 -67.70 7.15 -5.18
N THR A 18 -69.00 7.20 -5.46
CA THR A 18 -69.68 6.08 -6.09
C THR A 18 -69.68 6.25 -7.60
N SER A 19 -69.06 5.30 -8.31
CA SER A 19 -69.07 5.27 -9.76
C SER A 19 -69.94 4.11 -10.19
N GLY A 20 -71.00 4.41 -10.95
CA GLY A 20 -71.95 3.37 -11.28
C GLY A 20 -72.85 3.05 -10.12
N GLY A 21 -73.08 1.75 -9.91
CA GLY A 21 -73.93 1.31 -8.82
C GLY A 21 -73.15 0.77 -7.63
N THR A 22 -71.85 1.06 -7.58
CA THR A 22 -70.98 0.58 -6.51
C THR A 22 -70.29 1.76 -5.86
N ALA A 23 -70.11 1.67 -4.53
CA ALA A 23 -69.49 2.73 -3.75
C ALA A 23 -68.41 2.10 -2.87
N ALA A 24 -67.34 2.85 -2.63
CA ALA A 24 -66.23 2.32 -1.85
C ALA A 24 -66.28 2.83 -0.41
N LEU A 25 -66.30 1.89 0.52
CA LEU A 25 -66.14 2.19 1.94
C LEU A 25 -64.84 1.55 2.40
N GLY A 26 -64.48 1.79 3.65
CA GLY A 26 -63.23 1.25 4.12
C GLY A 26 -63.15 1.18 5.63
N CYS A 27 -61.92 1.14 6.11
CA CYS A 27 -61.59 1.19 7.53
C CYS A 27 -60.09 1.31 7.65
N LEU A 28 -59.63 2.09 8.63
CA LEU A 28 -58.20 2.34 8.83
C LEU A 28 -57.89 2.42 10.32
N VAL A 29 -57.06 1.49 10.80
CA VAL A 29 -56.52 1.54 12.16
C VAL A 29 -55.07 2.00 12.02
N LYS A 30 -54.79 3.18 12.57
CA LYS A 30 -53.52 3.85 12.38
C LYS A 30 -52.85 4.15 13.72
N ASP A 31 -51.52 4.23 13.69
CA ASP A 31 -50.74 4.46 14.91
C ASP A 31 -50.77 3.24 15.83
N TYR A 32 -50.54 2.07 15.24
CA TYR A 32 -50.64 0.80 15.95
C TYR A 32 -49.26 0.16 16.10
N PHE A 33 -49.10 -0.57 17.21
CA PHE A 33 -47.88 -1.29 17.53
C PHE A 33 -48.28 -2.45 18.42
N PRO A 34 -47.97 -3.71 18.04
CA PRO A 34 -47.25 -4.29 16.91
C PRO A 34 -48.04 -4.28 15.59
N GLU A 35 -47.38 -4.76 14.52
CA GLU A 35 -48.00 -4.78 13.20
C GLU A 35 -49.19 -5.72 13.08
N PRO A 36 -49.31 -6.78 13.90
CA PRO A 36 -50.36 -7.79 13.67
C PRO A 36 -51.78 -7.33 14.04
N VAL A 37 -52.41 -6.62 13.11
CA VAL A 37 -53.82 -6.22 13.25
C VAL A 37 -54.57 -6.70 12.02
N THR A 38 -55.67 -7.42 12.26
CA THR A 38 -56.48 -7.99 11.20
C THR A 38 -57.78 -7.19 11.06
N VAL A 39 -58.30 -7.13 9.84
CA VAL A 39 -59.50 -6.36 9.53
C VAL A 39 -60.54 -7.28 8.90
N SER A 40 -61.79 -7.14 9.35
CA SER A 40 -62.91 -7.88 8.80
C SER A 40 -64.05 -6.92 8.51
N TRP A 41 -64.94 -7.31 7.61
CA TRP A 41 -66.05 -6.47 7.19
C TRP A 41 -67.36 -7.08 7.64
N ASN A 42 -68.02 -6.42 8.60
CA ASN A 42 -69.33 -6.84 9.09
C ASN A 42 -69.26 -8.11 9.93
N SER A 43 -68.09 -8.30 10.57
CA SER A 43 -67.83 -9.50 11.37
C SER A 43 -67.69 -10.75 10.50
N GLY A 44 -67.14 -10.57 9.29
CA GLY A 44 -66.94 -11.67 8.37
C GLY A 44 -68.07 -11.86 7.37
N ALA A 45 -69.18 -11.15 7.52
CA ALA A 45 -70.30 -11.28 6.60
C ALA A 45 -70.06 -10.57 5.27
N LEU A 46 -69.13 -9.63 5.21
CA LEU A 46 -68.83 -8.89 3.98
C LEU A 46 -67.41 -9.23 3.57
N THR A 47 -67.27 -10.19 2.66
CA THR A 47 -65.97 -10.62 2.17
C THR A 47 -65.77 -10.36 0.69
N SER A 48 -66.87 -10.26 -0.08
CA SER A 48 -66.77 -9.98 -1.50
C SER A 48 -66.44 -8.50 -1.70
N GLY A 49 -65.38 -8.23 -2.46
CA GLY A 49 -64.91 -6.86 -2.63
C GLY A 49 -64.05 -6.35 -1.50
N VAL A 50 -63.72 -7.19 -0.53
CA VAL A 50 -62.90 -6.79 0.60
C VAL A 50 -61.43 -6.94 0.23
N HIS A 51 -60.67 -5.86 0.38
CA HIS A 51 -59.25 -5.86 0.09
C HIS A 51 -58.52 -5.42 1.36
N THR A 52 -57.66 -6.28 1.88
CA THR A 52 -56.87 -6.01 3.08
C THR A 52 -55.43 -5.78 2.60
N PHE A 53 -55.07 -4.52 2.39
CA PHE A 53 -53.75 -4.18 1.90
C PHE A 53 -52.73 -4.30 3.03
N PRO A 54 -51.43 -4.35 2.68
CA PRO A 54 -50.39 -4.36 3.71
C PRO A 54 -50.28 -3.02 4.42
N ALA A 55 -49.80 -3.05 5.66
CA ALA A 55 -49.76 -1.86 6.48
C ALA A 55 -48.63 -0.94 6.06
N VAL A 56 -48.76 0.33 6.45
CA VAL A 56 -47.76 1.36 6.16
C VAL A 56 -47.18 1.85 7.47
N LEU A 57 -45.86 1.73 7.62
CA LEU A 57 -45.19 2.16 8.84
C LEU A 57 -45.00 3.67 8.78
N GLN A 58 -45.57 4.37 9.76
CA GLN A 58 -45.46 5.82 9.79
C GLN A 58 -44.11 6.25 10.37
N SER A 59 -43.88 7.56 10.35
CA SER A 59 -42.65 8.13 10.88
C SER A 59 -42.57 8.10 12.39
N SER A 60 -43.71 7.99 13.09
CA SER A 60 -43.71 7.92 14.54
C SER A 60 -43.56 6.50 15.07
N GLY A 61 -43.41 5.51 14.20
CA GLY A 61 -43.29 4.13 14.63
C GLY A 61 -44.59 3.40 14.85
N LEU A 62 -45.72 4.04 14.56
CA LEU A 62 -47.03 3.41 14.70
C LEU A 62 -47.50 2.94 13.33
N TYR A 63 -47.81 1.65 13.22
CA TYR A 63 -48.23 1.08 11.95
C TYR A 63 -49.66 1.50 11.62
N SER A 64 -49.97 1.50 10.33
CA SER A 64 -51.28 1.92 9.87
C SER A 64 -51.77 0.91 8.85
N LEU A 65 -52.74 0.10 9.24
CA LEU A 65 -53.30 -0.95 8.38
C LEU A 65 -54.81 -0.82 8.37
N SER A 66 -55.42 -1.21 7.26
CA SER A 66 -56.85 -1.07 7.09
C SER A 66 -57.37 -2.02 6.02
N SER A 67 -58.61 -1.80 5.63
CA SER A 67 -59.28 -2.59 4.61
C SER A 67 -60.19 -1.67 3.79
N VAL A 68 -60.52 -2.11 2.57
CA VAL A 68 -61.46 -1.42 1.71
C VAL A 68 -62.52 -2.42 1.27
N VAL A 69 -63.70 -1.91 0.94
CA VAL A 69 -64.84 -2.75 0.58
C VAL A 69 -65.68 -2.02 -0.46
N THR A 70 -65.90 -2.67 -1.59
CA THR A 70 -66.80 -2.18 -2.62
C THR A 70 -68.19 -2.73 -2.35
N VAL A 71 -69.11 -1.85 -1.97
CA VAL A 71 -70.47 -2.26 -1.62
C VAL A 71 -71.44 -1.60 -2.57
N PRO A 72 -72.73 -1.92 -2.42
CA PRO A 72 -73.74 -1.33 -3.31
C PRO A 72 -74.02 0.14 -2.97
N SER A 73 -74.25 0.93 -4.02
CA SER A 73 -74.67 2.32 -3.81
C SER A 73 -76.08 2.40 -3.27
N SER A 74 -76.95 1.47 -3.66
CA SER A 74 -78.27 1.36 -3.06
C SER A 74 -78.23 0.80 -1.65
N SER A 75 -77.20 0.04 -1.30
CA SER A 75 -77.02 -0.45 0.06
C SER A 75 -76.42 0.59 0.99
N LEU A 76 -75.91 1.70 0.47
CA LEU A 76 -75.41 2.80 1.28
C LEU A 76 -76.63 3.57 1.77
N GLY A 77 -77.03 3.33 3.01
CA GLY A 77 -78.25 3.89 3.59
C GLY A 77 -79.25 2.86 4.02
N THR A 78 -79.24 1.66 3.44
CA THR A 78 -80.10 0.57 3.86
C THR A 78 -79.36 -0.61 4.48
N GLN A 79 -78.05 -0.71 4.31
CA GLN A 79 -77.24 -1.77 4.91
C GLN A 79 -76.09 -1.13 5.67
N THR A 80 -75.91 -1.55 6.92
CA THR A 80 -74.86 -0.99 7.76
C THR A 80 -73.52 -1.66 7.46
N TYR A 81 -72.48 -0.84 7.36
CA TYR A 81 -71.12 -1.32 7.16
C TYR A 81 -70.35 -1.04 8.45
N ILE A 82 -69.80 -2.09 9.06
CA ILE A 82 -69.08 -1.98 10.32
C ILE A 82 -67.80 -2.78 10.20
N CYS A 83 -66.67 -2.10 10.08
CA CYS A 83 -65.38 -2.78 10.07
C CYS A 83 -65.00 -3.22 11.48
N ASN A 84 -64.28 -4.33 11.56
CA ASN A 84 -63.82 -4.86 12.84
C ASN A 84 -62.31 -5.02 12.74
N VAL A 85 -61.57 -4.28 13.58
CA VAL A 85 -60.12 -4.33 13.60
C VAL A 85 -59.70 -4.98 14.90
N ASN A 86 -59.00 -6.10 14.80
CA ASN A 86 -58.51 -6.84 15.97
C ASN A 86 -56.99 -6.81 15.94
N HIS A 87 -56.40 -6.15 16.94
CA HIS A 87 -54.95 -6.04 17.05
C HIS A 87 -54.46 -7.05 18.07
N LYS A 88 -53.54 -7.91 17.66
CA LYS A 88 -52.88 -8.88 18.52
C LYS A 88 -52.05 -8.18 19.58
N PRO A 89 -51.29 -7.15 19.21
CA PRO A 89 -50.52 -6.41 20.20
C PRO A 89 -51.40 -5.44 20.99
N SER A 90 -51.36 -5.60 22.32
CA SER A 90 -52.14 -4.77 23.24
C SER A 90 -53.60 -5.20 23.40
N ASN A 91 -54.03 -6.23 22.66
CA ASN A 91 -55.35 -6.81 22.83
C ASN A 91 -56.48 -5.89 22.36
N THR A 92 -56.21 -5.07 21.34
CA THR A 92 -57.19 -4.08 20.92
C THR A 92 -58.16 -4.69 19.90
N LYS A 93 -59.45 -4.51 20.17
CA LYS A 93 -60.52 -4.92 19.25
C LYS A 93 -61.54 -3.79 19.17
N VAL A 94 -61.74 -3.28 17.97
CA VAL A 94 -62.56 -2.08 17.77
C VAL A 94 -63.54 -2.35 16.62
N ASP A 95 -64.82 -2.08 16.85
CA ASP A 95 -65.79 -2.10 15.77
C ASP A 95 -66.16 -0.67 15.39
N LYS A 96 -65.79 -0.28 14.17
CA LYS A 96 -66.01 1.06 13.68
C LYS A 96 -67.10 1.01 12.60
N LYS A 97 -68.24 1.63 12.88
CA LYS A 97 -69.33 1.64 11.93
C LYS A 97 -69.19 2.82 10.97
N VAL A 98 -68.92 2.52 9.70
CA VAL A 98 -68.85 3.57 8.70
C VAL A 98 -70.28 3.99 8.33
N GLU A 99 -70.45 5.26 8.04
CA GLU A 99 -71.75 5.86 7.77
C GLU A 99 -71.70 6.55 6.41
N PRO A 100 -72.86 6.84 5.84
CA PRO A 100 -72.90 7.58 4.57
C PRO A 100 -72.53 9.05 4.78
N LYS A 101 -72.21 9.72 3.68
CA LYS A 101 -71.75 11.11 3.73
C LYS A 101 -72.90 12.06 4.04
N SER A 102 -73.16 12.27 5.34
CA SER A 102 -74.21 13.18 5.77
C SER A 102 -73.67 14.59 5.88
N CYS A 103 -73.82 15.37 4.80
CA CYS A 103 -73.31 16.73 4.73
C CYS A 103 -74.39 17.78 4.95
N ASP A 104 -75.38 17.50 5.80
CA ASP A 104 -76.48 18.43 6.03
C ASP A 104 -76.10 19.61 6.91
N LYS A 105 -74.95 19.55 7.59
CA LYS A 105 -74.50 20.67 8.42
C LYS A 105 -73.89 21.78 7.57
N GLY B 1 -30.03 6.62 -22.27
CA GLY B 1 -29.38 7.84 -21.86
C GLY B 1 -30.24 8.75 -21.01
N GLN B 2 -31.28 8.17 -20.40
CA GLN B 2 -32.18 8.94 -19.56
C GLN B 2 -31.50 9.30 -18.23
N PRO B 3 -31.52 10.58 -17.87
CA PRO B 3 -30.79 11.02 -16.67
C PRO B 3 -31.58 10.81 -15.39
N LYS B 4 -31.03 11.31 -14.29
CA LYS B 4 -31.64 11.11 -12.98
C LYS B 4 -32.74 12.14 -12.73
N ALA B 5 -34.00 11.70 -12.87
CA ALA B 5 -35.16 12.48 -12.49
C ALA B 5 -36.16 11.54 -11.84
N ASN B 6 -36.21 11.54 -10.49
CA ASN B 6 -37.07 10.65 -9.72
C ASN B 6 -38.50 11.18 -9.65
N PRO B 7 -39.46 10.32 -9.36
CA PRO B 7 -40.86 10.76 -9.27
C PRO B 7 -41.19 11.31 -7.89
N THR B 8 -42.04 12.33 -7.89
CA THR B 8 -42.48 13.00 -6.66
C THR B 8 -43.99 12.85 -6.56
N VAL B 9 -44.46 12.50 -5.37
CA VAL B 9 -45.88 12.24 -5.11
C VAL B 9 -46.44 13.36 -4.26
N THR B 10 -47.55 13.95 -4.69
CA THR B 10 -48.20 15.05 -3.99
C THR B 10 -49.67 14.70 -3.83
N LEU B 11 -50.18 14.82 -2.60
CA LEU B 11 -51.55 14.44 -2.30
C LEU B 11 -52.33 15.63 -1.78
N PHE B 12 -53.60 15.73 -2.21
CA PHE B 12 -54.50 16.80 -1.81
C PHE B 12 -55.83 16.16 -1.40
N PRO B 13 -56.41 16.57 -0.28
CA PRO B 13 -57.66 15.95 0.19
C PRO B 13 -58.87 16.60 -0.44
N PRO B 14 -60.08 16.20 -0.05
CA PRO B 14 -61.28 16.83 -0.60
C PRO B 14 -61.51 18.21 0.00
N SER B 15 -62.05 19.10 -0.83
CA SER B 15 -62.27 20.48 -0.41
C SER B 15 -63.53 20.60 0.43
N SER B 16 -63.67 21.75 1.10
CA SER B 16 -64.88 22.02 1.88
C SER B 16 -66.09 22.26 0.97
N GLU B 17 -65.86 22.88 -0.19
CA GLU B 17 -66.94 23.07 -1.15
C GLU B 17 -67.30 21.75 -1.84
N GLU B 18 -66.33 20.85 -1.99
CA GLU B 18 -66.61 19.52 -2.49
C GLU B 18 -67.34 18.67 -1.44
N LEU B 19 -67.01 18.88 -0.16
CA LEU B 19 -67.71 18.19 0.91
C LEU B 19 -69.11 18.74 1.12
N GLN B 20 -69.34 20.00 0.74
CA GLN B 20 -70.69 20.57 0.77
C GLN B 20 -71.58 20.01 -0.34
N ALA B 21 -70.98 19.46 -1.39
CA ALA B 21 -71.72 18.75 -2.43
C ALA B 21 -71.91 17.28 -2.12
N ASN B 22 -71.48 16.81 -0.94
CA ASN B 22 -71.64 15.41 -0.55
C ASN B 22 -70.63 14.50 -1.24
N LYS B 23 -69.50 15.05 -1.65
CA LYS B 23 -68.48 14.30 -2.37
C LYS B 23 -67.11 14.51 -1.73
N ALA B 24 -66.15 13.72 -2.20
CA ALA B 24 -64.77 13.84 -1.77
C ALA B 24 -63.85 13.27 -2.85
N THR B 25 -62.83 14.05 -3.20
CA THR B 25 -61.86 13.62 -4.20
C THR B 25 -60.46 13.85 -3.64
N LEU B 26 -59.67 12.79 -3.52
CA LEU B 26 -58.31 12.86 -3.04
C LEU B 26 -57.39 12.73 -4.24
N VAL B 27 -56.70 13.81 -4.58
CA VAL B 27 -55.79 13.78 -5.72
C VAL B 27 -54.40 13.35 -5.26
N CYS B 28 -53.70 12.64 -6.17
CA CYS B 28 -52.36 12.13 -5.88
C CYS B 28 -51.59 12.09 -7.21
N LEU B 29 -50.68 13.04 -7.37
CA LEU B 29 -49.89 13.11 -8.59
C LEU B 29 -48.48 12.58 -8.36
N ILE B 30 -48.03 11.75 -9.29
CA ILE B 30 -46.66 11.22 -9.29
C ILE B 30 -45.97 11.74 -10.54
N SER B 31 -45.23 12.84 -10.39
CA SER B 31 -44.71 13.58 -11.53
C SER B 31 -43.18 13.57 -11.56
N ASP B 32 -42.64 13.79 -12.76
CA ASP B 32 -41.21 13.97 -12.99
C ASP B 32 -40.43 12.67 -12.96
N PHE B 33 -41.10 11.53 -13.09
CA PHE B 33 -40.44 10.24 -13.04
C PHE B 33 -39.73 9.94 -14.34
N TYR B 34 -38.45 9.60 -14.25
CA TYR B 34 -37.67 9.19 -15.40
C TYR B 34 -37.29 7.73 -15.15
N PRO B 35 -37.84 6.79 -15.92
CA PRO B 35 -38.86 6.86 -16.98
C PRO B 35 -40.28 6.98 -16.44
N GLY B 36 -41.25 7.15 -17.33
CA GLY B 36 -42.63 7.33 -16.92
C GLY B 36 -43.35 6.05 -16.57
N ALA B 37 -43.01 5.46 -15.42
CA ALA B 37 -43.65 4.23 -14.95
C ALA B 37 -43.81 4.31 -13.45
N VAL B 38 -45.04 4.13 -12.97
CA VAL B 38 -45.34 4.12 -11.55
C VAL B 38 -46.64 3.35 -11.32
N THR B 39 -46.72 2.70 -10.16
CA THR B 39 -47.90 1.95 -9.75
C THR B 39 -48.55 2.70 -8.59
N VAL B 40 -49.81 3.06 -8.76
CA VAL B 40 -50.51 3.91 -7.79
C VAL B 40 -51.44 3.04 -6.96
N ALA B 41 -51.35 3.17 -5.64
CA ALA B 41 -52.26 2.52 -4.71
C ALA B 41 -52.83 3.58 -3.76
N TRP B 42 -54.13 3.48 -3.50
CA TRP B 42 -54.82 4.42 -2.62
C TRP B 42 -55.64 3.64 -1.62
N LYS B 43 -55.69 4.15 -0.38
CA LYS B 43 -56.46 3.50 0.66
C LYS B 43 -56.86 4.50 1.73
N ALA B 44 -57.91 4.15 2.48
CA ALA B 44 -58.30 4.86 3.70
C ALA B 44 -57.45 4.28 4.82
N ASP B 45 -56.89 5.15 5.66
CA ASP B 45 -55.86 4.77 6.60
C ASP B 45 -54.61 4.29 5.87
N SER B 46 -54.29 3.00 6.01
CA SER B 46 -53.10 2.46 5.37
C SER B 46 -53.37 1.27 4.46
N SER B 47 -54.44 0.50 4.73
CA SER B 47 -54.77 -0.64 3.89
C SER B 47 -55.40 -0.15 2.59
N PRO B 48 -55.08 -0.75 1.45
CA PRO B 48 -55.51 -0.21 0.16
C PRO B 48 -56.97 -0.54 -0.13
N VAL B 49 -57.75 0.50 -0.46
CA VAL B 49 -59.12 0.29 -0.89
C VAL B 49 -59.16 0.18 -2.41
N LYS B 50 -60.14 -0.57 -2.93
CA LYS B 50 -60.21 -0.76 -4.37
C LYS B 50 -61.48 -0.20 -4.99
N ALA B 51 -62.11 0.81 -4.42
CA ALA B 51 -63.34 1.36 -4.96
C ALA B 51 -63.16 2.86 -5.19
N GLY B 52 -63.52 3.32 -6.38
CA GLY B 52 -63.42 4.73 -6.75
C GLY B 52 -62.01 5.28 -6.86
N VAL B 53 -61.11 4.51 -7.47
CA VAL B 53 -59.73 4.96 -7.63
C VAL B 53 -59.38 4.95 -9.12
N GLU B 54 -59.28 6.13 -9.71
CA GLU B 54 -58.95 6.28 -11.13
C GLU B 54 -57.54 6.83 -11.24
N THR B 55 -56.61 6.02 -11.72
CA THR B 55 -55.19 6.38 -11.80
C THR B 55 -54.80 6.51 -13.27
N THR B 56 -54.23 7.65 -13.64
CA THR B 56 -53.78 7.85 -15.00
C THR B 56 -52.39 7.25 -15.19
N THR B 57 -52.07 6.90 -16.43
CA THR B 57 -50.77 6.32 -16.73
C THR B 57 -49.72 7.42 -16.80
N PRO B 58 -48.43 7.07 -16.75
CA PRO B 58 -47.39 8.09 -16.86
C PRO B 58 -47.22 8.57 -18.30
N SER B 59 -47.26 9.89 -18.46
CA SER B 59 -47.15 10.53 -19.78
C SER B 59 -45.89 11.38 -19.78
N LYS B 60 -45.12 11.28 -20.86
CA LYS B 60 -43.80 11.91 -20.97
C LYS B 60 -43.96 13.42 -21.13
N GLN B 61 -43.35 14.17 -20.20
CA GLN B 61 -43.42 15.62 -20.20
C GLN B 61 -42.38 16.23 -21.14
N SER B 62 -42.29 17.57 -21.15
CA SER B 62 -41.33 18.26 -22.01
C SER B 62 -39.91 18.18 -21.44
N ASN B 63 -39.76 17.86 -20.16
CA ASN B 63 -38.46 17.76 -19.51
C ASN B 63 -37.89 16.35 -19.54
N ASN B 64 -38.50 15.44 -20.29
CA ASN B 64 -38.08 14.04 -20.41
C ASN B 64 -38.52 13.17 -19.24
N LYS B 65 -39.28 13.71 -18.29
CA LYS B 65 -39.82 12.94 -17.19
C LYS B 65 -41.26 12.52 -17.49
N TYR B 66 -41.78 11.59 -16.70
CA TYR B 66 -43.13 11.07 -16.88
C TYR B 66 -43.95 11.34 -15.63
N ALA B 67 -45.20 11.75 -15.83
CA ALA B 67 -46.09 12.12 -14.73
C ALA B 67 -47.44 11.45 -14.92
N ALA B 68 -48.02 11.04 -13.79
CA ALA B 68 -49.36 10.44 -13.77
C ALA B 68 -50.16 11.05 -12.64
N SER B 69 -51.47 10.90 -12.71
CA SER B 69 -52.36 11.44 -11.70
C SER B 69 -53.36 10.37 -11.28
N SER B 70 -53.76 10.41 -10.02
CA SER B 70 -54.75 9.50 -9.48
C SER B 70 -55.77 10.26 -8.66
N TYR B 71 -57.00 9.78 -8.68
CA TYR B 71 -58.10 10.36 -7.91
C TYR B 71 -58.78 9.25 -7.15
N LEU B 72 -58.76 9.35 -5.82
CA LEU B 72 -59.44 8.41 -4.93
C LEU B 72 -60.78 9.05 -4.58
N SER B 73 -61.87 8.34 -4.88
CA SER B 73 -63.21 8.87 -4.66
C SER B 73 -63.70 8.46 -3.28
N LEU B 74 -64.31 9.40 -2.57
CA LEU B 74 -64.94 9.18 -1.29
C LEU B 74 -66.06 10.19 -1.12
N THR B 75 -66.51 10.35 0.12
CA THR B 75 -67.56 11.31 0.41
C THR B 75 -67.07 12.29 1.47
N PRO B 76 -67.89 13.27 1.83
CA PRO B 76 -67.61 14.08 3.03
C PRO B 76 -67.60 13.28 4.32
N GLU B 77 -68.42 12.24 4.41
CA GLU B 77 -68.37 11.33 5.54
C GLU B 77 -67.14 10.44 5.47
N GLN B 78 -66.63 10.18 4.26
CA GLN B 78 -65.41 9.41 4.11
C GLN B 78 -64.19 10.20 4.55
N TRP B 79 -64.17 11.50 4.26
CA TRP B 79 -63.07 12.34 4.72
C TRP B 79 -63.19 12.67 6.20
N LYS B 80 -64.42 12.83 6.70
CA LYS B 80 -64.60 13.22 8.09
C LYS B 80 -64.71 12.03 9.03
N SER B 81 -64.74 10.81 8.49
CA SER B 81 -64.83 9.61 9.33
C SER B 81 -63.56 8.78 9.32
N HIS B 82 -62.89 8.67 8.18
CA HIS B 82 -61.62 7.96 8.07
C HIS B 82 -60.55 8.81 8.72
N ARG B 83 -59.75 8.20 9.59
CA ARG B 83 -58.71 8.94 10.31
C ARG B 83 -57.52 9.28 9.43
N SER B 84 -57.32 8.56 8.33
CA SER B 84 -56.20 8.83 7.44
C SER B 84 -56.57 8.38 6.03
N TYR B 85 -55.80 8.88 5.07
CA TYR B 85 -55.94 8.50 3.67
C TYR B 85 -54.56 8.50 3.05
N SER B 86 -54.11 7.34 2.58
CA SER B 86 -52.74 7.16 2.12
C SER B 86 -52.72 6.85 0.64
N CYS B 87 -51.76 7.44 -0.06
CA CYS B 87 -51.52 7.19 -1.48
C CYS B 87 -50.05 6.89 -1.67
N GLN B 88 -49.75 5.75 -2.29
CA GLN B 88 -48.38 5.30 -2.50
C GLN B 88 -48.12 5.10 -3.99
N VAL B 89 -46.97 5.60 -4.44
CA VAL B 89 -46.51 5.44 -5.81
C VAL B 89 -45.26 4.57 -5.77
N THR B 90 -45.31 3.43 -6.46
CA THR B 90 -44.19 2.51 -6.50
C THR B 90 -43.49 2.60 -7.86
N HIS B 91 -42.21 2.95 -7.83
CA HIS B 91 -41.40 3.06 -9.03
C HIS B 91 -40.02 2.51 -8.73
N GLU B 92 -39.59 1.53 -9.51
CA GLU B 92 -38.24 0.96 -9.46
C GLU B 92 -37.97 0.20 -8.16
N GLY B 93 -39.05 -0.28 -7.54
CA GLY B 93 -39.00 -0.89 -6.24
C GLY B 93 -39.17 0.08 -5.09
N SER B 94 -39.03 1.38 -5.34
CA SER B 94 -39.19 2.37 -4.28
C SER B 94 -40.66 2.76 -4.14
N THR B 95 -41.01 3.22 -2.94
CA THR B 95 -42.38 3.62 -2.66
C THR B 95 -42.38 5.00 -2.03
N VAL B 96 -43.15 5.91 -2.61
CA VAL B 96 -43.33 7.26 -2.07
C VAL B 96 -44.79 7.37 -1.62
N GLU B 97 -45.00 7.61 -0.34
CA GLU B 97 -46.32 7.59 0.26
C GLU B 97 -46.64 8.94 0.88
N LYS B 98 -47.89 9.38 0.66
CA LYS B 98 -48.40 10.62 1.25
C LYS B 98 -49.70 10.31 1.97
N THR B 99 -49.81 10.79 3.21
CA THR B 99 -50.98 10.55 4.05
C THR B 99 -51.61 11.88 4.44
N VAL B 100 -52.94 11.94 4.35
CA VAL B 100 -53.70 13.13 4.69
C VAL B 100 -54.88 12.73 5.56
N ALA B 101 -55.12 13.50 6.63
CA ALA B 101 -56.21 13.22 7.56
C ALA B 101 -57.26 14.31 7.43
N PRO B 102 -58.53 13.99 7.69
CA PRO B 102 -59.58 15.00 7.54
C PRO B 102 -59.70 15.94 8.72
N THR B 103 -59.17 15.59 9.89
CA THR B 103 -59.24 16.43 11.07
C THR B 103 -57.92 17.10 11.43
N GLU B 104 -56.93 17.04 10.54
CA GLU B 104 -55.62 17.62 10.84
C GLU B 104 -55.25 18.77 9.92
N CYS B 105 -55.97 18.95 8.80
CA CYS B 105 -55.68 19.99 7.83
C CYS B 105 -56.89 20.93 7.74
N SER B 106 -57.45 21.26 8.90
CA SER B 106 -58.61 22.15 8.96
C SER B 106 -58.18 23.61 8.94
N GLN C 1 -22.89 -18.78 0.06
CA GLN C 1 -22.64 -17.35 0.27
C GLN C 1 -22.85 -16.97 1.74
N VAL C 2 -22.00 -16.07 2.23
CA VAL C 2 -22.12 -15.61 3.61
C VAL C 2 -23.24 -14.59 3.71
N GLN C 3 -24.16 -14.83 4.65
CA GLN C 3 -25.31 -13.97 4.84
C GLN C 3 -25.45 -13.63 6.31
N LEU C 4 -25.89 -12.40 6.58
CA LEU C 4 -26.09 -11.91 7.94
C LEU C 4 -27.56 -11.55 8.11
N GLN C 5 -28.13 -11.92 9.25
CA GLN C 5 -29.53 -11.66 9.54
C GLN C 5 -29.64 -11.05 10.93
N GLU C 6 -29.97 -9.77 10.99
CA GLU C 6 -30.18 -9.11 12.28
C GLU C 6 -31.63 -9.26 12.71
N SER C 7 -31.81 -9.61 13.98
CA SER C 7 -33.14 -9.83 14.54
C SER C 7 -33.12 -9.41 16.00
N GLY C 8 -34.31 -9.27 16.59
CA GLY C 8 -34.41 -8.90 17.97
C GLY C 8 -35.69 -8.12 18.27
N PRO C 9 -35.74 -7.48 19.43
CA PRO C 9 -36.90 -6.64 19.78
C PRO C 9 -36.84 -5.32 19.04
N GLY C 10 -37.71 -5.16 18.04
CA GLY C 10 -37.72 -3.94 17.26
C GLY C 10 -38.37 -2.77 17.98
N LEU C 11 -39.19 -3.05 18.98
CA LEU C 11 -39.84 -2.02 19.80
C LEU C 11 -39.25 -2.09 21.20
N VAL C 12 -38.71 -0.96 21.67
CA VAL C 12 -38.09 -0.90 22.98
C VAL C 12 -38.62 0.34 23.71
N LYS C 13 -38.54 0.28 25.03
CA LYS C 13 -38.95 1.36 25.94
C LYS C 13 -37.81 2.35 26.12
N PRO C 14 -38.12 3.56 26.57
CA PRO C 14 -37.06 4.53 26.86
C PRO C 14 -36.30 4.16 28.12
N SER C 15 -34.97 4.26 28.05
CA SER C 15 -34.10 3.84 29.15
C SER C 15 -33.85 2.34 29.17
N GLN C 16 -34.38 1.61 28.19
CA GLN C 16 -34.20 0.17 28.13
C GLN C 16 -32.90 -0.16 27.40
N THR C 17 -32.61 -1.45 27.26
CA THR C 17 -31.41 -1.93 26.60
C THR C 17 -31.82 -2.84 25.45
N LEU C 18 -31.70 -2.34 24.22
CA LEU C 18 -32.02 -3.15 23.05
C LEU C 18 -30.89 -4.14 22.79
N SER C 19 -31.27 -5.35 22.35
CA SER C 19 -30.31 -6.41 22.08
C SER C 19 -30.64 -7.00 20.73
N LEU C 20 -29.80 -6.72 19.73
CA LEU C 20 -29.96 -7.26 18.39
C LEU C 20 -28.94 -8.36 18.16
N THR C 21 -29.40 -9.49 17.63
CA THR C 21 -28.54 -10.62 17.34
C THR C 21 -28.44 -10.79 15.83
N CYS C 22 -27.21 -10.83 15.34
CA CYS C 22 -26.92 -11.06 13.93
C CYS C 22 -26.47 -12.50 13.78
N ALA C 23 -27.31 -13.31 13.16
CA ALA C 23 -26.95 -14.68 12.83
C ALA C 23 -26.21 -14.71 11.49
N VAL C 24 -25.26 -15.63 11.38
CA VAL C 24 -24.39 -15.73 10.21
C VAL C 24 -24.58 -17.09 9.56
N SER C 25 -24.71 -17.10 8.24
CA SER C 25 -24.78 -18.32 7.46
C SER C 25 -23.61 -18.34 6.48
N GLY C 26 -22.99 -19.51 6.37
CA GLY C 26 -21.82 -19.66 5.53
C GLY C 26 -20.51 -19.23 6.17
N GLY C 27 -20.48 -19.06 7.49
CA GLY C 27 -19.27 -18.64 8.17
C GLY C 27 -19.45 -18.63 9.66
N SER C 28 -18.39 -18.24 10.36
CA SER C 28 -18.36 -18.20 11.81
C SER C 28 -17.60 -16.97 12.27
N ILE C 29 -17.58 -16.74 13.58
CA ILE C 29 -16.89 -15.57 14.12
C ILE C 29 -15.39 -15.75 14.14
N SER C 30 -14.92 -17.01 14.10
CA SER C 30 -13.49 -17.30 14.15
C SER C 30 -12.84 -17.40 12.78
N SER C 31 -13.41 -16.76 11.75
CA SER C 31 -12.94 -16.91 10.38
C SER C 31 -11.63 -16.14 10.18
N GLY C 32 -10.97 -16.40 9.05
CA GLY C 32 -9.70 -15.76 8.77
C GLY C 32 -9.82 -14.39 8.15
N ASP C 33 -11.02 -13.99 7.77
CA ASP C 33 -11.25 -12.67 7.19
C ASP C 33 -12.54 -12.08 7.74
N SER C 34 -12.74 -12.19 9.05
CA SER C 34 -14.02 -11.80 9.64
C SER C 34 -13.79 -10.75 10.72
N TYR C 35 -14.60 -9.70 10.65
CA TYR C 35 -14.68 -8.67 11.67
C TYR C 35 -16.08 -8.08 11.64
N TRP C 36 -16.95 -8.59 12.51
CA TRP C 36 -18.39 -8.34 12.42
C TRP C 36 -18.68 -6.96 13.01
N SER C 37 -19.20 -6.06 12.17
CA SER C 37 -19.42 -4.68 12.57
C SER C 37 -20.91 -4.40 12.57
N TRP C 38 -21.40 -3.79 13.65
CA TRP C 38 -22.79 -3.34 13.73
C TRP C 38 -22.83 -1.84 13.49
N ILE C 39 -23.79 -1.42 12.67
CA ILE C 39 -23.89 -0.02 12.28
C ILE C 39 -25.31 0.48 12.54
N ARG C 40 -25.42 1.58 13.29
CA ARG C 40 -26.71 2.22 13.54
C ARG C 40 -27.13 3.02 12.31
N GLN C 41 -28.36 2.79 11.86
CA GLN C 41 -28.90 3.47 10.68
C GLN C 41 -30.26 4.04 11.08
N HIS C 42 -30.24 5.26 11.61
CA HIS C 42 -31.47 5.91 12.03
C HIS C 42 -32.24 6.41 10.81
N PRO C 43 -33.56 6.57 10.92
CA PRO C 43 -34.31 7.12 9.79
C PRO C 43 -34.08 8.62 9.65
N GLY C 44 -33.87 9.06 8.42
CA GLY C 44 -33.52 10.46 8.17
C GLY C 44 -32.06 10.76 8.33
N LYS C 45 -31.22 9.76 8.58
CA LYS C 45 -29.79 9.93 8.75
C LYS C 45 -29.05 8.77 8.09
N GLY C 46 -27.77 8.99 7.83
CA GLY C 46 -26.95 7.95 7.23
C GLY C 46 -26.55 6.89 8.22
N LEU C 47 -25.93 5.83 7.69
CA LEU C 47 -25.46 4.74 8.54
C LEU C 47 -24.22 5.16 9.31
N GLU C 48 -24.24 4.91 10.61
CA GLU C 48 -23.13 5.24 11.49
C GLU C 48 -22.73 3.97 12.23
N TRP C 49 -21.44 3.66 12.22
CA TRP C 49 -20.97 2.41 12.81
C TRP C 49 -20.96 2.51 14.34
N ILE C 50 -21.61 1.54 14.98
CA ILE C 50 -21.63 1.46 16.44
C ILE C 50 -21.14 0.07 16.86
N GLY C 51 -19.84 -0.06 17.07
CA GLY C 51 -19.25 -1.31 17.49
C GLY C 51 -18.83 -2.17 16.31
N SER C 52 -17.64 -2.78 16.45
CA SER C 52 -17.15 -3.71 15.45
C SER C 52 -16.27 -4.77 16.09
N ILE C 53 -16.87 -5.91 16.43
CA ILE C 53 -16.11 -6.95 17.13
C ILE C 53 -15.28 -7.76 16.14
N TYR C 54 -14.21 -8.35 16.65
CA TYR C 54 -13.25 -9.09 15.84
C TYR C 54 -13.36 -10.59 16.11
N TYR C 55 -12.40 -11.34 15.57
CA TYR C 55 -12.37 -12.79 15.79
C TYR C 55 -11.96 -13.14 17.20
N SER C 56 -11.21 -12.27 17.88
CA SER C 56 -10.83 -12.49 19.26
C SER C 56 -11.93 -12.14 20.26
N GLY C 57 -13.01 -11.51 19.80
CA GLY C 57 -14.12 -11.15 20.66
C GLY C 57 -14.22 -9.68 21.01
N SER C 58 -13.11 -9.01 21.28
CA SER C 58 -13.13 -7.57 21.52
C SER C 58 -12.96 -6.83 20.20
N THR C 59 -13.32 -5.55 20.20
CA THR C 59 -13.18 -4.72 19.01
C THR C 59 -13.31 -3.26 19.39
N TYR C 60 -13.24 -2.38 18.39
CA TYR C 60 -13.32 -0.94 18.58
C TYR C 60 -14.66 -0.43 18.05
N TYR C 61 -15.22 0.56 18.75
CA TYR C 61 -16.51 1.14 18.38
C TYR C 61 -16.38 2.66 18.30
N ASN C 62 -17.49 3.31 17.94
CA ASN C 62 -17.54 4.77 17.86
C ASN C 62 -17.50 5.37 19.25
N PRO C 63 -16.93 6.56 19.43
CA PRO C 63 -16.86 7.15 20.78
C PRO C 63 -18.18 7.75 21.25
N SER C 64 -19.08 8.10 20.33
CA SER C 64 -20.37 8.65 20.73
C SER C 64 -21.27 7.56 21.31
N LEU C 65 -21.17 6.35 20.77
CA LEU C 65 -21.86 5.20 21.32
C LEU C 65 -21.01 4.36 22.26
N LYS C 66 -19.86 4.89 22.70
CA LYS C 66 -18.96 4.19 23.61
C LYS C 66 -19.56 4.04 25.00
N SER C 67 -20.34 5.01 25.43
CA SER C 67 -20.95 4.96 26.75
C SER C 67 -22.18 4.08 26.82
N ARG C 68 -22.73 3.59 25.71
CA ARG C 68 -23.93 2.77 25.75
C ARG C 68 -23.89 1.52 24.88
N VAL C 69 -22.93 1.39 23.97
CA VAL C 69 -22.92 0.30 23.00
C VAL C 69 -21.97 -0.80 23.46
N THR C 70 -22.32 -2.04 23.12
CA THR C 70 -21.50 -3.19 23.41
C THR C 70 -21.56 -4.12 22.21
N ILE C 71 -20.43 -4.74 21.87
CA ILE C 71 -20.35 -5.63 20.72
C ILE C 71 -20.11 -7.06 21.20
N PRO C 72 -21.15 -7.75 21.66
CA PRO C 72 -20.98 -9.14 22.09
C PRO C 72 -20.84 -10.07 20.90
N ILE C 73 -20.17 -11.19 21.12
CA ILE C 73 -19.96 -12.22 20.10
C ILE C 73 -20.16 -13.58 20.74
N ASP C 74 -20.84 -14.47 20.01
CA ASP C 74 -21.06 -15.85 20.45
C ASP C 74 -20.12 -16.72 19.64
N THR C 75 -19.06 -17.22 20.29
CA THR C 75 -18.07 -18.04 19.60
C THR C 75 -18.61 -19.43 19.31
N SER C 76 -19.34 -20.01 20.25
CA SER C 76 -19.92 -21.33 20.05
C SER C 76 -21.15 -21.31 19.14
N LYS C 77 -21.90 -20.21 19.11
CA LYS C 77 -23.09 -20.10 18.29
C LYS C 77 -22.83 -19.51 16.91
N ASN C 78 -21.72 -18.80 16.73
CA ASN C 78 -21.40 -18.18 15.45
C ASN C 78 -22.34 -17.00 15.14
N GLN C 79 -22.61 -16.18 16.16
CA GLN C 79 -23.48 -15.03 16.03
C GLN C 79 -22.85 -13.83 16.70
N PHE C 80 -23.32 -12.65 16.32
CA PHE C 80 -22.82 -11.39 16.86
C PHE C 80 -23.96 -10.68 17.58
N SER C 81 -23.59 -9.78 18.49
CA SER C 81 -24.59 -9.08 19.29
C SER C 81 -24.28 -7.58 19.31
N LEU C 82 -25.35 -6.79 19.22
CA LEU C 82 -25.29 -5.34 19.40
C LEU C 82 -26.24 -4.97 20.53
N LYS C 83 -25.68 -4.45 21.62
CA LYS C 83 -26.44 -4.13 22.81
C LYS C 83 -26.40 -2.63 23.04
N LEU C 84 -27.50 -2.07 23.53
CA LEU C 84 -27.63 -0.63 23.78
C LEU C 84 -28.38 -0.47 25.10
N SER C 85 -27.63 -0.24 26.18
CA SER C 85 -28.23 0.00 27.49
C SER C 85 -28.51 1.49 27.68
N SER C 86 -29.65 1.77 28.28
CA SER C 86 -30.16 3.14 28.46
C SER C 86 -30.45 3.81 27.13
N VAL C 87 -31.30 3.15 26.33
CA VAL C 87 -31.61 3.66 25.00
C VAL C 87 -32.58 4.83 25.08
N THR C 88 -32.68 5.56 23.98
CA THR C 88 -33.56 6.71 23.88
C THR C 88 -34.19 6.74 22.49
N ALA C 89 -34.76 7.90 22.14
CA ALA C 89 -35.35 8.07 20.81
C ALA C 89 -34.28 8.14 19.73
N ALA C 90 -33.12 8.71 20.06
CA ALA C 90 -32.01 8.81 19.12
C ALA C 90 -31.29 7.49 18.89
N ASP C 91 -31.46 6.49 19.75
CA ASP C 91 -30.79 5.20 19.60
C ASP C 91 -31.58 4.22 18.74
N THR C 92 -32.81 4.55 18.37
CA THR C 92 -33.61 3.66 17.54
C THR C 92 -33.24 3.83 16.07
N ALA C 93 -32.84 2.74 15.42
CA ALA C 93 -32.41 2.79 14.03
C ALA C 93 -32.19 1.38 13.54
N VAL C 94 -31.81 1.26 12.27
CA VAL C 94 -31.47 -0.01 11.65
C VAL C 94 -30.17 -0.52 12.25
N TYR C 95 -30.12 -1.81 12.59
CA TYR C 95 -29.01 -2.39 13.33
C TYR C 95 -28.40 -3.60 12.64
N TYR C 96 -28.04 -3.48 11.36
CA TYR C 96 -27.43 -4.56 10.59
C TYR C 96 -26.04 -4.94 11.11
N CYS C 97 -25.68 -6.21 10.96
CA CYS C 97 -24.48 -6.78 11.57
C CYS C 97 -23.49 -7.35 10.56
N ALA C 98 -23.07 -6.56 9.56
CA ALA C 98 -22.22 -7.01 8.47
C ALA C 98 -20.81 -7.41 8.91
N ARG C 99 -20.11 -8.18 8.06
CA ARG C 99 -18.88 -8.86 8.43
C ARG C 99 -17.60 -8.09 8.13
N HIS C 100 -17.71 -6.85 7.66
CA HIS C 100 -16.57 -5.93 7.57
C HIS C 100 -15.53 -6.27 6.50
N VAL C 101 -14.50 -5.43 6.41
CA VAL C 101 -13.42 -5.57 5.43
C VAL C 101 -12.38 -6.56 5.91
N GLY C 102 -11.44 -6.93 5.04
CA GLY C 102 -10.44 -7.94 5.32
C GLY C 102 -9.25 -7.43 6.13
N ASP C 103 -8.09 -8.02 5.86
CA ASP C 103 -6.90 -7.87 6.69
C ASP C 103 -6.22 -6.51 6.58
N LEU C 104 -5.91 -6.06 5.36
CA LEU C 104 -5.16 -4.82 5.18
C LEU C 104 -6.09 -3.62 5.14
N ARG C 105 -7.39 -3.85 5.19
CA ARG C 105 -8.38 -2.78 5.20
C ARG C 105 -8.40 -2.15 6.58
N VAL C 106 -7.51 -1.18 6.79
CA VAL C 106 -7.54 -0.40 8.02
C VAL C 106 -8.79 0.48 8.06
N ASN C 107 -9.20 1.02 6.92
CA ASN C 107 -10.51 1.63 6.79
C ASN C 107 -11.56 0.54 6.61
N ASP C 108 -12.82 0.90 6.82
CA ASP C 108 -13.90 -0.06 6.76
C ASP C 108 -14.24 -0.40 5.31
N ALA C 109 -14.78 -1.60 5.12
CA ALA C 109 -15.23 -2.05 3.80
C ALA C 109 -16.45 -2.92 4.01
N PHE C 110 -17.64 -2.30 3.92
CA PHE C 110 -18.90 -3.00 4.17
C PHE C 110 -19.34 -3.70 2.89
N ASP C 111 -18.67 -4.82 2.59
CA ASP C 111 -19.03 -5.60 1.41
C ASP C 111 -20.30 -6.41 1.61
N ILE C 112 -20.50 -6.95 2.80
CA ILE C 112 -21.67 -7.75 3.13
C ILE C 112 -22.46 -7.01 4.21
N TRP C 113 -23.78 -6.96 4.04
CA TRP C 113 -24.67 -6.29 4.98
C TRP C 113 -25.51 -7.31 5.71
N GLY C 114 -25.99 -6.92 6.90
CA GLY C 114 -26.83 -7.77 7.71
C GLY C 114 -28.29 -7.73 7.30
N GLN C 115 -29.13 -8.30 8.16
CA GLN C 115 -30.57 -8.32 7.90
C GLN C 115 -31.23 -6.97 8.10
N GLY C 116 -30.59 -6.05 8.82
CA GLY C 116 -31.13 -4.73 9.04
C GLY C 116 -32.28 -4.69 10.02
N THR C 117 -32.01 -5.03 11.27
CA THR C 117 -33.03 -5.00 12.31
C THR C 117 -33.28 -3.56 12.74
N MET C 118 -34.42 -3.02 12.33
CA MET C 118 -34.78 -1.65 12.69
C MET C 118 -35.20 -1.59 14.16
N VAL C 119 -34.79 -0.52 14.82
CA VAL C 119 -35.04 -0.33 16.25
C VAL C 119 -35.98 0.86 16.41
N THR C 120 -36.94 0.71 17.33
CA THR C 120 -37.85 1.79 17.71
C THR C 120 -37.81 1.95 19.21
N VAL C 121 -37.53 3.15 19.66
CA VAL C 121 -37.38 3.46 21.09
C VAL C 121 -38.44 4.50 21.43
N SER C 122 -39.55 4.04 22.00
CA SER C 122 -40.65 4.92 22.40
C SER C 122 -41.16 4.48 23.76
N SER C 123 -41.72 5.42 24.50
CA SER C 123 -42.27 5.13 25.83
C SER C 123 -43.75 4.78 25.74
N GLN D 1 -20.05 15.19 12.80
CA GLN D 1 -19.42 15.57 11.53
C GLN D 1 -19.35 14.39 10.58
N SER D 2 -19.95 13.27 10.97
CA SER D 2 -19.96 12.07 10.15
C SER D 2 -21.12 12.10 9.17
N VAL D 3 -21.05 12.99 8.18
CA VAL D 3 -22.09 13.13 7.17
C VAL D 3 -21.43 13.15 5.80
N LEU D 4 -21.94 12.34 4.88
CA LEU D 4 -21.49 12.34 3.49
C LEU D 4 -22.61 12.90 2.63
N THR D 5 -22.35 14.02 1.97
CA THR D 5 -23.37 14.68 1.17
C THR D 5 -23.56 13.98 -0.16
N GLN D 6 -24.65 13.25 -0.28
CA GLN D 6 -24.96 12.49 -1.47
C GLN D 6 -26.26 12.99 -2.09
N PRO D 7 -26.44 12.80 -3.40
CA PRO D 7 -27.68 13.22 -4.05
C PRO D 7 -28.81 12.26 -3.72
N PRO D 8 -29.82 12.71 -2.98
CA PRO D 8 -30.87 11.79 -2.51
C PRO D 8 -31.88 11.40 -3.57
N SER D 9 -31.94 12.11 -4.69
CA SER D 9 -32.91 11.79 -5.73
C SER D 9 -32.17 11.19 -6.92
N VAL D 10 -32.58 9.97 -7.28
CA VAL D 10 -32.00 9.25 -8.41
C VAL D 10 -33.13 8.71 -9.27
N SER D 11 -33.16 9.12 -10.53
CA SER D 11 -34.07 8.58 -11.52
C SER D 11 -33.26 7.72 -12.51
N ALA D 12 -33.87 7.07 -13.49
CA ALA D 12 -33.09 6.31 -14.46
C ALA D 12 -33.93 5.95 -15.68
N ALA D 13 -33.46 6.33 -16.87
CA ALA D 13 -34.11 5.95 -18.10
C ALA D 13 -33.82 4.49 -18.43
N PRO D 14 -34.56 3.89 -19.35
CA PRO D 14 -34.28 2.50 -19.75
C PRO D 14 -32.99 2.42 -20.57
N GLY D 15 -31.95 1.88 -19.93
CA GLY D 15 -30.62 1.95 -20.47
C GLY D 15 -29.88 3.22 -20.14
N GLN D 16 -30.46 4.11 -19.34
CA GLN D 16 -29.84 5.39 -19.03
C GLN D 16 -28.77 5.23 -17.97
N LYS D 17 -27.72 6.05 -18.09
CA LYS D 17 -26.64 6.08 -17.12
C LYS D 17 -26.89 7.21 -16.12
N VAL D 18 -27.04 6.83 -14.85
CA VAL D 18 -27.32 7.79 -13.78
C VAL D 18 -26.02 8.11 -13.07
N THR D 19 -25.94 9.30 -12.49
CA THR D 19 -24.75 9.73 -11.78
C THR D 19 -25.13 10.09 -10.35
N ILE D 20 -24.45 9.48 -9.39
CA ILE D 20 -24.62 9.80 -7.97
C ILE D 20 -23.29 10.30 -7.43
N SER D 21 -23.31 11.49 -6.84
CA SER D 21 -22.11 12.10 -6.28
C SER D 21 -22.24 12.17 -4.77
N CYS D 22 -21.37 11.45 -4.08
CA CYS D 22 -21.32 11.46 -2.61
C CYS D 22 -20.13 12.31 -2.20
N SER D 23 -20.39 13.46 -1.61
CA SER D 23 -19.36 14.42 -1.23
C SER D 23 -19.01 14.19 0.24
N GLY D 24 -17.72 14.04 0.51
CA GLY D 24 -17.25 13.86 1.87
C GLY D 24 -16.36 14.99 2.33
N SER D 25 -15.17 14.66 2.82
CA SER D 25 -14.21 15.66 3.26
C SER D 25 -12.82 15.22 2.85
N SER D 26 -11.82 16.04 3.20
CA SER D 26 -10.43 15.69 2.94
C SER D 26 -9.92 14.62 3.91
N SER D 27 -10.50 14.56 5.11
CA SER D 27 -10.06 13.59 6.11
C SER D 27 -10.58 12.19 5.83
N ASN D 28 -11.78 12.04 5.27
CA ASN D 28 -12.36 10.72 5.08
C ASN D 28 -12.49 10.35 3.61
N ILE D 29 -13.16 11.19 2.83
CA ILE D 29 -13.28 10.98 1.39
C ILE D 29 -11.94 11.25 0.71
N GLY D 30 -11.24 12.30 1.14
CA GLY D 30 -9.92 12.55 0.61
C GLY D 30 -8.85 11.67 1.23
N ASN D 31 -9.12 11.16 2.44
CA ASN D 31 -8.13 10.37 3.16
C ASN D 31 -8.01 8.96 2.58
N ASN D 32 -9.15 8.32 2.27
CA ASN D 32 -9.13 6.96 1.77
C ASN D 32 -10.13 6.77 0.64
N PHE D 33 -10.36 5.52 0.24
CA PHE D 33 -11.33 5.21 -0.81
C PHE D 33 -12.63 4.81 -0.16
N VAL D 34 -13.75 5.28 -0.69
CA VAL D 34 -15.07 5.03 -0.13
C VAL D 34 -15.85 4.14 -1.09
N SER D 35 -16.57 3.18 -0.53
CA SER D 35 -17.43 2.28 -1.30
C SER D 35 -18.88 2.76 -1.20
N TRP D 36 -19.80 1.94 -1.67
CA TRP D 36 -21.22 2.24 -1.57
C TRP D 36 -21.98 1.02 -1.05
N TYR D 37 -23.10 1.30 -0.39
CA TYR D 37 -24.02 0.28 0.07
C TYR D 37 -25.31 0.46 -0.71
N GLN D 38 -25.69 -0.57 -1.45
CA GLN D 38 -26.93 -0.60 -2.20
C GLN D 38 -27.94 -1.43 -1.43
N ARG D 39 -28.98 -0.78 -0.92
CA ARG D 39 -30.00 -1.43 -0.11
C ARG D 39 -31.33 -1.46 -0.85
N LEU D 40 -32.06 -2.56 -0.63
CA LEU D 40 -33.41 -2.70 -1.14
C LEU D 40 -34.40 -2.11 -0.13
N PRO D 41 -35.69 -2.13 -0.44
CA PRO D 41 -36.69 -1.69 0.56
C PRO D 41 -36.80 -2.61 1.77
N GLY D 42 -36.52 -3.89 1.59
CA GLY D 42 -36.52 -4.83 2.71
C GLY D 42 -35.17 -5.47 2.95
N THR D 43 -34.11 -4.86 2.42
CA THR D 43 -32.77 -5.41 2.52
C THR D 43 -31.81 -4.31 2.94
N PRO D 44 -30.71 -4.66 3.59
CA PRO D 44 -29.72 -3.66 4.00
C PRO D 44 -28.75 -3.39 2.85
N PRO D 45 -27.77 -2.50 3.06
CA PRO D 45 -26.86 -2.15 1.97
C PRO D 45 -25.82 -3.25 1.72
N LYS D 46 -25.60 -3.52 0.44
CA LYS D 46 -24.62 -4.50 -0.01
C LYS D 46 -23.48 -3.73 -0.67
N LEU D 47 -22.28 -4.32 -0.67
CA LEU D 47 -21.10 -3.60 -1.09
C LEU D 47 -21.04 -3.45 -2.61
N LEU D 48 -20.82 -2.23 -3.06
CA LEU D 48 -20.58 -1.92 -4.47
C LEU D 48 -19.41 -0.94 -4.50
N ILE D 49 -18.30 -1.35 -5.11
CA ILE D 49 -17.10 -0.53 -5.15
C ILE D 49 -16.28 -0.67 -3.87
N TYR D 50 -14.97 -0.74 -4.00
CA TYR D 50 -14.07 -0.79 -2.85
C TYR D 50 -12.81 -0.04 -3.21
N ASP D 51 -12.49 0.97 -2.40
CA ASP D 51 -11.39 1.90 -2.68
C ASP D 51 -11.76 2.94 -3.73
N SER D 52 -13.06 3.05 -4.03
CA SER D 52 -13.58 4.01 -5.00
C SER D 52 -13.39 3.62 -6.47
N ASP D 53 -12.72 2.50 -6.74
CA ASP D 53 -12.53 2.07 -8.11
C ASP D 53 -12.84 0.59 -8.32
N LYS D 54 -12.55 -0.24 -7.31
CA LYS D 54 -12.63 -1.69 -7.46
C LYS D 54 -14.00 -2.19 -7.04
N ARG D 55 -14.81 -2.57 -8.03
CA ARG D 55 -16.17 -3.07 -7.84
C ARG D 55 -16.14 -4.42 -7.17
N PRO D 56 -17.16 -4.76 -6.38
CA PRO D 56 -17.16 -6.06 -5.69
C PRO D 56 -17.53 -7.20 -6.64
N SER D 57 -17.28 -8.42 -6.18
CA SER D 57 -17.62 -9.60 -6.95
C SER D 57 -19.13 -9.80 -7.00
N GLY D 58 -19.65 -10.04 -8.20
CA GLY D 58 -21.07 -10.16 -8.42
C GLY D 58 -21.78 -8.84 -8.71
N ILE D 59 -21.06 -7.72 -8.62
CA ILE D 59 -21.63 -6.40 -8.91
C ILE D 59 -21.74 -6.26 -10.41
N PRO D 60 -22.66 -5.44 -10.92
CA PRO D 60 -22.80 -5.29 -12.38
C PRO D 60 -21.66 -4.45 -12.96
N ASP D 61 -21.40 -4.66 -14.26
CA ASP D 61 -20.37 -3.90 -14.95
C ASP D 61 -20.83 -2.48 -15.27
N ARG D 62 -22.15 -2.25 -15.26
CA ARG D 62 -22.66 -0.90 -15.49
C ARG D 62 -22.41 0.02 -14.31
N PHE D 63 -22.29 -0.54 -13.11
CA PHE D 63 -21.90 0.22 -11.93
C PHE D 63 -20.41 0.52 -12.04
N SER D 64 -20.07 1.80 -12.04
CA SER D 64 -18.68 2.24 -12.24
C SER D 64 -18.37 3.25 -11.16
N GLY D 65 -17.31 3.00 -10.39
CA GLY D 65 -16.90 3.92 -9.37
C GLY D 65 -15.79 4.85 -9.83
N SER D 66 -15.71 5.99 -9.14
CA SER D 66 -14.65 6.95 -9.39
C SER D 66 -14.43 7.76 -8.12
N LYS D 67 -13.21 8.24 -7.93
CA LYS D 67 -12.85 9.02 -6.77
C LYS D 67 -12.07 10.25 -7.21
N SER D 68 -12.51 11.41 -6.72
CA SER D 68 -11.84 12.68 -7.03
C SER D 68 -11.94 13.55 -5.77
N GLY D 69 -10.81 13.73 -5.08
CA GLY D 69 -10.76 14.46 -3.83
C GLY D 69 -11.55 13.77 -2.73
N THR D 70 -12.48 14.51 -2.14
CA THR D 70 -13.43 13.93 -1.19
C THR D 70 -14.75 13.55 -1.86
N SER D 71 -14.79 13.44 -3.18
CA SER D 71 -16.04 13.17 -3.90
C SER D 71 -15.96 11.80 -4.54
N ALA D 72 -16.89 10.92 -4.18
CA ALA D 72 -17.05 9.65 -4.86
C ALA D 72 -18.17 9.76 -5.87
N THR D 73 -17.96 9.12 -7.03
CA THR D 73 -18.92 9.15 -8.11
C THR D 73 -19.30 7.73 -8.48
N LEU D 74 -20.60 7.48 -8.54
CA LEU D 74 -21.15 6.19 -8.91
C LEU D 74 -21.99 6.38 -10.16
N GLY D 75 -21.51 5.82 -11.26
CA GLY D 75 -22.25 5.83 -12.52
C GLY D 75 -22.95 4.51 -12.74
N ILE D 76 -24.19 4.59 -13.19
CA ILE D 76 -24.98 3.39 -13.52
C ILE D 76 -25.31 3.45 -15.00
N THR D 77 -24.47 2.82 -15.81
CA THR D 77 -24.69 2.74 -17.25
C THR D 77 -25.55 1.53 -17.58
N GLY D 78 -26.54 1.76 -18.44
CA GLY D 78 -27.54 0.73 -18.71
C GLY D 78 -28.45 0.46 -17.53
N LEU D 79 -28.86 1.53 -16.84
CA LEU D 79 -29.66 1.38 -15.62
C LEU D 79 -31.09 0.97 -15.96
N GLN D 80 -31.66 0.14 -15.09
CA GLN D 80 -33.01 -0.38 -15.26
C GLN D 80 -33.80 -0.13 -13.98
N THR D 81 -34.96 -0.79 -13.89
CA THR D 81 -35.75 -0.77 -12.66
C THR D 81 -35.06 -1.53 -11.53
N GLY D 82 -34.23 -2.53 -11.87
CA GLY D 82 -33.44 -3.24 -10.89
C GLY D 82 -32.26 -2.46 -10.34
N ASP D 83 -31.87 -1.36 -10.98
CA ASP D 83 -30.86 -0.46 -10.43
C ASP D 83 -31.44 0.50 -9.39
N GLU D 84 -32.75 0.54 -9.24
CA GLU D 84 -33.39 1.39 -8.23
C GLU D 84 -33.18 0.80 -6.84
N GLY D 85 -32.93 1.67 -5.87
CA GLY D 85 -32.73 1.25 -4.50
C GLY D 85 -32.29 2.42 -3.66
N ASP D 86 -31.43 2.12 -2.69
CA ASP D 86 -30.79 3.14 -1.85
C ASP D 86 -29.29 2.92 -1.93
N TYR D 87 -28.64 3.68 -2.80
CA TYR D 87 -27.19 3.63 -2.98
C TYR D 87 -26.56 4.76 -2.19
N TYR D 88 -25.97 4.43 -1.04
CA TYR D 88 -25.39 5.42 -0.14
C TYR D 88 -23.89 5.19 -0.07
N CYS D 89 -23.12 6.26 -0.27
CA CYS D 89 -21.66 6.16 -0.17
C CYS D 89 -21.23 5.99 1.29
N GLY D 90 -20.01 5.51 1.47
CA GLY D 90 -19.49 5.30 2.81
C GLY D 90 -17.98 5.23 2.77
N THR D 91 -17.34 5.78 3.81
CA THR D 91 -15.89 5.80 3.87
C THR D 91 -15.44 5.93 5.31
N TRP D 92 -14.20 5.54 5.56
CA TRP D 92 -13.63 5.67 6.89
C TRP D 92 -12.95 7.04 7.03
N ASP D 93 -13.18 7.66 8.19
CA ASP D 93 -12.69 9.02 8.46
C ASP D 93 -11.40 8.92 9.27
N ARG D 94 -10.37 9.61 8.81
CA ARG D 94 -9.11 9.68 9.56
C ARG D 94 -9.26 10.53 10.81
N SER D 95 -10.02 11.63 10.70
CA SER D 95 -10.28 12.46 11.87
C SER D 95 -11.32 11.80 12.79
N LEU D 96 -12.32 11.15 12.20
CA LEU D 96 -13.37 10.51 12.99
C LEU D 96 -12.92 9.20 13.62
N SER D 97 -12.07 8.42 12.94
CA SER D 97 -11.60 7.15 13.48
C SER D 97 -12.63 6.04 13.34
N VAL D 98 -13.67 6.27 12.53
CA VAL D 98 -14.72 5.29 12.32
C VAL D 98 -15.30 5.45 10.92
N VAL D 99 -15.93 4.39 10.43
CA VAL D 99 -16.56 4.44 9.11
C VAL D 99 -17.89 5.15 9.20
N VAL D 100 -18.15 6.05 8.27
CA VAL D 100 -19.38 6.83 8.20
C VAL D 100 -20.01 6.63 6.83
N PHE D 101 -21.33 6.42 6.82
CA PHE D 101 -22.10 6.28 5.60
C PHE D 101 -22.66 7.64 5.20
N GLY D 102 -22.89 7.81 3.89
CA GLY D 102 -23.35 9.07 3.37
C GLY D 102 -24.85 9.26 3.52
N GLY D 103 -25.34 10.32 2.86
CA GLY D 103 -26.74 10.70 2.92
C GLY D 103 -27.68 9.81 2.12
N GLY D 104 -27.16 8.96 1.25
CA GLY D 104 -27.99 8.05 0.49
C GLY D 104 -28.25 8.52 -0.92
N THR D 105 -28.78 7.61 -1.73
CA THR D 105 -29.16 7.92 -3.11
C THR D 105 -30.38 7.09 -3.45
N LYS D 106 -31.55 7.73 -3.45
CA LYS D 106 -32.82 7.05 -3.70
C LYS D 106 -32.98 6.84 -5.20
N LEU D 107 -32.39 5.76 -5.72
CA LEU D 107 -32.47 5.44 -7.13
C LEU D 107 -33.87 4.90 -7.44
N THR D 108 -34.48 5.40 -8.51
CA THR D 108 -35.81 4.99 -8.93
C THR D 108 -35.79 4.79 -10.44
N VAL D 109 -35.64 3.53 -10.87
CA VAL D 109 -35.62 3.21 -12.29
C VAL D 109 -37.09 3.11 -12.73
N LEU D 110 -37.62 4.23 -13.22
CA LEU D 110 -39.02 4.30 -13.64
C LEU D 110 -39.18 3.78 -15.07
N GLN E 1 38.15 20.78 21.99
CA GLN E 1 36.79 20.79 22.53
C GLN E 1 35.81 21.44 21.57
N VAL E 2 34.60 20.89 21.49
CA VAL E 2 33.58 21.45 20.61
C VAL E 2 32.96 22.67 21.27
N GLN E 3 32.95 23.79 20.53
CA GLN E 3 32.42 25.04 21.04
C GLN E 3 31.46 25.64 20.03
N LEU E 4 30.42 26.29 20.54
CA LEU E 4 29.40 26.93 19.71
C LEU E 4 29.38 28.42 20.03
N GLN E 5 29.28 29.24 18.99
CA GLN E 5 29.29 30.69 19.15
C GLN E 5 28.13 31.26 18.33
N GLU E 6 27.12 31.75 19.02
CA GLU E 6 26.00 32.40 18.36
C GLU E 6 26.28 33.88 18.18
N SER E 7 26.01 34.38 16.97
CA SER E 7 26.25 35.78 16.64
C SER E 7 25.19 36.23 15.65
N GLY E 8 25.09 37.54 15.45
CA GLY E 8 24.14 38.09 14.52
C GLY E 8 23.67 39.47 14.92
N PRO E 9 22.58 39.93 14.31
CA PRO E 9 22.01 41.24 14.68
C PRO E 9 21.24 41.13 15.99
N GLY E 10 21.81 41.69 17.05
CA GLY E 10 21.17 41.62 18.35
C GLY E 10 20.01 42.59 18.49
N LEU E 11 19.97 43.63 17.66
CA LEU E 11 18.88 44.60 17.66
C LEU E 11 18.10 44.44 16.36
N VAL E 12 16.80 44.20 16.47
CA VAL E 12 15.94 43.99 15.32
C VAL E 12 14.69 44.86 15.46
N LYS E 13 14.08 45.15 14.32
CA LYS E 13 12.85 45.93 14.22
C LYS E 13 11.64 45.03 14.39
N PRO E 14 10.48 45.60 14.73
CA PRO E 14 9.26 44.79 14.81
C PRO E 14 8.77 44.39 13.43
N SER E 15 8.39 43.11 13.31
CA SER E 15 7.98 42.55 12.02
C SER E 15 9.16 42.14 11.15
N GLN E 16 10.38 42.27 11.66
CA GLN E 16 11.57 41.91 10.92
C GLN E 16 11.87 40.42 11.12
N THR E 17 12.94 39.95 10.49
CA THR E 17 13.37 38.56 10.56
C THR E 17 14.79 38.50 11.10
N LEU E 18 14.93 38.10 12.37
CA LEU E 18 16.25 37.96 12.96
C LEU E 18 16.93 36.70 12.45
N SER E 19 18.23 36.78 12.23
CA SER E 19 19.01 35.66 11.71
C SER E 19 20.26 35.51 12.58
N LEU E 20 20.29 34.47 13.40
CA LEU E 20 21.43 34.17 14.25
C LEU E 20 22.20 32.99 13.67
N THR E 21 23.51 33.14 13.58
CA THR E 21 24.39 32.11 13.07
C THR E 21 25.23 31.56 14.21
N CYS E 22 25.20 30.24 14.37
CA CYS E 22 25.99 29.54 15.37
C CYS E 22 27.16 28.88 14.63
N ALA E 23 28.36 29.40 14.88
CA ALA E 23 29.58 28.80 14.36
C ALA E 23 30.06 27.72 15.31
N VAL E 24 30.65 26.66 14.74
CA VAL E 24 31.06 25.49 15.50
C VAL E 24 32.56 25.32 15.34
N SER E 25 33.24 25.05 16.45
CA SER E 25 34.66 24.76 16.46
C SER E 25 34.86 23.36 17.04
N GLY E 26 35.73 22.59 16.40
CA GLY E 26 35.95 21.22 16.80
C GLY E 26 34.96 20.22 16.28
N GLY E 27 34.18 20.58 15.26
CA GLY E 27 33.18 19.69 14.71
C GLY E 27 32.50 20.29 13.50
N SER E 28 31.57 19.52 12.95
CA SER E 28 30.82 19.92 11.77
C SER E 28 29.37 19.48 11.91
N ILE E 29 28.54 19.86 10.94
CA ILE E 29 27.13 19.51 11.00
C ILE E 29 26.89 18.05 10.61
N SER E 30 27.83 17.45 9.89
CA SER E 30 27.70 16.07 9.44
C SER E 30 28.28 15.05 10.40
N SER E 31 28.38 15.38 11.69
CA SER E 31 29.05 14.51 12.66
C SER E 31 28.18 13.31 13.01
N GLY E 32 28.77 12.33 13.68
CA GLY E 32 28.05 11.11 14.03
C GLY E 32 27.23 11.21 15.30
N ASP E 33 27.39 12.30 16.03
CA ASP E 33 26.63 12.51 17.26
C ASP E 33 26.18 13.98 17.35
N SER E 34 25.70 14.53 16.25
CA SER E 34 25.42 15.96 16.19
C SER E 34 23.95 16.18 15.83
N TYR E 35 23.31 17.07 16.59
CA TYR E 35 21.97 17.56 16.30
C TYR E 35 21.85 18.95 16.90
N TRP E 36 22.08 19.97 16.07
CA TRP E 36 22.28 21.34 16.53
C TRP E 36 20.92 21.95 16.83
N SER E 37 20.70 22.32 18.09
CA SER E 37 19.40 22.81 18.54
C SER E 37 19.55 24.26 18.96
N TRP E 38 18.64 25.10 18.48
CA TRP E 38 18.58 26.50 18.89
C TRP E 38 17.46 26.66 19.91
N ILE E 39 17.75 27.39 20.98
CA ILE E 39 16.78 27.55 22.07
C ILE E 39 16.60 29.03 22.38
N ARG E 40 15.35 29.49 22.36
CA ARG E 40 15.03 30.86 22.72
C ARG E 40 15.04 31.00 24.25
N GLN E 41 15.78 32.01 24.71
CA GLN E 41 15.92 32.28 26.15
C GLN E 41 15.59 33.75 26.37
N HIS E 42 14.30 34.04 26.58
CA HIS E 42 13.87 35.40 26.80
C HIS E 42 14.25 35.85 28.20
N PRO E 43 14.39 37.15 28.45
CA PRO E 43 14.66 37.62 29.81
C PRO E 43 13.42 37.54 30.68
N GLY E 44 13.60 37.04 31.90
CA GLY E 44 12.46 36.81 32.78
C GLY E 44 11.75 35.50 32.55
N LYS E 45 12.25 34.66 31.66
CA LYS E 45 11.66 33.37 31.36
C LYS E 45 12.76 32.34 31.15
N GLY E 46 12.38 31.07 31.25
CA GLY E 46 13.34 29.99 31.04
C GLY E 46 13.64 29.77 29.58
N LEU E 47 14.63 28.89 29.34
CA LEU E 47 15.02 28.55 27.99
C LEU E 47 13.97 27.65 27.35
N GLU E 48 13.55 28.00 26.13
CA GLU E 48 12.56 27.24 25.38
C GLU E 48 13.17 26.92 24.03
N TRP E 49 13.11 25.65 23.63
CA TRP E 49 13.74 25.22 22.39
C TRP E 49 12.93 25.67 21.19
N ILE E 50 13.59 26.34 20.26
CA ILE E 50 12.96 26.76 19.01
C ILE E 50 13.79 26.25 17.84
N GLY E 51 13.46 25.06 17.35
CA GLY E 51 14.16 24.47 16.24
C GLY E 51 15.35 23.62 16.68
N SER E 52 15.48 22.46 16.04
CA SER E 52 16.62 21.59 16.28
C SER E 52 16.97 20.81 15.02
N ILE E 53 17.92 21.34 14.23
CA ILE E 53 18.26 20.69 12.97
C ILE E 53 19.20 19.51 13.20
N TYR E 54 19.18 18.57 12.27
CA TYR E 54 19.95 17.34 12.38
C TYR E 54 21.09 17.34 11.38
N TYR E 55 21.74 16.18 11.25
CA TYR E 55 22.84 16.04 10.29
C TYR E 55 22.35 16.00 8.85
N SER E 56 21.09 15.59 8.64
CA SER E 56 20.51 15.60 7.30
C SER E 56 20.01 16.97 6.87
N GLY E 57 19.99 17.95 7.77
CA GLY E 57 19.55 19.29 7.45
C GLY E 57 18.18 19.66 7.96
N SER E 58 17.21 18.76 7.90
CA SER E 58 15.90 19.04 8.47
C SER E 58 15.87 18.58 9.92
N THR E 59 14.88 19.08 10.67
CA THR E 59 14.73 18.72 12.07
C THR E 59 13.36 19.12 12.56
N TYR E 60 13.09 18.88 13.84
CA TYR E 60 11.81 19.20 14.46
C TYR E 60 11.98 20.38 15.42
N TYR E 61 10.96 21.23 15.48
CA TYR E 61 10.97 22.42 16.32
C TYR E 61 9.71 22.46 17.17
N ASN E 62 9.62 23.49 18.01
CA ASN E 62 8.47 23.69 18.86
C ASN E 62 7.27 24.14 18.03
N PRO E 63 6.04 23.78 18.40
CA PRO E 63 4.88 24.19 17.59
C PRO E 63 4.48 25.63 17.76
N SER E 64 4.85 26.28 18.87
CA SER E 64 4.54 27.68 19.07
C SER E 64 5.40 28.57 18.17
N LEU E 65 6.65 28.18 17.95
CA LEU E 65 7.53 28.85 17.02
C LEU E 65 7.54 28.20 15.64
N LYS E 66 6.60 27.30 15.35
CA LYS E 66 6.53 26.62 14.06
C LYS E 66 6.13 27.57 12.94
N SER E 67 5.30 28.55 13.25
CA SER E 67 4.86 29.50 12.23
C SER E 67 5.87 30.59 11.92
N ARG E 68 6.96 30.73 12.68
CA ARG E 68 7.94 31.78 12.42
C ARG E 68 9.39 31.34 12.47
N VAL E 69 9.70 30.15 12.98
CA VAL E 69 11.08 29.73 13.19
C VAL E 69 11.53 28.83 12.06
N THR E 70 12.82 28.92 11.75
CA THR E 70 13.44 28.06 10.75
C THR E 70 14.81 27.66 11.25
N ILE E 71 15.20 26.42 10.99
CA ILE E 71 16.49 25.90 11.46
C ILE E 71 17.39 25.64 10.26
N PRO E 72 18.01 26.67 9.70
CA PRO E 72 18.93 26.46 8.57
C PRO E 72 20.25 25.87 9.04
N ILE E 73 20.90 25.16 8.13
CA ILE E 73 22.20 24.55 8.39
C ILE E 73 23.09 24.75 7.17
N ASP E 74 24.36 25.08 7.43
CA ASP E 74 25.35 25.24 6.37
C ASP E 74 26.24 24.00 6.40
N THR E 75 26.08 23.13 5.41
CA THR E 75 26.84 21.89 5.37
C THR E 75 28.29 22.14 4.96
N SER E 76 28.50 23.04 4.00
CA SER E 76 29.85 23.37 3.57
C SER E 76 30.58 24.27 4.57
N LYS E 77 29.87 25.11 5.30
CA LYS E 77 30.49 26.03 6.25
C LYS E 77 30.59 25.46 7.66
N ASN E 78 29.80 24.44 7.99
CA ASN E 78 29.81 23.84 9.32
C ASN E 78 29.21 24.79 10.37
N GLN E 79 28.11 25.44 10.02
CA GLN E 79 27.43 26.38 10.89
C GLN E 79 25.93 26.12 10.86
N PHE E 80 25.25 26.60 11.90
CA PHE E 80 23.81 26.44 12.03
C PHE E 80 23.16 27.80 12.02
N SER E 81 21.87 27.84 11.68
CA SER E 81 21.14 29.09 11.57
C SER E 81 19.81 29.00 12.29
N LEU E 82 19.46 30.08 12.99
CA LEU E 82 18.15 30.26 13.59
C LEU E 82 17.53 31.53 13.03
N LYS E 83 16.42 31.37 12.31
CA LYS E 83 15.77 32.47 11.64
C LYS E 83 14.39 32.69 12.24
N LEU E 84 13.97 33.95 12.32
CA LEU E 84 12.69 34.32 12.90
C LEU E 84 12.09 35.42 12.04
N SER E 85 11.19 35.05 11.13
CA SER E 85 10.51 36.01 10.29
C SER E 85 9.24 36.52 10.97
N SER E 86 9.01 37.83 10.82
CA SER E 86 7.90 38.52 11.50
C SER E 86 8.06 38.49 13.01
N VAL E 87 9.21 38.99 13.47
CA VAL E 87 9.51 38.97 14.90
C VAL E 87 8.74 40.07 15.63
N THR E 88 8.68 39.94 16.96
CA THR E 88 7.99 40.89 17.81
C THR E 88 8.81 41.09 19.08
N ALA E 89 8.15 41.67 20.09
CA ALA E 89 8.80 41.87 21.39
C ALA E 89 8.99 40.56 22.13
N ALA E 90 8.06 39.62 21.95
CA ALA E 90 8.16 38.30 22.59
C ALA E 90 9.19 37.39 21.93
N ASP E 91 9.65 37.68 20.73
CA ASP E 91 10.62 36.84 20.04
C ASP E 91 12.06 37.22 20.36
N THR E 92 12.28 38.32 21.07
CA THR E 92 13.63 38.74 21.43
C THR E 92 14.10 37.98 22.67
N ALA E 93 15.24 37.29 22.56
CA ALA E 93 15.74 36.49 23.65
C ALA E 93 17.12 35.97 23.26
N VAL E 94 17.73 35.22 24.18
CA VAL E 94 19.01 34.57 23.96
C VAL E 94 18.80 33.44 22.95
N TYR E 95 19.72 33.33 21.98
CA TYR E 95 19.56 32.42 20.87
C TYR E 95 20.76 31.48 20.67
N TYR E 96 21.19 30.79 21.73
CA TYR E 96 22.30 29.86 21.68
C TYR E 96 22.02 28.64 20.80
N CYS E 97 23.07 28.10 20.18
CA CYS E 97 22.93 27.07 19.15
C CYS E 97 23.65 25.77 19.51
N ALA E 98 23.36 25.19 20.68
CA ALA E 98 24.06 24.00 21.18
C ALA E 98 23.82 22.74 20.35
N ARG E 99 24.69 21.74 20.53
CA ARG E 99 24.78 20.60 19.63
C ARG E 99 23.95 19.40 20.07
N HIS E 100 23.16 19.51 21.14
CA HIS E 100 22.15 18.51 21.50
C HIS E 100 22.69 17.18 22.01
N VAL E 101 21.77 16.27 22.35
CA VAL E 101 22.08 14.95 22.89
C VAL E 101 22.41 13.98 21.77
N GLY E 102 22.90 12.79 22.13
CA GLY E 102 23.35 11.80 21.18
C GLY E 102 22.24 10.97 20.58
N ASP E 103 22.57 9.70 20.28
CA ASP E 103 21.73 8.83 19.46
C ASP E 103 20.47 8.32 20.14
N LEU E 104 20.61 7.73 21.33
CA LEU E 104 19.48 7.12 22.01
C LEU E 104 18.72 8.14 22.85
N ARG E 105 19.23 9.37 22.92
CA ARG E 105 18.59 10.44 23.66
C ARG E 105 17.39 10.93 22.86
N VAL E 106 16.25 10.27 23.04
CA VAL E 106 15.00 10.75 22.45
C VAL E 106 14.56 12.05 23.10
N ASN E 107 14.76 12.18 24.41
CA ASN E 107 14.66 13.46 25.08
C ASN E 107 15.93 14.27 24.84
N ASP E 108 15.83 15.57 25.08
CA ASP E 108 16.95 16.47 24.81
C ASP E 108 18.02 16.33 25.89
N ALA E 109 19.25 16.64 25.51
CA ALA E 109 20.39 16.63 26.44
C ALA E 109 21.32 17.76 26.03
N PHE E 110 21.16 18.93 26.64
CA PHE E 110 21.94 20.11 26.29
C PHE E 110 23.26 20.08 27.05
N ASP E 111 24.16 19.22 26.58
CA ASP E 111 25.48 19.12 27.21
C ASP E 111 26.38 20.29 26.83
N ILE E 112 26.31 20.76 25.60
CA ILE E 112 27.12 21.87 25.11
C ILE E 112 26.18 23.01 24.77
N TRP E 113 26.56 24.23 25.17
CA TRP E 113 25.77 25.42 24.90
C TRP E 113 26.48 26.32 23.90
N GLY E 114 25.70 27.16 23.22
CA GLY E 114 26.23 28.08 22.23
C GLY E 114 26.77 29.35 22.87
N GLN E 115 27.04 30.33 22.00
CA GLN E 115 27.55 31.61 22.47
C GLN E 115 26.49 32.47 23.14
N GLY E 116 25.21 32.18 22.92
CA GLY E 116 24.13 32.92 23.54
C GLY E 116 23.91 34.29 22.96
N THR E 117 23.53 34.35 21.68
CA THR E 117 23.27 35.62 21.04
C THR E 117 21.92 36.16 21.49
N MET E 118 21.95 37.20 22.33
CA MET E 118 20.73 37.81 22.82
C MET E 118 20.07 38.64 21.71
N VAL E 119 18.74 38.57 21.66
CA VAL E 119 17.96 39.24 20.63
C VAL E 119 17.12 40.33 21.29
N THR E 120 17.05 41.49 20.64
CA THR E 120 16.20 42.59 21.06
C THR E 120 15.32 43.00 19.89
N VAL E 121 14.02 43.01 20.11
CA VAL E 121 13.03 43.31 19.07
C VAL E 121 12.28 44.54 19.54
N SER E 122 12.66 45.71 19.01
CA SER E 122 12.01 46.96 19.35
C SER E 122 11.86 47.80 18.08
N SER E 123 10.85 48.66 18.07
CA SER E 123 10.59 49.52 16.92
C SER E 123 11.31 50.85 17.07
N GLN F 1 2.83 25.91 29.06
CA GLN F 1 2.95 25.01 30.19
C GLN F 1 4.38 24.52 30.34
N SER F 2 5.28 25.07 29.52
CA SER F 2 6.69 24.69 29.56
C SER F 2 7.45 25.51 30.60
N VAL F 3 7.16 25.28 31.88
CA VAL F 3 7.80 25.99 32.98
C VAL F 3 8.27 24.97 34.00
N LEU F 4 9.52 25.10 34.43
CA LEU F 4 10.08 24.26 35.49
C LEU F 4 10.32 25.16 36.70
N THR F 5 9.63 24.85 37.80
CA THR F 5 9.72 25.68 38.99
C THR F 5 11.00 25.39 39.75
N GLN F 6 11.95 26.32 39.66
CA GLN F 6 13.26 26.17 40.29
C GLN F 6 13.45 27.28 41.31
N PRO F 7 14.29 27.06 42.32
CA PRO F 7 14.58 28.10 43.31
C PRO F 7 15.51 29.15 42.72
N PRO F 8 15.02 30.38 42.54
CA PRO F 8 15.84 31.39 41.85
C PRO F 8 16.94 32.01 42.69
N SER F 9 16.91 31.84 44.01
CA SER F 9 17.92 32.41 44.87
C SER F 9 18.81 31.31 45.40
N VAL F 10 20.10 31.43 45.13
CA VAL F 10 21.11 30.48 45.59
C VAL F 10 22.27 31.24 46.20
N SER F 11 22.53 30.95 47.47
CA SER F 11 23.71 31.46 48.16
C SER F 11 24.70 30.31 48.37
N ALA F 12 25.88 30.52 48.94
CA ALA F 12 26.78 29.41 49.20
C ALA F 12 27.88 29.82 50.17
N ALA F 13 28.02 29.08 51.27
CA ALA F 13 29.10 29.29 52.21
C ALA F 13 30.41 28.74 51.64
N PRO F 14 31.55 29.11 52.23
CA PRO F 14 32.83 28.57 51.76
C PRO F 14 32.96 27.10 52.16
N GLY F 15 32.85 26.22 51.16
CA GLY F 15 32.71 24.81 51.40
C GLY F 15 31.29 24.35 51.68
N GLN F 16 30.32 25.24 51.59
CA GLN F 16 28.94 24.90 51.91
C GLN F 16 28.28 24.17 50.75
N LYS F 17 27.40 23.24 51.10
CA LYS F 17 26.61 22.49 50.13
C LYS F 17 25.25 23.15 49.93
N VAL F 18 25.00 23.62 48.71
CA VAL F 18 23.75 24.31 48.40
C VAL F 18 22.80 23.31 47.74
N THR F 19 21.50 23.56 47.88
CA THR F 19 20.50 22.69 47.31
C THR F 19 19.60 23.50 46.39
N ILE F 20 19.47 23.05 45.14
CA ILE F 20 18.56 23.66 44.17
C ILE F 20 17.54 22.61 43.76
N SER F 21 16.26 22.94 43.91
CA SER F 21 15.18 22.03 43.56
C SER F 21 14.43 22.60 42.37
N CYS F 22 14.45 21.89 41.25
CA CYS F 22 13.74 22.26 40.04
C CYS F 22 12.53 21.34 39.93
N SER F 23 11.33 21.91 40.11
CA SER F 23 10.09 21.15 40.12
C SER F 23 9.49 21.21 38.72
N GLY F 24 9.14 20.05 38.18
CA GLY F 24 8.52 19.98 36.87
C GLY F 24 7.12 19.39 36.94
N SER F 25 6.86 18.36 36.14
CA SER F 25 5.57 17.70 36.15
C SER F 25 5.77 16.19 35.99
N SER F 26 4.66 15.46 35.95
CA SER F 26 4.74 14.02 35.74
C SER F 26 5.03 13.69 34.28
N SER F 27 4.65 14.57 33.36
CA SER F 27 4.86 14.31 31.94
C SER F 27 6.31 14.55 31.51
N ASN F 28 7.00 15.51 32.12
CA ASN F 28 8.35 15.85 31.67
C ASN F 28 9.39 15.50 32.71
N ILE F 29 9.24 16.04 33.93
CA ILE F 29 10.16 15.69 35.02
C ILE F 29 9.92 14.27 35.48
N GLY F 30 8.65 13.85 35.57
CA GLY F 30 8.35 12.48 35.90
C GLY F 30 8.53 11.53 34.72
N ASN F 31 8.43 12.07 33.50
CA ASN F 31 8.50 11.24 32.31
C ASN F 31 9.93 10.79 32.02
N ASN F 32 10.89 11.69 32.13
CA ASN F 32 12.28 11.36 31.82
C ASN F 32 13.23 11.97 32.83
N PHE F 33 14.53 11.93 32.54
CA PHE F 33 15.55 12.50 33.42
C PHE F 33 15.91 13.88 32.89
N VAL F 34 16.04 14.85 33.80
CA VAL F 34 16.33 16.23 33.44
C VAL F 34 17.73 16.59 33.89
N SER F 35 18.46 17.32 33.04
CA SER F 35 19.79 17.81 33.36
C SER F 35 19.71 19.26 33.79
N TRP F 36 20.86 19.90 33.91
CA TRP F 36 20.91 21.33 34.24
C TRP F 36 21.88 22.04 33.30
N TYR F 37 21.61 23.33 33.11
CA TYR F 37 22.49 24.21 32.35
C TYR F 37 23.03 25.23 33.31
N GLN F 38 24.36 25.26 33.45
CA GLN F 38 25.06 26.22 34.29
C GLN F 38 25.64 27.29 33.38
N ARG F 39 25.11 28.51 33.49
CA ARG F 39 25.52 29.63 32.65
C ARG F 39 26.24 30.68 33.49
N LEU F 40 27.24 31.30 32.86
CA LEU F 40 27.95 32.43 33.45
C LEU F 40 27.22 33.72 33.11
N PRO F 41 27.72 34.86 33.59
CA PRO F 41 27.12 36.14 33.17
C PRO F 41 27.33 36.48 31.70
N GLY F 42 28.42 36.02 31.11
CA GLY F 42 28.66 36.21 29.69
C GLY F 42 28.74 34.92 28.91
N THR F 43 28.22 33.83 29.47
CA THR F 43 28.28 32.52 28.87
C THR F 43 26.92 31.86 28.93
N PRO F 44 26.61 30.97 28.00
CA PRO F 44 25.32 30.26 28.03
C PRO F 44 25.41 29.05 28.94
N PRO F 45 24.32 28.29 29.07
CA PRO F 45 24.32 27.15 29.98
C PRO F 45 25.08 25.96 29.42
N LYS F 46 25.89 25.35 30.30
CA LYS F 46 26.68 24.16 29.97
C LYS F 46 26.06 22.99 30.72
N LEU F 47 26.24 21.78 30.19
CA LEU F 47 25.55 20.62 30.72
C LEU F 47 26.14 20.15 32.04
N LEU F 48 25.28 19.96 33.03
CA LEU F 48 25.64 19.37 34.31
C LEU F 48 24.54 18.37 34.65
N ILE F 49 24.90 17.09 34.73
CA ILE F 49 23.93 16.03 34.98
C ILE F 49 23.21 15.62 33.70
N TYR F 50 23.00 14.31 33.54
CA TYR F 50 22.26 13.79 32.40
C TYR F 50 21.48 12.57 32.87
N ASP F 51 20.16 12.63 32.68
CA ASP F 51 19.25 11.62 33.21
C ASP F 51 18.97 11.81 34.70
N SER F 52 19.36 12.97 35.25
CA SER F 52 19.15 13.30 36.65
C SER F 52 20.14 12.65 37.61
N ASP F 53 21.05 11.80 37.13
CA ASP F 53 22.02 11.17 38.00
C ASP F 53 23.44 11.21 37.43
N LYS F 54 23.57 11.13 36.11
CA LYS F 54 24.88 10.99 35.47
C LYS F 54 25.45 12.35 35.10
N ARG F 55 26.45 12.79 35.87
CA ARG F 55 27.11 14.07 35.68
C ARG F 55 27.93 14.07 34.40
N PRO F 56 28.08 15.22 33.75
CA PRO F 56 28.84 15.26 32.49
C PRO F 56 30.33 15.20 32.74
N SER F 57 31.08 14.95 31.66
CA SER F 57 32.52 14.90 31.73
C SER F 57 33.10 16.30 31.94
N GLY F 58 34.01 16.41 32.90
CA GLY F 58 34.57 17.69 33.28
C GLY F 58 33.79 18.44 34.33
N ILE F 59 32.63 17.93 34.73
CA ILE F 59 31.81 18.54 35.77
C ILE F 59 32.45 18.24 37.11
N PRO F 60 32.24 19.07 38.14
CA PRO F 60 32.85 18.80 39.45
C PRO F 60 32.16 17.66 40.17
N ASP F 61 32.89 17.01 41.08
CA ASP F 61 32.32 15.92 41.87
C ASP F 61 31.41 16.44 42.98
N ARG F 62 31.54 17.72 43.34
CA ARG F 62 30.66 18.31 44.34
C ARG F 62 29.26 18.54 43.80
N PHE F 63 29.11 18.69 42.49
CA PHE F 63 27.80 18.75 41.85
C PHE F 63 27.22 17.35 41.83
N SER F 64 26.06 17.17 42.47
CA SER F 64 25.45 15.85 42.60
C SER F 64 23.99 15.99 42.20
N GLY F 65 23.57 15.18 41.23
CA GLY F 65 22.19 15.18 40.81
C GLY F 65 21.35 14.12 41.48
N SER F 66 20.05 14.38 41.51
CA SER F 66 19.09 13.41 42.03
C SER F 66 17.74 13.68 41.38
N LYS F 67 16.95 12.62 41.26
CA LYS F 67 15.63 12.71 40.65
C LYS F 67 14.62 12.01 41.53
N SER F 68 13.52 12.69 41.83
CA SER F 68 12.44 12.13 42.63
C SER F 68 11.14 12.70 42.07
N GLY F 69 10.36 11.84 41.40
CA GLY F 69 9.13 12.25 40.74
C GLY F 69 9.36 13.22 39.61
N THR F 70 8.70 14.37 39.68
CA THR F 70 8.98 15.47 38.77
C THR F 70 9.94 16.49 39.35
N SER F 71 10.69 16.13 40.39
CA SER F 71 11.57 17.08 41.06
C SER F 71 13.02 16.66 40.85
N ALA F 72 13.81 17.53 40.25
CA ALA F 72 15.25 17.33 40.16
C ALA F 72 15.94 18.12 41.26
N THR F 73 16.97 17.51 41.84
CA THR F 73 17.72 18.12 42.93
C THR F 73 19.19 18.20 42.53
N LEU F 74 19.75 19.39 42.68
CA LEU F 74 21.16 19.64 42.40
C LEU F 74 21.82 20.10 43.69
N GLY F 75 22.70 19.26 44.22
CA GLY F 75 23.48 19.60 45.39
C GLY F 75 24.88 20.04 44.99
N ILE F 76 25.35 21.11 45.64
CA ILE F 76 26.69 21.61 45.41
C ILE F 76 27.45 21.51 46.72
N THR F 77 28.16 20.40 46.90
CA THR F 77 28.97 20.19 48.09
C THR F 77 30.37 20.77 47.88
N GLY F 78 30.84 21.50 48.89
CA GLY F 78 32.09 22.23 48.74
C GLY F 78 31.97 23.40 47.79
N LEU F 79 30.86 24.13 47.86
CA LEU F 79 30.59 25.21 46.92
C LEU F 79 31.47 26.42 47.23
N GLN F 80 31.88 27.11 46.18
CA GLN F 80 32.74 28.28 46.28
C GLN F 80 32.12 29.43 45.49
N THR F 81 32.92 30.47 45.28
CA THR F 81 32.52 31.58 44.43
C THR F 81 32.43 31.15 42.96
N GLY F 82 33.21 30.15 42.56
CA GLY F 82 33.12 29.59 41.23
C GLY F 82 31.92 28.72 40.97
N ASP F 83 31.20 28.31 42.02
CA ASP F 83 29.93 27.62 41.87
C ASP F 83 28.77 28.57 41.61
N GLU F 84 28.99 29.87 41.75
CA GLU F 84 27.96 30.86 41.48
C GLU F 84 27.72 31.00 39.98
N GLY F 85 26.46 31.15 39.60
CA GLY F 85 26.11 31.29 38.21
C GLY F 85 24.60 31.26 38.06
N ASP F 86 24.16 30.68 36.94
CA ASP F 86 22.74 30.45 36.68
C ASP F 86 22.58 28.97 36.36
N TYR F 87 22.19 28.19 37.36
CA TYR F 87 21.97 26.77 37.22
C TYR F 87 20.47 26.52 37.06
N TYR F 88 20.05 26.25 35.82
CA TYR F 88 18.63 26.08 35.51
C TYR F 88 18.40 24.65 35.05
N CYS F 89 17.41 23.99 35.64
CA CYS F 89 17.07 22.63 35.25
C CYS F 89 16.40 22.61 33.89
N GLY F 90 16.40 21.46 33.25
CA GLY F 90 15.80 21.31 31.93
C GLY F 90 15.50 19.86 31.66
N THR F 91 14.38 19.61 30.98
CA THR F 91 13.95 18.25 30.69
C THR F 91 13.03 18.25 29.48
N TRP F 92 12.93 17.10 28.83
CA TRP F 92 12.02 16.95 27.71
C TRP F 92 10.64 16.52 28.20
N ASP F 93 9.61 17.14 27.63
CA ASP F 93 8.23 16.93 28.03
C ASP F 93 7.58 15.92 27.07
N ARG F 94 6.95 14.88 27.64
CA ARG F 94 6.23 13.92 26.82
C ARG F 94 4.94 14.52 26.28
N SER F 95 4.26 15.34 27.08
CA SER F 95 3.08 16.04 26.60
C SER F 95 3.44 17.20 25.69
N LEU F 96 4.52 17.91 26.01
CA LEU F 96 4.95 19.04 25.21
C LEU F 96 5.62 18.64 23.90
N SER F 97 6.39 17.55 23.90
CA SER F 97 7.07 17.09 22.69
C SER F 97 8.33 17.89 22.40
N VAL F 98 8.80 18.68 23.37
CA VAL F 98 10.00 19.50 23.21
C VAL F 98 10.67 19.66 24.57
N VAL F 99 11.96 20.00 24.51
CA VAL F 99 12.72 20.21 25.74
C VAL F 99 12.43 21.60 26.28
N VAL F 100 12.18 21.69 27.59
CA VAL F 100 11.88 22.94 28.28
C VAL F 100 12.87 23.11 29.42
N PHE F 101 13.38 24.33 29.55
CA PHE F 101 14.29 24.70 30.63
C PHE F 101 13.49 25.29 31.79
N GLY F 102 14.04 25.16 32.99
CA GLY F 102 13.35 25.60 34.18
C GLY F 102 13.50 27.09 34.44
N GLY F 103 13.05 27.50 35.62
CA GLY F 103 13.07 28.89 36.03
C GLY F 103 14.43 29.45 36.38
N GLY F 104 15.44 28.60 36.56
CA GLY F 104 16.79 29.06 36.85
C GLY F 104 17.13 28.96 38.32
N THR F 105 18.43 29.12 38.60
CA THR F 105 18.94 29.12 39.97
C THR F 105 20.10 30.09 40.02
N LYS F 106 19.87 31.28 40.58
CA LYS F 106 20.88 32.32 40.65
C LYS F 106 21.81 32.02 41.81
N LEU F 107 22.82 31.18 41.56
CA LEU F 107 23.80 30.82 42.57
C LEU F 107 24.76 31.99 42.78
N THR F 108 25.01 32.32 44.06
CA THR F 108 25.90 33.42 44.42
C THR F 108 26.80 32.94 45.55
N VAL F 109 28.01 32.52 45.22
CA VAL F 109 28.99 32.06 46.22
C VAL F 109 29.64 33.30 46.79
N LEU F 110 29.08 33.81 47.88
CA LEU F 110 29.58 35.02 48.52
C LEU F 110 30.74 34.71 49.45
N ILE G 1 60.51 32.65 -7.53
CA ILE G 1 59.38 33.46 -7.96
C ILE G 1 58.08 32.67 -7.84
N ARG G 2 57.87 32.06 -6.68
CA ARG G 2 56.72 31.24 -6.33
C ARG G 2 56.79 29.82 -6.88
N CYS G 3 57.82 29.46 -7.65
CA CYS G 3 57.98 28.11 -8.14
C CYS G 3 59.40 27.58 -7.96
N ILE G 4 60.39 28.46 -7.76
CA ILE G 4 61.76 28.01 -7.57
C ILE G 4 62.00 27.45 -6.17
N GLY G 5 61.21 27.85 -5.19
CA GLY G 5 61.38 27.39 -3.83
C GLY G 5 60.65 26.10 -3.52
N VAL G 6 59.98 25.53 -4.52
CA VAL G 6 59.24 24.28 -4.35
C VAL G 6 60.23 23.13 -4.34
N SER G 7 60.09 22.24 -3.36
CA SER G 7 60.91 21.04 -3.30
C SER G 7 60.60 20.05 -4.41
N ASN G 8 59.35 20.00 -4.87
CA ASN G 8 58.95 19.21 -6.02
C ASN G 8 58.82 20.07 -7.26
N ARG G 9 59.68 21.09 -7.38
CA ARG G 9 59.63 22.02 -8.49
C ARG G 9 60.16 21.36 -9.76
N ASP G 10 59.43 21.54 -10.86
CA ASP G 10 59.78 20.97 -12.14
C ASP G 10 60.34 22.04 -13.06
N PHE G 11 61.44 21.73 -13.72
CA PHE G 11 62.10 22.64 -14.65
C PHE G 11 61.67 22.25 -16.06
N VAL G 12 61.03 23.19 -16.75
CA VAL G 12 60.55 22.98 -18.12
C VAL G 12 61.48 23.73 -19.06
N GLU G 13 62.16 22.99 -19.93
CA GLU G 13 63.03 23.59 -20.93
C GLU G 13 62.80 22.89 -22.26
N GLY G 14 62.51 23.69 -23.27
CA GLY G 14 62.24 23.15 -24.60
C GLY G 14 60.77 22.82 -24.78
N MET G 15 60.15 23.40 -25.80
CA MET G 15 58.76 23.16 -26.13
C MET G 15 58.66 22.68 -27.57
N SER G 16 57.43 22.41 -28.03
CA SER G 16 57.20 21.95 -29.39
C SER G 16 57.16 23.16 -30.34
N GLY G 17 58.36 23.68 -30.61
CA GLY G 17 58.50 24.87 -31.42
C GLY G 17 58.09 26.16 -30.75
N GLY G 18 57.88 26.15 -29.44
CA GLY G 18 57.40 27.31 -28.73
C GLY G 18 55.90 27.50 -28.76
N THR G 19 55.17 26.68 -29.53
CA THR G 19 53.73 26.84 -29.67
C THR G 19 52.98 26.11 -28.56
N TRP G 20 53.17 24.80 -28.44
CA TRP G 20 52.46 24.01 -27.44
C TRP G 20 53.47 23.22 -26.64
N VAL G 21 53.33 23.28 -25.31
CA VAL G 21 54.11 22.47 -24.39
C VAL G 21 53.16 21.65 -23.53
N ASP G 22 53.42 20.35 -23.44
CA ASP G 22 52.60 19.45 -22.64
C ASP G 22 53.20 19.38 -21.24
N VAL G 23 52.41 19.80 -20.25
CA VAL G 23 52.88 19.84 -18.86
C VAL G 23 51.88 19.12 -17.97
N VAL G 24 52.36 18.69 -16.81
CA VAL G 24 51.54 18.01 -15.82
C VAL G 24 51.21 19.04 -14.75
N LEU G 25 49.97 19.53 -14.76
CA LEU G 25 49.52 20.53 -13.78
C LEU G 25 49.15 19.80 -12.50
N GLU G 26 50.15 19.56 -11.65
CA GLU G 26 49.92 18.85 -10.39
C GLU G 26 49.23 19.76 -9.38
N HIS G 27 48.37 19.15 -8.57
CA HIS G 27 47.67 19.85 -7.51
C HIS G 27 48.60 20.27 -6.37
N GLY G 28 49.65 19.51 -6.11
CA GLY G 28 50.60 19.86 -5.07
C GLY G 28 51.93 20.39 -5.58
N GLY G 29 52.19 20.23 -6.88
CA GLY G 29 53.44 20.64 -7.47
C GLY G 29 53.34 21.95 -8.25
N CYS G 30 54.50 22.51 -8.56
CA CYS G 30 54.61 23.69 -9.40
C CYS G 30 55.73 23.46 -10.41
N VAL G 31 55.51 23.89 -11.65
CA VAL G 31 56.44 23.64 -12.74
C VAL G 31 56.93 24.98 -13.26
N THR G 32 58.24 25.16 -13.31
CA THR G 32 58.86 26.37 -13.84
C THR G 32 59.27 26.08 -15.29
N VAL G 33 58.85 26.96 -16.20
CA VAL G 33 59.09 26.80 -17.62
C VAL G 33 60.09 27.87 -18.06
N MET G 34 61.17 27.44 -18.71
CA MET G 34 62.16 28.33 -19.27
C MET G 34 62.22 28.13 -20.78
N ALA G 35 62.11 29.23 -21.53
CA ALA G 35 62.04 29.17 -22.98
C ALA G 35 63.19 29.97 -23.60
N GLN G 36 63.25 29.96 -24.93
CA GLN G 36 64.33 30.64 -25.64
C GLN G 36 64.14 32.16 -25.64
N ASP G 37 62.91 32.61 -25.85
CA ASP G 37 62.61 34.04 -25.93
C ASP G 37 61.56 34.44 -24.90
N LYS G 38 61.36 33.62 -23.89
CA LYS G 38 60.39 33.90 -22.84
C LYS G 38 61.06 33.72 -21.48
N PRO G 39 60.57 34.44 -20.46
CA PRO G 39 61.14 34.27 -19.12
C PRO G 39 60.62 33.00 -18.47
N THR G 40 61.26 32.63 -17.36
CA THR G 40 60.86 31.45 -16.61
C THR G 40 59.57 31.76 -15.86
N VAL G 41 58.51 31.04 -16.18
CA VAL G 41 57.21 31.22 -15.55
C VAL G 41 56.89 29.96 -14.75
N ASP G 42 56.64 30.14 -13.47
CA ASP G 42 56.27 29.05 -12.58
C ASP G 42 54.75 28.99 -12.52
N ILE G 43 54.19 27.86 -12.92
CA ILE G 43 52.75 27.62 -12.87
C ILE G 43 52.50 26.58 -11.79
N GLU G 44 51.63 26.92 -10.85
CA GLU G 44 51.29 26.02 -9.75
C GLU G 44 49.78 25.95 -9.62
N LEU G 45 49.22 24.77 -9.88
CA LEU G 45 47.78 24.57 -9.70
C LEU G 45 47.50 24.39 -8.23
N VAL G 46 47.30 25.50 -7.52
CA VAL G 46 47.15 25.49 -6.07
C VAL G 46 45.68 25.42 -5.65
N THR G 47 44.81 26.12 -6.36
CA THR G 47 43.39 26.15 -6.02
C THR G 47 42.69 25.00 -6.73
N THR G 48 41.70 24.43 -6.06
CA THR G 48 40.85 23.39 -6.65
C THR G 48 39.48 23.52 -5.98
N THR G 49 38.56 24.19 -6.66
CA THR G 49 37.23 24.46 -6.10
C THR G 49 36.22 23.51 -6.72
N VAL G 50 35.58 22.70 -5.87
CA VAL G 50 34.48 21.83 -6.30
C VAL G 50 33.19 22.49 -5.85
N SER G 51 32.36 22.90 -6.82
CA SER G 51 31.15 23.65 -6.54
C SER G 51 29.92 22.85 -6.92
N ASN G 52 28.88 22.96 -6.08
CA ASN G 52 27.60 22.27 -6.27
C ASN G 52 27.76 20.75 -6.15
N MET G 53 28.23 20.33 -4.98
CA MET G 53 28.35 18.90 -4.68
C MET G 53 27.04 18.41 -4.07
N ALA G 54 26.27 17.69 -4.87
CA ALA G 54 24.95 17.21 -4.46
C ALA G 54 25.11 16.00 -3.55
N GLU G 55 24.21 15.90 -2.56
CA GLU G 55 24.30 14.87 -1.52
C GLU G 55 23.99 13.49 -2.08
N VAL G 56 24.58 12.48 -1.44
CA VAL G 56 24.43 11.09 -1.83
C VAL G 56 23.87 10.32 -0.63
N ARG G 57 23.71 9.01 -0.80
CA ARG G 57 23.22 8.17 0.30
C ARG G 57 24.28 8.07 1.40
N SER G 58 23.98 8.70 2.53
CA SER G 58 24.92 8.87 3.64
C SER G 58 24.48 7.97 4.78
N TYR G 59 25.38 7.08 5.20
CA TYR G 59 25.10 6.17 6.30
C TYR G 59 25.14 6.90 7.63
N CYS G 60 24.42 6.35 8.60
CA CYS G 60 24.39 6.88 9.96
C CYS G 60 25.72 6.58 10.65
N TYR G 61 26.23 7.57 11.38
CA TYR G 61 27.51 7.45 12.05
C TYR G 61 27.40 7.10 13.52
N GLU G 62 26.29 7.40 14.18
CA GLU G 62 26.05 7.01 15.57
C GLU G 62 24.54 6.99 15.78
N ALA G 63 23.98 5.79 15.89
CA ALA G 63 22.55 5.61 16.11
C ALA G 63 22.27 5.40 17.60
N SER G 64 21.01 5.15 17.91
CA SER G 64 20.60 4.84 19.29
C SER G 64 19.17 4.34 19.27
N ILE G 65 18.85 3.44 20.18
CA ILE G 65 17.54 2.81 20.24
C ILE G 65 16.61 3.71 21.05
N SER G 66 15.33 3.66 20.73
CA SER G 66 14.30 4.41 21.46
C SER G 66 13.77 3.53 22.59
N ASP G 67 12.58 3.85 23.11
CA ASP G 67 11.92 3.03 24.11
C ASP G 67 11.48 1.71 23.51
N MET G 68 12.17 0.63 23.86
CA MET G 68 11.93 -0.68 23.28
C MET G 68 11.02 -1.50 24.18
N ALA G 69 10.26 -2.39 23.54
CA ALA G 69 9.35 -3.28 24.25
C ALA G 69 9.35 -4.61 23.51
N SER G 70 8.63 -5.57 24.08
CA SER G 70 8.59 -6.90 23.49
C SER G 70 7.14 -7.39 23.46
N ASP G 71 6.81 -8.07 22.36
CA ASP G 71 5.53 -8.76 22.23
C ASP G 71 5.83 -10.25 22.21
N SER G 72 5.22 -10.98 23.14
CA SER G 72 5.51 -12.39 23.33
C SER G 72 4.23 -13.20 23.13
N ARG G 73 4.36 -14.27 22.36
CA ARG G 73 3.31 -15.27 22.19
C ARG G 73 3.86 -16.60 22.66
N CYS G 74 2.96 -17.49 23.08
CA CYS G 74 3.34 -18.77 23.64
C CYS G 74 3.77 -19.74 22.54
N PRO G 75 4.35 -20.89 22.91
CA PRO G 75 4.72 -21.88 21.90
C PRO G 75 3.48 -22.57 21.35
N THR G 76 3.17 -22.27 20.09
CA THR G 76 1.90 -22.66 19.48
C THR G 76 0.78 -21.73 19.92
N GLN G 77 1.14 -20.54 20.40
CA GLN G 77 0.19 -19.53 20.85
C GLN G 77 0.26 -18.27 20.02
N GLY G 78 0.70 -18.37 18.77
CA GLY G 78 0.80 -17.23 17.88
C GLY G 78 2.15 -16.56 17.96
N GLU G 79 2.54 -15.94 16.85
CA GLU G 79 3.80 -15.23 16.73
C GLU G 79 3.63 -13.82 17.28
N ALA G 80 4.76 -13.18 17.58
CA ALA G 80 4.75 -11.83 18.12
C ALA G 80 4.44 -10.83 17.01
N TYR G 81 3.46 -9.97 17.28
CA TYR G 81 3.09 -8.91 16.34
C TYR G 81 3.00 -7.62 17.14
N LEU G 82 4.12 -6.89 17.20
CA LEU G 82 4.19 -5.66 17.97
C LEU G 82 3.46 -4.54 17.26
N ASP G 83 2.81 -3.68 18.05
CA ASP G 83 2.19 -2.48 17.52
C ASP G 83 3.21 -1.48 17.00
N LYS G 84 4.36 -1.38 17.65
CA LYS G 84 5.50 -0.62 17.14
C LYS G 84 6.31 -1.41 16.12
N GLN G 85 6.03 -2.71 15.98
CA GLN G 85 6.66 -3.54 14.96
C GLN G 85 6.20 -3.17 13.55
N SER G 86 4.99 -2.65 13.41
CA SER G 86 4.50 -2.15 12.12
C SER G 86 4.85 -0.70 11.89
N ASP G 87 5.51 -0.04 12.84
CA ASP G 87 5.92 1.34 12.70
C ASP G 87 7.30 1.38 12.05
N THR G 88 7.44 2.22 11.02
CA THR G 88 8.69 2.34 10.28
C THR G 88 9.80 3.01 11.08
N GLN G 89 9.44 3.87 12.04
CA GLN G 89 10.42 4.54 12.89
C GLN G 89 11.03 3.62 13.93
N TYR G 90 10.38 2.49 14.24
CA TYR G 90 10.87 1.54 15.23
C TYR G 90 11.40 0.30 14.50
N VAL G 91 12.67 0.00 14.72
CA VAL G 91 13.27 -1.24 14.22
C VAL G 91 12.98 -2.35 15.23
N CYS G 92 12.66 -3.53 14.71
CA CYS G 92 12.27 -4.64 15.56
C CYS G 92 12.96 -5.92 15.07
N LYS G 93 13.15 -6.85 16.00
CA LYS G 93 13.73 -8.15 15.71
C LYS G 93 12.89 -9.22 16.39
N ARG G 94 12.48 -10.22 15.61
CA ARG G 94 11.70 -11.34 16.13
C ARG G 94 12.61 -12.54 16.32
N THR G 95 12.28 -13.37 17.32
CA THR G 95 13.08 -14.53 17.64
C THR G 95 12.20 -15.56 18.34
N LEU G 96 12.72 -16.79 18.44
CA LEU G 96 12.04 -17.88 19.12
C LEU G 96 12.70 -18.09 20.47
N VAL G 97 11.99 -17.74 21.54
CA VAL G 97 12.50 -17.84 22.89
C VAL G 97 11.76 -18.96 23.61
N ASP G 98 12.25 -19.30 24.81
CA ASP G 98 11.67 -20.40 25.57
C ASP G 98 10.42 -19.90 26.32
N ARG G 99 9.31 -20.59 26.13
CA ARG G 99 8.08 -20.32 26.88
C ARG G 99 7.57 -21.64 27.43
N GLY G 100 7.43 -21.72 28.75
CA GLY G 100 7.02 -22.95 29.38
C GLY G 100 5.85 -22.77 30.33
N TRP G 101 5.50 -23.85 31.03
CA TRP G 101 4.49 -23.78 32.08
C TRP G 101 4.94 -22.90 33.24
N GLY G 102 6.21 -22.97 33.62
CA GLY G 102 6.76 -21.98 34.52
C GLY G 102 7.12 -20.68 33.83
N ASN G 103 7.21 -20.70 32.51
CA ASN G 103 7.54 -19.52 31.71
C ASN G 103 6.30 -18.75 31.25
N GLY G 104 5.11 -19.14 31.74
CA GLY G 104 3.89 -18.43 31.44
C GLY G 104 3.06 -19.01 30.32
N CYS G 105 3.64 -19.83 29.46
CA CYS G 105 2.88 -20.45 28.38
C CYS G 105 2.14 -21.67 28.91
N GLY G 106 1.23 -22.21 28.09
CA GLY G 106 0.47 -23.37 28.50
C GLY G 106 1.12 -24.67 28.09
N LEU G 107 2.22 -24.57 27.34
CA LEU G 107 2.96 -25.74 26.90
C LEU G 107 4.44 -25.38 26.91
N PHE G 108 5.27 -26.30 27.38
CA PHE G 108 6.71 -26.11 27.35
C PHE G 108 7.21 -26.23 25.92
N GLY G 109 7.81 -25.15 25.42
CA GLY G 109 8.25 -25.12 24.04
C GLY G 109 8.84 -23.78 23.67
N LYS G 110 8.82 -23.51 22.38
CA LYS G 110 9.45 -22.30 21.83
C LYS G 110 8.39 -21.28 21.47
N GLY G 111 8.18 -20.30 22.35
CA GLY G 111 7.32 -19.18 22.04
C GLY G 111 8.02 -18.15 21.16
N SER G 112 7.29 -17.14 20.73
CA SER G 112 7.84 -16.16 19.80
C SER G 112 7.83 -14.78 20.43
N LEU G 113 9.00 -14.15 20.49
CA LEU G 113 9.12 -12.83 21.09
C LEU G 113 9.73 -11.87 20.08
N VAL G 114 9.12 -10.70 19.92
CA VAL G 114 9.60 -9.67 19.01
C VAL G 114 9.88 -8.41 19.82
N THR G 115 11.10 -7.90 19.72
CA THR G 115 11.52 -6.72 20.49
C THR G 115 11.70 -5.57 19.51
N CYS G 116 11.04 -4.45 19.79
CA CYS G 116 11.08 -3.28 18.93
C CYS G 116 11.58 -2.06 19.72
N ALA G 117 12.13 -1.09 19.00
CA ALA G 117 12.62 0.13 19.62
C ALA G 117 12.85 1.17 18.53
N LYS G 118 12.65 2.45 18.87
CA LYS G 118 12.75 3.53 17.89
C LYS G 118 14.21 3.81 17.58
N PHE G 119 14.78 3.03 16.65
CA PHE G 119 16.20 3.17 16.31
C PHE G 119 16.40 4.39 15.43
N ALA G 120 16.90 5.47 16.02
CA ALA G 120 17.09 6.74 15.32
C ALA G 120 18.58 7.01 15.24
N CYS G 121 19.03 7.50 14.09
CA CYS G 121 20.42 7.85 13.89
C CYS G 121 20.67 9.25 14.43
N SER G 122 21.45 9.34 15.52
CA SER G 122 21.71 10.61 16.17
C SER G 122 22.63 11.51 15.34
N LYS G 123 23.42 10.94 14.45
CA LYS G 123 24.23 11.72 13.52
C LYS G 123 24.70 10.80 12.39
N LYS G 124 24.83 11.35 11.20
CA LYS G 124 25.22 10.58 10.03
C LYS G 124 26.21 11.38 9.18
N MET G 125 27.25 10.71 8.73
CA MET G 125 28.20 11.27 7.78
C MET G 125 27.57 11.27 6.39
N THR G 126 27.73 12.40 5.68
CA THR G 126 27.03 12.61 4.42
C THR G 126 28.06 12.78 3.32
N GLY G 127 27.91 12.01 2.24
CA GLY G 127 28.85 12.07 1.13
C GLY G 127 28.28 12.82 -0.06
N LYS G 128 28.87 13.98 -0.35
CA LYS G 128 28.49 14.76 -1.51
C LYS G 128 29.05 14.13 -2.77
N SER G 129 28.25 14.17 -3.83
CA SER G 129 28.68 13.66 -5.12
C SER G 129 29.13 14.83 -5.99
N ILE G 130 30.32 14.73 -6.56
CA ILE G 130 30.93 15.81 -7.33
C ILE G 130 30.72 15.51 -8.80
N GLN G 131 29.99 16.39 -9.48
CA GLN G 131 29.79 16.30 -10.91
C GLN G 131 31.03 16.80 -11.64
N PRO G 132 31.18 16.47 -12.93
CA PRO G 132 32.36 16.96 -13.68
C PRO G 132 32.31 18.43 -14.01
N GLU G 133 31.15 19.08 -13.95
CA GLU G 133 31.02 20.50 -14.24
C GLU G 133 31.12 21.38 -13.01
N ASN G 134 31.70 20.88 -11.92
CA ASN G 134 31.84 21.65 -10.68
C ASN G 134 33.29 21.95 -10.34
N LEU G 135 34.25 21.33 -11.02
CA LEU G 135 35.65 21.53 -10.70
C LEU G 135 36.15 22.83 -11.33
N GLU G 136 37.07 23.49 -10.63
CA GLU G 136 37.71 24.73 -11.09
C GLU G 136 39.10 24.77 -10.47
N TYR G 137 40.12 24.56 -11.30
CA TYR G 137 41.49 24.55 -10.82
C TYR G 137 42.09 25.95 -10.91
N ARG G 138 42.53 26.48 -9.79
CA ARG G 138 43.16 27.80 -9.75
C ARG G 138 44.67 27.62 -9.84
N ILE G 139 45.25 28.05 -10.95
CA ILE G 139 46.68 27.89 -11.20
C ILE G 139 47.29 29.29 -11.21
N MET G 140 48.27 29.51 -10.34
CA MET G 140 48.99 30.78 -10.30
C MET G 140 50.24 30.67 -11.15
N LEU G 141 50.37 31.60 -12.11
CA LEU G 141 51.56 31.74 -12.91
C LEU G 141 52.37 32.91 -12.38
N SER G 142 53.69 32.81 -12.45
CA SER G 142 54.55 33.86 -11.93
C SER G 142 55.81 33.90 -12.78
N VAL G 143 56.03 35.02 -13.46
CA VAL G 143 57.23 35.17 -14.28
C VAL G 143 58.42 35.49 -13.38
N HIS G 144 59.42 34.61 -13.43
CA HIS G 144 60.67 34.82 -12.70
C HIS G 144 61.46 35.91 -13.41
N GLY G 145 61.85 36.94 -12.66
CA GLY G 145 62.43 38.12 -13.27
C GLY G 145 62.58 39.26 -12.29
N SER G 146 62.09 40.44 -12.66
CA SER G 146 62.22 41.64 -11.83
C SER G 146 61.28 41.57 -10.64
N GLN G 147 61.74 40.89 -9.59
CA GLN G 147 61.03 40.80 -8.33
C GLN G 147 62.06 40.59 -7.23
N HIS G 148 61.69 40.96 -6.01
CA HIS G 148 62.57 40.86 -4.87
C HIS G 148 62.33 39.55 -4.13
N SER G 149 62.97 39.41 -2.97
CA SER G 149 62.75 38.23 -2.14
C SER G 149 61.39 38.24 -1.47
N GLY G 150 60.78 39.41 -1.30
CA GLY G 150 59.47 39.52 -0.69
C GLY G 150 58.32 39.33 -1.67
N MET G 151 58.64 39.03 -2.93
CA MET G 151 57.62 38.70 -3.91
C MET G 151 57.65 37.23 -4.29
N ILE G 152 58.61 36.47 -3.78
CA ILE G 152 58.66 35.02 -4.00
C ILE G 152 57.54 34.33 -3.22
N VAL G 153 57.34 34.75 -1.98
CA VAL G 153 56.23 34.22 -1.18
C VAL G 153 55.11 35.24 -1.00
N ASN G 154 55.39 36.52 -1.26
CA ASN G 154 54.38 37.56 -1.10
C ASN G 154 53.42 37.50 -2.29
N ASP G 155 52.36 36.71 -2.15
CA ASP G 155 51.36 36.56 -3.19
C ASP G 155 50.16 37.47 -3.00
N THR G 156 50.26 38.47 -2.12
CA THR G 156 49.16 39.40 -1.88
C THR G 156 49.02 40.35 -3.06
N GLY G 157 48.05 40.06 -3.93
CA GLY G 157 47.83 40.86 -5.13
C GLY G 157 48.35 40.20 -6.38
N HIS G 158 47.44 39.61 -7.16
CA HIS G 158 47.81 38.99 -8.42
C HIS G 158 47.27 39.71 -9.65
N GLU G 159 46.14 40.42 -9.53
CA GLU G 159 45.64 41.21 -10.64
C GLU G 159 46.44 42.46 -10.90
N THR G 160 46.97 43.10 -9.85
CA THR G 160 47.72 44.33 -9.98
C THR G 160 49.23 44.08 -9.89
N ASP G 161 49.66 42.82 -10.00
CA ASP G 161 51.07 42.49 -9.88
C ASP G 161 51.85 42.75 -11.15
N GLU G 162 51.49 42.10 -12.26
CA GLU G 162 52.20 42.24 -13.53
C GLU G 162 53.44 41.35 -13.64
N ASN G 163 53.76 40.63 -12.56
CA ASN G 163 54.77 39.58 -12.59
C ASN G 163 54.21 38.22 -12.23
N ARG G 164 53.17 38.17 -11.42
CA ARG G 164 52.46 36.95 -11.09
C ARG G 164 50.97 37.23 -11.08
N ALA G 165 50.18 36.20 -11.38
CA ALA G 165 48.72 36.32 -11.40
C ALA G 165 48.13 34.91 -11.44
N LYS G 166 46.96 34.76 -10.84
CA LYS G 166 46.26 33.49 -10.81
C LYS G 166 45.16 33.47 -11.87
N VAL G 167 45.00 32.31 -12.50
CA VAL G 167 43.97 32.10 -13.51
C VAL G 167 43.21 30.83 -13.12
N GLU G 168 41.88 30.90 -13.15
CA GLU G 168 41.05 29.75 -12.84
C GLU G 168 40.62 29.09 -14.15
N ILE G 169 40.95 27.82 -14.29
CA ILE G 169 40.59 27.03 -15.48
C ILE G 169 39.52 26.04 -15.03
N THR G 170 38.39 26.05 -15.71
CA THR G 170 37.30 25.14 -15.40
C THR G 170 37.10 24.17 -16.55
N PRO G 171 36.18 23.21 -16.39
CA PRO G 171 35.76 22.38 -17.54
C PRO G 171 35.03 23.17 -18.62
N ASN G 172 34.30 24.22 -18.23
CA ASN G 172 33.64 25.06 -19.23
C ASN G 172 34.63 25.98 -19.93
N SER G 173 35.73 26.34 -19.26
CA SER G 173 36.73 27.24 -19.80
C SER G 173 38.09 26.58 -19.72
N PRO G 174 38.37 25.61 -20.60
CA PRO G 174 39.68 24.96 -20.57
C PRO G 174 40.79 25.79 -21.19
N ARG G 175 40.47 26.59 -22.21
CA ARG G 175 41.46 27.42 -22.88
C ARG G 175 41.39 28.84 -22.33
N ALA G 176 42.55 29.42 -22.05
CA ALA G 176 42.63 30.77 -21.51
C ALA G 176 43.97 31.37 -21.89
N GLU G 177 44.08 32.69 -21.72
CA GLU G 177 45.31 33.42 -22.01
C GLU G 177 45.47 34.49 -20.94
N ALA G 178 46.47 34.30 -20.07
CA ALA G 178 46.74 35.25 -19.00
C ALA G 178 47.77 36.25 -19.48
N THR G 179 47.36 37.52 -19.56
CA THR G 179 48.25 38.58 -20.04
C THR G 179 49.19 38.98 -18.91
N LEU G 180 50.42 38.48 -18.97
CA LEU G 180 51.46 38.81 -18.00
C LEU G 180 52.18 40.04 -18.54
N GLY G 181 51.97 41.18 -17.87
CA GLY G 181 52.44 42.48 -18.33
C GLY G 181 53.94 42.64 -18.47
N GLY G 182 54.36 43.01 -19.68
CA GLY G 182 55.76 43.01 -20.07
C GLY G 182 56.18 41.73 -20.76
N PHE G 183 55.78 40.58 -20.21
CA PHE G 183 56.13 39.28 -20.78
C PHE G 183 55.19 38.84 -21.89
N GLY G 184 54.09 39.54 -22.12
CA GLY G 184 53.16 39.18 -23.16
C GLY G 184 51.93 38.46 -22.61
N SER G 185 51.68 37.25 -23.09
CA SER G 185 50.49 36.51 -22.68
C SER G 185 50.83 35.04 -22.66
N LEU G 186 50.70 34.41 -21.48
CA LEU G 186 50.90 32.99 -21.36
C LEU G 186 49.59 32.28 -21.68
N GLY G 187 49.64 31.32 -22.61
CA GLY G 187 48.45 30.61 -23.03
C GLY G 187 48.30 29.29 -22.31
N LEU G 188 47.20 29.16 -21.56
CA LEU G 188 46.88 27.93 -20.87
C LEU G 188 45.88 27.12 -21.69
N ASP G 189 46.24 25.86 -21.94
CA ASP G 189 45.40 24.93 -22.70
C ASP G 189 45.15 23.69 -21.87
N CYS G 190 44.79 23.89 -20.60
CA CYS G 190 44.52 22.79 -19.68
C CYS G 190 43.21 22.10 -20.04
N GLU G 191 43.19 20.78 -19.85
CA GLU G 191 42.02 19.94 -20.15
C GLU G 191 41.25 19.72 -18.85
N PRO G 192 40.22 20.54 -18.59
CA PRO G 192 39.42 20.33 -17.38
C PRO G 192 38.51 19.12 -17.46
N ARG G 193 38.18 18.66 -18.66
CA ARG G 193 37.45 17.40 -18.81
C ARG G 193 38.32 16.20 -18.47
N THR G 194 39.61 16.27 -18.74
CA THR G 194 40.55 15.21 -18.35
C THR G 194 41.11 15.49 -16.96
N GLY G 195 40.25 15.27 -15.96
CA GLY G 195 40.62 15.52 -14.58
C GLY G 195 41.23 14.30 -13.90
N LEU G 196 41.44 14.39 -12.59
CA LEU G 196 42.08 13.31 -11.84
C LEU G 196 41.02 12.42 -11.19
N ASP G 197 40.13 11.88 -12.03
CA ASP G 197 39.10 10.93 -11.60
C ASP G 197 38.04 11.56 -10.70
N PHE G 198 37.48 12.69 -11.11
CA PHE G 198 36.48 13.37 -10.30
C PHE G 198 35.13 12.67 -10.29
N SER G 199 34.83 11.84 -11.29
CA SER G 199 33.56 11.13 -11.34
C SER G 199 33.60 9.79 -10.61
N ASP G 200 34.77 9.34 -10.17
CA ASP G 200 34.91 8.06 -9.49
C ASP G 200 35.04 8.22 -7.98
N LEU G 201 34.86 9.44 -7.47
CA LEU G 201 35.06 9.71 -6.06
C LEU G 201 33.94 10.58 -5.52
N TYR G 202 33.70 10.45 -4.21
CA TYR G 202 32.74 11.27 -3.49
C TYR G 202 33.47 12.02 -2.37
N TYR G 203 32.89 13.14 -1.95
CA TYR G 203 33.45 13.97 -0.88
C TYR G 203 32.62 13.73 0.38
N LEU G 204 33.07 12.80 1.21
CA LEU G 204 32.36 12.51 2.45
C LEU G 204 32.72 13.54 3.52
N THR G 205 31.68 13.97 4.25
CA THR G 205 31.86 14.92 5.35
C THR G 205 31.33 14.25 6.61
N MET G 206 32.15 14.25 7.66
CA MET G 206 31.78 13.67 8.96
C MET G 206 32.55 14.44 10.04
N ASN G 207 31.82 15.24 10.82
CA ASN G 207 32.42 16.04 11.89
C ASN G 207 33.24 17.21 11.33
N ASN G 208 32.85 17.66 10.14
CA ASN G 208 33.59 18.70 9.43
C ASN G 208 34.90 18.16 8.87
N LYS G 209 34.92 16.85 8.60
CA LYS G 209 36.10 16.20 8.06
C LYS G 209 35.82 15.80 6.62
N HIS G 210 36.25 16.64 5.69
CA HIS G 210 36.09 16.39 4.26
C HIS G 210 37.12 15.35 3.83
N TRP G 211 36.65 14.32 3.14
CA TRP G 211 37.52 13.28 2.63
C TRP G 211 37.05 12.86 1.25
N LEU G 212 37.98 12.88 0.30
CA LEU G 212 37.69 12.48 -1.08
C LEU G 212 37.83 10.96 -1.18
N VAL G 213 36.80 10.27 -0.70
CA VAL G 213 36.80 8.81 -0.69
C VAL G 213 36.39 8.32 -2.07
N HIS G 214 36.63 7.04 -2.34
CA HIS G 214 36.28 6.46 -3.62
C HIS G 214 34.77 6.26 -3.72
N LYS G 215 34.29 6.10 -4.96
CA LYS G 215 32.86 5.90 -5.18
C LYS G 215 32.41 4.53 -4.73
N GLU G 216 33.27 3.51 -4.88
CA GLU G 216 32.93 2.17 -4.41
C GLU G 216 32.97 2.08 -2.90
N TRP G 217 33.91 2.78 -2.26
CA TRP G 217 33.95 2.83 -0.80
C TRP G 217 32.83 3.69 -0.23
N PHE G 218 32.43 4.73 -0.95
CA PHE G 218 31.30 5.55 -0.52
C PHE G 218 29.98 4.82 -0.69
N HIS G 219 29.87 3.97 -1.72
CA HIS G 219 28.68 3.16 -1.93
C HIS G 219 28.75 1.83 -1.19
N ASP G 220 29.82 1.57 -0.46
CA ASP G 220 29.97 0.34 0.31
C ASP G 220 30.00 0.57 1.81
N ILE G 221 29.61 1.75 2.28
CA ILE G 221 29.63 2.07 3.71
C ILE G 221 28.42 1.41 4.38
N PRO G 222 28.63 0.54 5.37
CA PRO G 222 27.49 -0.12 6.04
C PRO G 222 26.99 0.63 7.27
N LEU G 223 26.31 1.74 7.03
CA LEU G 223 25.71 2.56 8.08
C LEU G 223 24.22 2.66 7.80
N PRO G 224 23.45 3.30 8.68
CA PRO G 224 22.03 3.54 8.39
C PRO G 224 21.89 4.63 7.36
N TRP G 225 21.57 4.24 6.12
CA TRP G 225 21.67 5.11 4.97
C TRP G 225 20.41 5.94 4.80
N HIS G 226 20.50 7.21 5.15
CA HIS G 226 19.55 8.20 4.69
C HIS G 226 19.73 8.37 3.18
N ALA G 227 18.62 8.43 2.46
CA ALA G 227 18.65 8.30 1.01
C ALA G 227 19.14 9.56 0.31
N GLY G 228 18.38 10.65 0.42
CA GLY G 228 18.71 11.86 -0.29
C GLY G 228 18.63 13.12 0.56
N ALA G 229 17.83 14.10 0.12
CA ALA G 229 17.67 15.36 0.85
C ALA G 229 16.48 15.33 1.80
N ASP G 230 15.98 14.14 2.11
CA ASP G 230 14.89 13.96 3.06
C ASP G 230 15.49 14.13 4.45
N THR G 231 15.46 15.37 4.95
CA THR G 231 16.10 15.72 6.21
C THR G 231 15.21 15.47 7.43
N GLY G 232 14.00 14.97 7.22
CA GLY G 232 13.09 14.70 8.32
C GLY G 232 13.35 13.35 8.92
N THR G 233 12.33 12.49 8.86
CA THR G 233 12.49 11.10 9.30
C THR G 233 13.35 10.38 8.26
N PRO G 234 14.57 9.98 8.59
CA PRO G 234 15.43 9.30 7.62
C PRO G 234 14.95 7.88 7.34
N HIS G 235 15.24 7.42 6.13
CA HIS G 235 14.88 6.06 5.72
C HIS G 235 15.66 5.00 6.49
N TRP G 236 16.93 5.26 6.77
CA TRP G 236 17.83 4.34 7.44
C TRP G 236 18.01 3.05 6.64
N ASN G 237 18.57 3.21 5.43
CA ASN G 237 18.90 2.06 4.59
C ASN G 237 20.05 1.29 5.21
N ASN G 238 19.77 0.02 5.55
CA ASN G 238 20.67 -0.78 6.37
C ASN G 238 20.74 -0.21 7.80
N LYS G 239 19.57 0.16 8.32
CA LYS G 239 19.50 0.74 9.65
C LYS G 239 19.54 -0.32 10.74
N GLU G 240 19.31 -1.58 10.38
CA GLU G 240 19.33 -2.67 11.36
C GLU G 240 20.73 -3.13 11.72
N ALA G 241 21.75 -2.69 10.97
CA ALA G 241 23.12 -3.07 11.22
C ALA G 241 23.74 -2.34 12.41
N LEU G 242 23.12 -1.27 12.90
CA LEU G 242 23.68 -0.51 14.02
C LEU G 242 23.30 -1.06 15.38
N VAL G 243 22.16 -1.72 15.50
CA VAL G 243 21.73 -2.31 16.76
C VAL G 243 21.81 -3.83 16.67
N GLU G 244 21.87 -4.47 17.83
CA GLU G 244 21.87 -5.93 17.93
C GLU G 244 20.92 -6.32 19.04
N PHE G 245 19.90 -7.10 18.70
CA PHE G 245 18.93 -7.58 19.68
C PHE G 245 19.43 -8.92 20.21
N LYS G 246 20.22 -8.87 21.27
CA LYS G 246 20.77 -10.06 21.91
C LYS G 246 19.70 -10.66 22.81
N ASP G 247 19.21 -11.83 22.45
CA ASP G 247 18.24 -12.53 23.28
C ASP G 247 18.96 -13.25 24.41
N ALA G 248 18.32 -13.33 25.57
CA ALA G 248 18.88 -14.03 26.72
C ALA G 248 18.40 -15.48 26.70
N HIS G 249 18.67 -16.21 27.78
CA HIS G 249 18.19 -17.57 27.93
C HIS G 249 16.69 -17.64 28.26
N ALA G 250 16.12 -16.53 28.71
CA ALA G 250 14.71 -16.39 28.98
C ALA G 250 14.16 -15.32 28.06
N LYS G 251 12.93 -14.86 28.31
CA LYS G 251 12.29 -13.87 27.44
C LYS G 251 12.81 -12.45 27.69
N ARG G 252 14.10 -12.21 27.42
CA ARG G 252 14.67 -10.87 27.51
C ARG G 252 15.56 -10.64 26.30
N GLN G 253 15.04 -9.94 25.31
CA GLN G 253 15.77 -9.63 24.08
C GLN G 253 16.27 -8.20 24.19
N THR G 254 17.45 -8.03 24.78
CA THR G 254 18.01 -6.70 25.00
C THR G 254 18.58 -6.18 23.69
N VAL G 255 18.01 -5.08 23.21
CA VAL G 255 18.45 -4.44 21.97
C VAL G 255 19.49 -3.39 22.35
N VAL G 256 20.75 -3.65 21.98
CA VAL G 256 21.84 -2.74 22.30
C VAL G 256 22.37 -2.15 21.00
N VAL G 257 22.37 -0.83 20.94
CA VAL G 257 22.89 -0.12 19.79
C VAL G 257 24.41 -0.17 19.82
N LEU G 258 25.03 -0.10 18.64
CA LEU G 258 26.48 -0.09 18.58
C LEU G 258 27.02 1.30 18.94
N GLY G 259 28.34 1.38 19.07
CA GLY G 259 28.99 2.61 19.45
C GLY G 259 29.19 3.55 18.26
N SER G 260 30.01 4.58 18.48
CA SER G 260 30.26 5.58 17.46
C SER G 260 31.21 5.01 16.41
N GLN G 261 30.77 5.01 15.16
CA GLN G 261 31.55 4.48 14.05
C GLN G 261 32.42 5.53 13.38
N GLU G 262 32.56 6.71 13.99
CA GLU G 262 33.40 7.77 13.42
C GLU G 262 34.87 7.41 13.52
N GLY G 263 35.24 6.69 14.58
CA GLY G 263 36.59 6.16 14.68
C GLY G 263 36.92 5.10 13.64
N ALA G 264 35.98 4.18 13.40
CA ALA G 264 36.14 3.20 12.34
C ALA G 264 36.08 3.84 10.96
N VAL G 265 35.30 4.90 10.79
CA VAL G 265 35.31 5.70 9.57
C VAL G 265 36.64 6.44 9.37
N HIS G 266 37.26 6.93 10.45
CA HIS G 266 38.60 7.48 10.33
C HIS G 266 39.62 6.41 10.02
N THR G 267 39.43 5.20 10.56
CA THR G 267 40.25 4.06 10.23
C THR G 267 40.09 3.59 8.79
N ALA G 268 38.91 3.76 8.20
CA ALA G 268 38.71 3.48 6.79
C ALA G 268 39.02 4.67 5.90
N LEU G 269 39.27 5.84 6.49
CA LEU G 269 39.55 7.05 5.72
C LEU G 269 41.04 7.35 5.66
N ALA G 270 41.85 6.37 6.05
CA ALA G 270 43.30 6.50 5.96
C ALA G 270 43.80 6.45 4.53
N GLY G 271 43.20 5.62 3.68
CA GLY G 271 43.61 5.50 2.30
C GLY G 271 43.05 6.55 1.37
N ALA G 272 42.18 7.42 1.88
CA ALA G 272 41.63 8.50 1.09
C ALA G 272 42.41 9.79 1.38
N LEU G 273 42.18 10.80 0.55
CA LEU G 273 42.81 12.11 0.72
C LEU G 273 41.84 13.04 1.42
N GLU G 274 42.27 13.65 2.52
CA GLU G 274 41.45 14.59 3.25
C GLU G 274 41.38 15.91 2.49
N ALA G 275 40.17 16.31 2.12
CA ALA G 275 39.95 17.54 1.38
C ALA G 275 39.34 18.59 2.30
N GLU G 276 39.51 19.86 1.90
CA GLU G 276 38.98 20.98 2.67
C GLU G 276 37.65 21.41 2.07
N MET G 277 36.86 22.16 2.84
CA MET G 277 35.56 22.64 2.38
C MET G 277 35.45 24.11 2.74
N ASP G 278 35.45 24.96 1.73
CA ASP G 278 35.34 26.41 1.91
C ASP G 278 33.93 26.91 1.68
N GLY G 279 32.94 26.12 2.06
CA GLY G 279 31.55 26.46 1.83
C GLY G 279 30.97 25.69 0.67
N ALA G 280 30.39 26.40 -0.30
CA ALA G 280 29.89 25.79 -1.52
C ALA G 280 31.01 25.28 -2.42
N LYS G 281 32.20 25.88 -2.34
CA LYS G 281 33.37 25.41 -3.09
C LYS G 281 34.30 24.67 -2.14
N GLY G 282 34.26 23.34 -2.20
CA GLY G 282 35.20 22.51 -1.47
C GLY G 282 36.61 22.64 -2.03
N ARG G 283 37.58 22.89 -1.15
CA ARG G 283 38.95 23.11 -1.58
C ARG G 283 39.74 21.81 -1.56
N LEU G 284 39.91 21.21 -2.73
CA LEU G 284 40.81 20.08 -2.91
C LEU G 284 42.17 20.58 -3.36
N SER G 285 43.19 20.31 -2.56
CA SER G 285 44.53 20.86 -2.78
C SER G 285 45.46 19.87 -3.46
N SER G 286 44.93 18.78 -4.01
CA SER G 286 45.77 17.79 -4.67
C SER G 286 45.11 17.41 -5.99
N GLY G 287 45.90 16.81 -6.87
CA GLY G 287 45.43 16.37 -8.16
C GLY G 287 46.53 16.46 -9.19
N HIS G 288 46.16 16.21 -10.44
CA HIS G 288 47.12 16.23 -11.54
C HIS G 288 46.36 16.51 -12.83
N LEU G 289 46.57 17.71 -13.37
CA LEU G 289 45.94 18.10 -14.63
C LEU G 289 46.98 18.03 -15.75
N LYS G 290 46.56 18.31 -16.97
CA LYS G 290 47.46 18.28 -18.13
C LYS G 290 47.26 19.60 -18.87
N CYS G 291 48.30 20.42 -18.89
CA CYS G 291 48.21 21.80 -19.37
C CYS G 291 48.94 21.93 -20.70
N ARG G 292 48.32 22.67 -21.62
CA ARG G 292 48.96 23.07 -22.86
C ARG G 292 49.49 24.49 -22.69
N LEU G 293 50.80 24.62 -22.50
CA LEU G 293 51.45 25.90 -22.30
C LEU G 293 51.65 26.52 -23.68
N LYS G 294 50.96 27.64 -23.92
CA LYS G 294 51.11 28.41 -25.14
C LYS G 294 52.17 29.48 -24.90
N MET G 295 53.36 29.27 -25.44
CA MET G 295 54.48 30.19 -25.27
C MET G 295 54.67 31.09 -26.47
N ASP G 296 53.71 31.10 -27.40
CA ASP G 296 53.80 31.97 -28.56
C ASP G 296 53.58 33.43 -28.20
N LYS G 297 52.64 33.72 -27.30
CA LYS G 297 52.41 35.07 -26.83
C LYS G 297 53.39 35.50 -25.75
N LEU G 298 54.16 34.57 -25.19
CA LEU G 298 55.14 34.88 -24.15
C LEU G 298 56.37 35.49 -24.81
N ARG G 299 56.68 36.73 -24.45
CA ARG G 299 57.84 37.43 -24.97
C ARG G 299 58.80 37.75 -23.83
N LEU G 300 60.03 38.10 -24.20
CA LEU G 300 61.05 38.48 -23.24
C LEU G 300 60.95 39.98 -22.99
N LYS G 301 60.39 40.35 -21.84
CA LYS G 301 60.22 41.75 -21.49
C LYS G 301 61.55 42.35 -21.08
N GLY G 302 61.78 43.61 -21.48
CA GLY G 302 63.01 44.30 -21.15
C GLY G 302 64.22 43.85 -21.96
N VAL G 303 64.02 43.16 -23.07
CA VAL G 303 65.12 42.77 -23.94
C VAL G 303 65.73 43.98 -24.64
N SER G 304 64.91 44.95 -25.03
CA SER G 304 65.42 46.19 -25.60
C SER G 304 65.95 47.14 -24.55
N TYR G 305 65.66 46.92 -23.27
CA TYR G 305 66.24 47.69 -22.20
C TYR G 305 67.72 47.36 -22.06
N SER G 306 68.52 48.39 -21.81
CA SER G 306 69.97 48.22 -21.78
C SER G 306 70.42 47.63 -20.44
N LEU G 307 71.73 47.43 -20.34
CA LEU G 307 72.33 46.91 -19.11
C LEU G 307 72.31 47.98 -18.02
N CYS G 308 72.45 47.52 -16.78
CA CYS G 308 72.48 48.42 -15.64
C CYS G 308 73.81 49.15 -15.57
N THR G 309 73.83 50.26 -14.86
CA THR G 309 75.03 51.09 -14.76
C THR G 309 76.09 50.44 -13.87
N ALA G 310 75.80 50.28 -12.58
CA ALA G 310 76.76 49.70 -11.65
C ALA G 310 76.07 49.47 -10.32
N ALA G 311 76.85 49.03 -9.34
CA ALA G 311 76.42 48.90 -7.95
C ALA G 311 75.43 47.74 -7.78
N PHE G 312 75.79 46.60 -8.38
CA PHE G 312 75.09 45.36 -8.10
C PHE G 312 75.71 44.70 -6.87
N THR G 313 75.02 44.82 -5.74
CA THR G 313 75.57 44.35 -4.47
C THR G 313 74.78 43.12 -4.02
N PHE G 314 75.46 41.99 -3.95
CA PHE G 314 74.80 40.73 -3.59
C PHE G 314 74.54 40.70 -2.09
N THR G 315 73.43 41.28 -1.66
CA THR G 315 73.01 41.25 -0.27
C THR G 315 72.08 40.06 -0.04
N LYS G 316 72.33 39.31 1.03
CA LYS G 316 71.72 37.99 1.19
C LYS G 316 72.21 37.07 0.08
N ILE G 317 73.50 36.76 0.10
CA ILE G 317 74.16 35.93 -0.92
C ILE G 317 73.61 34.50 -0.85
N PRO G 318 73.12 33.96 -1.96
CA PRO G 318 72.38 32.70 -1.89
C PRO G 318 73.27 31.49 -2.18
N ALA G 319 72.65 30.31 -2.07
CA ALA G 319 73.29 29.05 -2.39
C ALA G 319 72.31 28.22 -3.22
N GLU G 320 72.61 26.93 -3.35
CA GLU G 320 71.76 26.00 -4.09
C GLU G 320 70.47 25.77 -3.31
N THR G 321 69.33 25.96 -3.97
CA THR G 321 68.03 25.87 -3.32
C THR G 321 67.40 24.48 -3.51
N LEU G 322 68.19 23.45 -3.18
CA LEU G 322 67.69 22.08 -3.14
C LEU G 322 67.64 21.40 -4.51
N HIS G 323 68.03 22.11 -5.57
CA HIS G 323 68.01 21.56 -6.91
C HIS G 323 69.18 21.96 -7.78
N GLY G 324 70.16 22.67 -7.24
CA GLY G 324 71.28 23.17 -8.01
C GLY G 324 71.13 24.59 -8.49
N THR G 325 69.93 25.14 -8.41
CA THR G 325 69.70 26.53 -8.80
C THR G 325 70.12 27.46 -7.66
N VAL G 326 70.90 28.48 -8.02
CA VAL G 326 71.43 29.43 -7.06
C VAL G 326 70.59 30.70 -7.17
N THR G 327 69.84 31.02 -6.12
CA THR G 327 68.99 32.19 -6.10
C THR G 327 69.86 33.39 -5.71
N VAL G 328 70.08 34.30 -6.66
CA VAL G 328 70.92 35.47 -6.45
C VAL G 328 70.01 36.62 -6.03
N GLU G 329 70.19 37.10 -4.81
CA GLU G 329 69.49 38.27 -4.32
C GLU G 329 70.45 39.45 -4.36
N VAL G 330 70.11 40.47 -5.14
CA VAL G 330 71.00 41.59 -5.36
C VAL G 330 70.27 42.89 -5.01
N GLN G 331 71.06 43.91 -4.70
CA GLN G 331 70.58 45.27 -4.50
C GLN G 331 71.28 46.11 -5.55
N TYR G 332 70.53 46.50 -6.58
CA TYR G 332 71.05 47.39 -7.61
C TYR G 332 71.15 48.80 -7.03
N ALA G 333 72.37 49.21 -6.68
CA ALA G 333 72.63 50.56 -6.20
C ALA G 333 72.87 51.42 -7.44
N GLY G 334 71.85 52.14 -7.86
CA GLY G 334 71.93 52.95 -9.04
C GLY G 334 70.56 53.30 -9.58
N THR G 335 70.50 54.43 -10.28
CA THR G 335 69.26 55.00 -10.79
C THR G 335 69.07 54.75 -12.28
N ASP G 336 69.46 53.55 -12.75
CA ASP G 336 69.39 53.24 -14.17
C ASP G 336 67.97 53.01 -14.66
N GLY G 337 67.01 52.79 -13.76
CA GLY G 337 65.63 52.60 -14.15
C GLY G 337 65.40 51.22 -14.72
N PRO G 338 65.17 51.14 -16.03
CA PRO G 338 65.03 49.82 -16.67
C PRO G 338 66.36 49.27 -17.16
N CYS G 339 67.31 49.10 -16.24
CA CYS G 339 68.62 48.55 -16.54
C CYS G 339 68.57 47.03 -16.46
N LYS G 340 69.55 46.39 -17.07
CA LYS G 340 69.67 44.94 -17.09
C LYS G 340 70.84 44.52 -16.21
N VAL G 341 70.65 43.50 -15.39
CA VAL G 341 71.69 43.03 -14.48
C VAL G 341 72.73 42.24 -15.28
N PRO G 342 73.93 42.78 -15.48
CA PRO G 342 74.98 42.01 -16.17
C PRO G 342 75.76 41.11 -15.22
N ALA G 343 75.17 39.97 -14.89
CA ALA G 343 75.75 39.02 -13.96
C ALA G 343 76.26 37.80 -14.72
N GLN G 344 77.26 37.14 -14.13
CA GLN G 344 77.85 35.96 -14.74
C GLN G 344 78.28 35.00 -13.62
N MET G 345 78.13 33.71 -13.89
CA MET G 345 78.57 32.66 -12.98
C MET G 345 79.55 31.76 -13.70
N ALA G 346 80.81 31.78 -13.26
CA ALA G 346 81.87 31.02 -13.93
C ALA G 346 82.96 30.69 -12.90
N VAL G 347 83.64 29.57 -13.13
CA VAL G 347 84.80 29.23 -12.31
C VAL G 347 86.01 30.05 -12.74
N ASP G 348 86.35 29.97 -14.03
CA ASP G 348 87.50 30.68 -14.59
C ASP G 348 87.19 32.16 -14.77
N MET G 349 87.78 32.98 -13.90
CA MET G 349 87.60 34.41 -13.97
C MET G 349 88.58 35.08 -14.94
N GLN G 350 89.63 34.37 -15.35
CA GLN G 350 90.55 34.91 -16.34
C GLN G 350 90.01 34.76 -17.77
N THR G 351 88.99 33.93 -17.96
CA THR G 351 88.38 33.77 -19.28
C THR G 351 87.11 34.59 -19.41
N LEU G 352 86.23 34.56 -18.41
CA LEU G 352 84.98 35.32 -18.43
C LEU G 352 83.94 34.67 -19.35
N THR G 353 84.11 33.37 -19.58
CA THR G 353 83.17 32.62 -20.39
C THR G 353 81.92 32.31 -19.57
N PRO G 354 80.78 32.06 -20.21
CA PRO G 354 79.59 31.65 -19.45
C PRO G 354 79.71 30.21 -18.96
N VAL G 355 79.41 29.99 -17.68
CA VAL G 355 79.60 28.68 -17.07
C VAL G 355 78.30 27.88 -16.99
N GLY G 356 77.19 28.50 -16.66
CA GLY G 356 75.93 27.77 -16.52
C GLY G 356 74.74 28.57 -16.98
N ARG G 357 73.63 27.86 -17.22
CA ARG G 357 72.38 28.49 -17.60
C ARG G 357 71.75 29.19 -16.40
N LEU G 358 70.94 30.21 -16.69
CA LEU G 358 70.30 31.02 -15.66
C LEU G 358 68.84 30.61 -15.57
N ILE G 359 68.34 30.50 -14.34
CA ILE G 359 66.92 30.20 -14.14
C ILE G 359 66.07 31.42 -14.47
N THR G 360 66.31 32.53 -13.79
CA THR G 360 65.67 33.80 -14.13
C THR G 360 66.52 34.46 -15.22
N ALA G 361 66.33 34.01 -16.46
CA ALA G 361 67.08 34.55 -17.58
C ALA G 361 66.58 35.94 -17.94
N ASN G 362 67.48 36.77 -18.48
CA ASN G 362 67.20 38.16 -18.77
C ASN G 362 66.97 38.92 -17.47
N PRO G 363 67.95 38.97 -16.58
CA PRO G 363 67.77 39.71 -15.32
C PRO G 363 67.82 41.21 -15.55
N VAL G 364 66.67 41.86 -15.39
CA VAL G 364 66.52 43.29 -15.65
C VAL G 364 66.03 43.96 -14.38
N ILE G 365 66.73 45.01 -13.95
CA ILE G 365 66.27 45.82 -12.83
C ILE G 365 65.11 46.68 -13.32
N THR G 366 64.03 46.70 -12.55
CA THR G 366 62.81 47.40 -12.93
C THR G 366 62.63 48.74 -12.23
N GLU G 367 63.06 48.85 -10.97
CA GLU G 367 62.81 50.06 -10.19
C GLU G 367 63.76 51.17 -10.60
N SER G 368 63.28 52.41 -10.48
CA SER G 368 64.08 53.59 -10.77
C SER G 368 64.65 54.25 -9.51
N THR G 369 64.57 53.59 -8.36
CA THR G 369 65.03 54.16 -7.11
C THR G 369 66.55 54.03 -6.98
N GLU G 370 67.06 54.35 -5.79
CA GLU G 370 68.49 54.29 -5.56
C GLU G 370 68.97 52.85 -5.36
N ASN G 371 68.46 52.17 -4.34
CA ASN G 371 68.80 50.78 -4.06
C ASN G 371 67.56 49.94 -4.34
N SER G 372 67.61 49.16 -5.42
CA SER G 372 66.48 48.34 -5.86
C SER G 372 66.78 46.89 -5.54
N LYS G 373 65.97 46.29 -4.66
CA LYS G 373 66.14 44.89 -4.35
C LYS G 373 65.53 44.03 -5.45
N MET G 374 66.30 43.06 -5.93
CA MET G 374 65.84 42.17 -6.99
C MET G 374 66.36 40.77 -6.70
N MET G 375 65.66 39.78 -7.26
CA MET G 375 66.05 38.39 -7.12
C MET G 375 66.32 37.81 -8.50
N LEU G 376 67.51 37.22 -8.67
CA LEU G 376 67.88 36.51 -9.88
C LEU G 376 68.10 35.04 -9.53
N GLU G 377 68.28 34.22 -10.57
CA GLU G 377 68.45 32.78 -10.36
C GLU G 377 69.34 32.24 -11.45
N LEU G 378 70.34 31.44 -11.06
CA LEU G 378 71.26 30.81 -11.99
C LEU G 378 71.47 29.35 -11.58
N ASP G 379 71.80 28.52 -12.57
CA ASP G 379 72.02 27.09 -12.37
C ASP G 379 73.38 26.73 -12.95
N PRO G 380 74.45 26.82 -12.17
CA PRO G 380 75.78 26.49 -12.68
C PRO G 380 76.04 24.99 -12.60
N PRO G 381 77.26 24.56 -12.93
CA PRO G 381 77.59 23.14 -12.87
C PRO G 381 77.79 22.65 -11.44
N PHE G 382 78.18 21.37 -11.34
CA PHE G 382 78.32 20.72 -10.04
C PHE G 382 79.59 21.20 -9.36
N GLY G 383 79.42 21.78 -8.16
CA GLY G 383 80.53 22.27 -7.38
C GLY G 383 80.30 23.71 -6.95
N ASP G 384 81.41 24.41 -6.72
CA ASP G 384 81.35 25.83 -6.38
C ASP G 384 82.02 26.63 -7.48
N SER G 385 81.68 27.91 -7.58
CA SER G 385 82.22 28.76 -8.63
C SER G 385 82.19 30.21 -8.16
N TYR G 386 82.54 31.11 -9.09
CA TYR G 386 82.58 32.53 -8.81
C TYR G 386 81.36 33.21 -9.44
N ILE G 387 80.73 34.10 -8.68
CA ILE G 387 79.56 34.83 -9.16
C ILE G 387 79.96 36.30 -9.26
N VAL G 388 80.22 36.76 -10.47
CA VAL G 388 80.54 38.16 -10.73
C VAL G 388 79.24 38.89 -11.04
N ILE G 389 78.79 39.74 -10.13
CA ILE G 389 77.56 40.51 -10.30
C ILE G 389 77.94 41.92 -10.72
N GLY G 390 78.02 42.15 -12.02
CA GLY G 390 78.41 43.44 -12.54
C GLY G 390 79.79 43.38 -13.19
N VAL G 391 80.25 44.53 -13.63
CA VAL G 391 81.56 44.69 -14.24
C VAL G 391 82.44 45.47 -13.28
N GLY G 392 83.58 44.88 -12.90
CA GLY G 392 84.48 45.50 -11.95
C GLY G 392 83.98 45.45 -10.53
N ILE H 1 -27.60 -51.96 12.69
CA ILE H 1 -27.77 -51.22 13.93
C ILE H 1 -26.78 -50.06 14.00
N ARG H 2 -26.73 -49.27 12.92
CA ARG H 2 -25.87 -48.12 12.73
C ARG H 2 -24.44 -48.49 12.33
N CYS H 3 -24.08 -49.77 12.26
CA CYS H 3 -22.76 -50.19 11.81
C CYS H 3 -22.80 -51.29 10.77
N ILE H 4 -23.92 -52.03 10.67
CA ILE H 4 -24.03 -53.10 9.69
C ILE H 4 -24.26 -52.59 8.28
N GLY H 5 -24.81 -51.38 8.13
CA GLY H 5 -25.08 -50.83 6.82
C GLY H 5 -23.92 -50.06 6.23
N VAL H 6 -22.81 -50.01 6.94
CA VAL H 6 -21.61 -49.31 6.47
C VAL H 6 -20.92 -50.16 5.42
N SER H 7 -20.57 -49.52 4.29
CA SER H 7 -19.83 -50.21 3.24
C SER H 7 -18.41 -50.54 3.65
N ASN H 8 -17.80 -49.72 4.50
CA ASN H 8 -16.48 -49.99 5.08
C ASN H 8 -16.62 -50.52 6.51
N ARG H 9 -17.67 -51.30 6.75
CA ARG H 9 -17.94 -51.84 8.08
C ARG H 9 -16.96 -52.96 8.42
N ASP H 10 -16.41 -52.91 9.63
CA ASP H 10 -15.44 -53.89 10.10
C ASP H 10 -16.10 -54.83 11.08
N PHE H 11 -15.85 -56.12 10.90
CA PHE H 11 -16.39 -57.16 11.77
C PHE H 11 -15.31 -57.54 12.77
N VAL H 12 -15.59 -57.35 14.06
CA VAL H 12 -14.67 -57.65 15.14
C VAL H 12 -15.15 -58.93 15.81
N GLU H 13 -14.32 -59.97 15.75
CA GLU H 13 -14.63 -61.24 16.41
C GLU H 13 -13.38 -61.73 17.10
N GLY H 14 -13.51 -62.02 18.39
CA GLY H 14 -12.37 -62.48 19.18
C GLY H 14 -11.59 -61.33 19.77
N MET H 15 -11.44 -61.34 21.09
CA MET H 15 -10.68 -60.32 21.81
C MET H 15 -9.59 -61.00 22.63
N SER H 16 -8.82 -60.19 23.35
CA SER H 16 -7.74 -60.71 24.20
C SER H 16 -8.32 -61.16 25.54
N GLY H 17 -8.98 -62.32 25.50
CA GLY H 17 -9.66 -62.87 26.65
C GLY H 17 -10.94 -62.15 27.05
N GLY H 18 -11.46 -61.27 26.18
CA GLY H 18 -12.62 -60.48 26.50
C GLY H 18 -12.33 -59.22 27.29
N THR H 19 -11.08 -59.01 27.72
CA THR H 19 -10.74 -57.85 28.53
C THR H 19 -10.42 -56.64 27.67
N TRP H 20 -9.41 -56.76 26.80
CA TRP H 20 -9.00 -55.64 25.97
C TRP H 20 -8.97 -56.09 24.52
N VAL H 21 -9.59 -55.27 23.66
CA VAL H 21 -9.55 -55.47 22.22
C VAL H 21 -8.97 -54.21 21.58
N ASP H 22 -7.99 -54.40 20.71
CA ASP H 22 -7.36 -53.29 19.99
C ASP H 22 -8.10 -53.06 18.69
N VAL H 23 -8.69 -51.88 18.53
CA VAL H 23 -9.47 -51.54 17.36
C VAL H 23 -8.97 -50.24 16.77
N VAL H 24 -9.28 -50.03 15.49
CA VAL H 24 -8.91 -48.82 14.76
C VAL H 24 -10.16 -47.97 14.68
N LEU H 25 -10.22 -46.92 15.50
CA LEU H 25 -11.37 -46.02 15.53
C LEU H 25 -11.22 -45.03 14.37
N GLU H 26 -11.71 -45.43 13.20
CA GLU H 26 -11.61 -44.60 12.01
C GLU H 26 -12.63 -43.47 12.06
N HIS H 27 -12.23 -42.32 11.52
CA HIS H 27 -13.11 -41.15 11.44
C HIS H 27 -14.24 -41.34 10.44
N GLY H 28 -14.01 -42.11 9.38
CA GLY H 28 -15.05 -42.37 8.40
C GLY H 28 -15.65 -43.76 8.48
N GLY H 29 -15.00 -44.67 9.21
CA GLY H 29 -15.46 -46.04 9.31
C GLY H 29 -16.17 -46.35 10.63
N CYS H 30 -16.85 -47.49 10.63
CA CYS H 30 -17.49 -48.01 11.83
C CYS H 30 -17.17 -49.50 11.93
N VAL H 31 -16.90 -49.95 13.16
CA VAL H 31 -16.47 -51.32 13.41
C VAL H 31 -17.50 -52.00 14.30
N THR H 32 -18.01 -53.14 13.85
CA THR H 32 -18.97 -53.93 14.61
C THR H 32 -18.19 -55.04 15.32
N VAL H 33 -18.40 -55.15 16.63
CA VAL H 33 -17.69 -56.12 17.47
C VAL H 33 -18.68 -57.18 17.92
N MET H 34 -18.34 -58.45 17.68
CA MET H 34 -19.14 -59.58 18.14
C MET H 34 -18.29 -60.41 19.09
N ALA H 35 -18.85 -60.71 20.26
CA ALA H 35 -18.13 -61.41 21.32
C ALA H 35 -18.87 -62.70 21.69
N GLN H 36 -18.26 -63.45 22.62
CA GLN H 36 -18.83 -64.73 23.02
C GLN H 36 -20.05 -64.56 23.92
N ASP H 37 -19.99 -63.61 24.85
CA ASP H 37 -21.07 -63.38 25.80
C ASP H 37 -21.57 -61.94 25.74
N LYS H 38 -21.28 -61.25 24.65
CA LYS H 38 -21.71 -59.87 24.47
C LYS H 38 -22.38 -59.73 23.11
N PRO H 39 -23.29 -58.77 22.97
CA PRO H 39 -23.91 -58.56 21.66
C PRO H 39 -22.99 -57.80 20.73
N THR H 40 -23.37 -57.76 19.45
CA THR H 40 -22.59 -57.03 18.45
C THR H 40 -22.81 -55.55 18.64
N VAL H 41 -21.76 -54.82 18.96
CA VAL H 41 -21.82 -53.37 19.17
C VAL H 41 -21.03 -52.70 18.05
N ASP H 42 -21.68 -51.81 17.32
CA ASP H 42 -21.05 -51.04 16.26
C ASP H 42 -20.60 -49.72 16.86
N ILE H 43 -19.29 -49.46 16.79
CA ILE H 43 -18.70 -48.21 17.25
C ILE H 43 -18.24 -47.44 16.03
N GLU H 44 -18.71 -46.20 15.91
CA GLU H 44 -18.34 -45.35 14.78
C GLU H 44 -17.91 -43.99 15.31
N LEU H 45 -16.63 -43.67 15.12
CA LEU H 45 -16.13 -42.36 15.52
C LEU H 45 -16.56 -41.33 14.47
N VAL H 46 -17.76 -40.78 14.64
CA VAL H 46 -18.36 -39.89 13.66
C VAL H 46 -18.07 -38.43 13.95
N THR H 47 -18.09 -38.04 15.23
CA THR H 47 -17.85 -36.66 15.61
C THR H 47 -16.36 -36.45 15.82
N THR H 48 -15.89 -35.26 15.47
CA THR H 48 -14.52 -34.85 15.71
C THR H 48 -14.52 -33.34 15.89
N THR H 49 -14.52 -32.91 17.14
CA THR H 49 -14.62 -31.48 17.46
C THR H 49 -13.24 -30.95 17.84
N VAL H 50 -12.76 -29.97 17.09
CA VAL H 50 -11.51 -29.28 17.40
C VAL H 50 -11.90 -27.93 18.00
N SER H 51 -11.57 -27.72 19.28
CA SER H 51 -11.99 -26.55 20.02
C SER H 51 -10.78 -25.69 20.39
N ASN H 52 -10.95 -24.37 20.31
CA ASN H 52 -9.92 -23.39 20.62
C ASN H 52 -8.73 -23.48 19.66
N MET H 53 -9.03 -23.27 18.39
CA MET H 53 -8.01 -23.24 17.35
C MET H 53 -7.48 -21.81 17.22
N ALA H 54 -6.29 -21.56 17.74
CA ALA H 54 -5.69 -20.24 17.77
C ALA H 54 -5.13 -19.91 16.39
N GLU H 55 -5.22 -18.63 16.03
CA GLU H 55 -4.85 -18.17 14.69
C GLU H 55 -3.35 -18.21 14.48
N VAL H 56 -2.96 -18.39 13.22
CA VAL H 56 -1.56 -18.48 12.83
C VAL H 56 -1.29 -17.39 11.80
N ARG H 57 -0.06 -17.35 11.28
CA ARG H 57 0.29 -16.37 10.25
C ARG H 57 -0.43 -16.69 8.95
N SER H 58 -1.38 -15.83 8.60
CA SER H 58 -2.30 -16.06 7.48
C SER H 58 -1.93 -15.09 6.36
N TYR H 59 -1.63 -15.65 5.19
CA TYR H 59 -1.27 -14.85 4.02
C TYR H 59 -2.50 -14.17 3.45
N CYS H 60 -2.27 -13.05 2.76
CA CYS H 60 -3.31 -12.32 2.07
C CYS H 60 -3.76 -13.08 0.84
N TYR H 61 -5.07 -13.13 0.62
CA TYR H 61 -5.65 -13.86 -0.50
C TYR H 61 -5.99 -13.01 -1.71
N GLU H 62 -6.21 -11.71 -1.52
CA GLU H 62 -6.44 -10.79 -2.62
C GLU H 62 -6.08 -9.39 -2.14
N ALA H 63 -4.96 -8.86 -2.61
CA ALA H 63 -4.50 -7.53 -2.25
C ALA H 63 -4.90 -6.52 -3.31
N SER H 64 -4.46 -5.28 -3.12
CA SER H 64 -4.71 -4.23 -4.10
C SER H 64 -3.87 -3.02 -3.72
N ILE H 65 -3.43 -2.28 -4.72
CA ILE H 65 -2.55 -1.13 -4.53
C ILE H 65 -3.41 0.09 -4.23
N SER H 66 -2.85 1.02 -3.47
CA SER H 66 -3.51 2.27 -3.15
C SER H 66 -3.14 3.32 -4.19
N ASP H 67 -3.30 4.60 -3.87
CA ASP H 67 -2.87 5.68 -4.75
C ASP H 67 -1.34 5.73 -4.83
N MET H 68 -0.79 5.31 -5.96
CA MET H 68 0.64 5.19 -6.14
C MET H 68 1.20 6.43 -6.83
N ALA H 69 2.45 6.74 -6.51
CA ALA H 69 3.15 7.87 -7.11
C ALA H 69 4.60 7.47 -7.28
N SER H 70 5.38 8.38 -7.89
CA SER H 70 6.78 8.08 -8.16
C SER H 70 7.61 9.29 -7.77
N ASP H 71 8.78 9.00 -7.20
CA ASP H 71 9.78 10.01 -6.92
C ASP H 71 10.97 9.73 -7.83
N SER H 72 11.33 10.73 -8.63
CA SER H 72 12.36 10.57 -9.64
C SER H 72 13.50 11.53 -9.37
N ARG H 73 14.72 11.02 -9.44
CA ARG H 73 15.94 11.81 -9.40
C ARG H 73 16.70 11.58 -10.70
N CYS H 74 17.52 12.56 -11.08
CA CYS H 74 18.23 12.50 -12.34
C CYS H 74 19.43 11.55 -12.24
N PRO H 75 20.05 11.24 -13.38
CA PRO H 75 21.26 10.39 -13.35
C PRO H 75 22.44 11.15 -12.77
N THR H 76 22.85 10.75 -11.57
CA THR H 76 23.81 11.50 -10.78
C THR H 76 23.15 12.71 -10.11
N GLN H 77 21.82 12.66 -9.97
CA GLN H 77 21.05 13.73 -9.34
C GLN H 77 20.33 13.24 -8.09
N GLY H 78 20.86 12.20 -7.44
CA GLY H 78 20.27 11.67 -6.23
C GLY H 78 19.27 10.56 -6.53
N GLU H 79 19.15 9.66 -5.56
CA GLU H 79 18.23 8.54 -5.65
C GLU H 79 16.84 8.98 -5.21
N ALA H 80 15.84 8.18 -5.58
CA ALA H 80 14.45 8.49 -5.24
C ALA H 80 14.19 8.18 -3.77
N TYR H 81 13.65 9.17 -3.08
CA TYR H 81 13.28 9.01 -1.67
C TYR H 81 11.86 9.51 -1.52
N LEU H 82 10.89 8.60 -1.66
CA LEU H 82 9.48 8.94 -1.59
C LEU H 82 9.06 9.21 -0.14
N ASP H 83 8.17 10.19 0.02
CA ASP H 83 7.57 10.46 1.32
C ASP H 83 6.68 9.33 1.78
N LYS H 84 5.96 8.68 0.87
CA LYS H 84 5.22 7.45 1.15
C LYS H 84 6.11 6.22 1.09
N GLN H 85 7.36 6.38 0.63
CA GLN H 85 8.33 5.29 0.65
C GLN H 85 8.79 4.95 2.05
N SER H 86 8.77 5.91 2.97
CA SER H 86 9.07 5.66 4.37
C SER H 86 7.85 5.26 5.18
N ASP H 87 6.67 5.20 4.55
CA ASP H 87 5.45 4.78 5.21
C ASP H 87 5.31 3.27 5.10
N THR H 88 5.03 2.62 6.23
CA THR H 88 4.90 1.17 6.27
C THR H 88 3.64 0.66 5.58
N GLN H 89 2.59 1.47 5.50
CA GLN H 89 1.36 1.08 4.81
C GLN H 89 1.50 1.11 3.30
N TYR H 90 2.49 1.80 2.76
CA TYR H 90 2.71 1.89 1.33
C TYR H 90 3.93 1.06 0.95
N VAL H 91 3.72 0.09 0.08
CA VAL H 91 4.82 -0.70 -0.49
C VAL H 91 5.38 0.06 -1.68
N CYS H 92 6.71 0.06 -1.80
CA CYS H 92 7.38 0.81 -2.84
C CYS H 92 8.47 -0.03 -3.48
N LYS H 93 8.79 0.28 -4.73
CA LYS H 93 9.85 -0.39 -5.47
C LYS H 93 10.69 0.67 -6.16
N ARG H 94 12.00 0.61 -5.96
CA ARG H 94 12.94 1.52 -6.59
C ARG H 94 13.60 0.85 -7.77
N THR H 95 13.95 1.64 -8.79
CA THR H 95 14.56 1.12 -10.00
C THR H 95 15.36 2.22 -10.66
N LEU H 96 16.20 1.82 -11.62
CA LEU H 96 17.01 2.74 -12.40
C LEU H 96 16.39 2.89 -13.77
N VAL H 97 15.82 4.06 -14.05
CA VAL H 97 15.15 4.34 -15.31
C VAL H 97 15.98 5.32 -16.11
N ASP H 98 15.59 5.52 -17.36
CA ASP H 98 16.33 6.41 -18.24
C ASP H 98 15.93 7.87 -17.97
N ARG H 99 16.93 8.71 -17.72
CA ARG H 99 16.71 10.14 -17.58
C ARG H 99 17.72 10.86 -18.46
N GLY H 100 17.24 11.67 -19.39
CA GLY H 100 18.11 12.34 -20.33
C GLY H 100 17.86 13.83 -20.40
N TRP H 101 18.56 14.49 -21.33
CA TRP H 101 18.33 15.90 -21.62
C TRP H 101 16.92 16.14 -22.17
N GLY H 102 16.44 15.25 -23.05
CA GLY H 102 15.05 15.26 -23.41
C GLY H 102 14.15 14.61 -22.38
N ASN H 103 14.74 13.84 -21.45
CA ASN H 103 14.01 13.15 -20.40
C ASN H 103 13.92 13.99 -19.12
N GLY H 104 14.38 15.24 -19.16
CA GLY H 104 14.26 16.14 -18.02
C GLY H 104 15.50 16.25 -17.16
N CYS H 105 16.41 15.29 -17.23
CA CYS H 105 17.64 15.36 -16.45
C CYS H 105 18.65 16.26 -17.17
N GLY H 106 19.73 16.60 -16.46
CA GLY H 106 20.75 17.46 -17.04
C GLY H 106 21.85 16.67 -17.72
N LEU H 107 21.78 15.34 -17.62
CA LEU H 107 22.76 14.47 -18.26
C LEU H 107 22.02 13.22 -18.73
N PHE H 108 22.34 12.75 -19.92
CA PHE H 108 21.78 11.51 -20.42
C PHE H 108 22.38 10.33 -19.66
N GLY H 109 21.53 9.57 -18.99
CA GLY H 109 22.00 8.47 -18.17
C GLY H 109 20.86 7.79 -17.45
N LYS H 110 21.22 7.12 -16.35
CA LYS H 110 20.26 6.32 -15.60
C LYS H 110 19.87 7.05 -14.32
N GLY H 111 18.71 7.69 -14.34
CA GLY H 111 18.15 8.27 -13.14
C GLY H 111 17.49 7.22 -12.27
N SER H 112 17.03 7.64 -11.08
CA SER H 112 16.48 6.69 -10.13
C SER H 112 15.03 7.04 -9.84
N LEU H 113 14.12 6.09 -10.05
CA LEU H 113 12.71 6.31 -9.83
C LEU H 113 12.17 5.26 -8.86
N VAL H 114 11.43 5.73 -7.85
CA VAL H 114 10.84 4.84 -6.86
C VAL H 114 9.33 5.05 -6.89
N THR H 115 8.58 3.96 -7.08
CA THR H 115 7.13 4.02 -7.18
C THR H 115 6.54 3.36 -5.94
N CYS H 116 5.66 4.08 -5.25
CA CYS H 116 5.05 3.61 -4.02
C CYS H 116 3.53 3.62 -4.15
N ALA H 117 2.87 2.78 -3.35
CA ALA H 117 1.41 2.70 -3.36
C ALA H 117 0.96 1.95 -2.12
N LYS H 118 -0.21 2.30 -1.60
CA LYS H 118 -0.71 1.72 -0.35
C LYS H 118 -1.22 0.31 -0.62
N PHE H 119 -0.32 -0.67 -0.61
CA PHE H 119 -0.68 -2.04 -0.91
C PHE H 119 -1.38 -2.66 0.29
N ALA H 120 -2.70 -2.77 0.22
CA ALA H 120 -3.51 -3.28 1.32
C ALA H 120 -4.14 -4.60 0.87
N CYS H 121 -4.16 -5.58 1.77
CA CYS H 121 -4.77 -6.87 1.49
C CYS H 121 -6.27 -6.78 1.75
N SER H 122 -7.05 -6.87 0.67
CA SER H 122 -8.51 -6.74 0.77
C SER H 122 -9.16 -7.94 1.44
N LYS H 123 -8.49 -9.10 1.43
CA LYS H 123 -8.96 -10.26 2.17
C LYS H 123 -7.81 -11.26 2.28
N LYS H 124 -7.78 -12.00 3.38
CA LYS H 124 -6.72 -12.95 3.64
C LYS H 124 -7.29 -14.22 4.25
N MET H 125 -6.82 -15.36 3.76
CA MET H 125 -7.15 -16.65 4.33
C MET H 125 -6.34 -16.85 5.61
N THR H 126 -7.01 -17.34 6.66
CA THR H 126 -6.42 -17.41 7.98
C THR H 126 -6.36 -18.86 8.42
N GLY H 127 -5.18 -19.30 8.86
CA GLY H 127 -5.00 -20.68 9.27
C GLY H 127 -4.93 -20.81 10.78
N LYS H 128 -5.95 -21.46 11.35
CA LYS H 128 -5.98 -21.73 12.78
C LYS H 128 -5.04 -22.88 13.11
N SER H 129 -4.36 -22.75 14.25
CA SER H 129 -3.47 -23.80 14.72
C SER H 129 -4.20 -24.62 15.78
N ILE H 130 -4.20 -25.94 15.61
CA ILE H 130 -4.94 -26.85 16.48
C ILE H 130 -3.97 -27.45 17.48
N GLN H 131 -4.19 -27.17 18.75
CA GLN H 131 -3.41 -27.75 19.84
C GLN H 131 -3.86 -29.19 20.09
N PRO H 132 -3.04 -29.99 20.76
CA PRO H 132 -3.45 -31.38 21.06
C PRO H 132 -4.54 -31.51 22.10
N GLU H 133 -4.78 -30.47 22.92
CA GLU H 133 -5.81 -30.50 23.94
C GLU H 133 -7.14 -29.92 23.48
N ASN H 134 -7.37 -29.86 22.17
CA ASN H 134 -8.61 -29.32 21.63
C ASN H 134 -9.45 -30.37 20.91
N LEU H 135 -8.89 -31.55 20.65
CA LEU H 135 -9.61 -32.57 19.91
C LEU H 135 -10.57 -33.33 20.84
N GLU H 136 -11.71 -33.73 20.29
CA GLU H 136 -12.72 -34.50 21.01
C GLU H 136 -13.45 -35.36 19.98
N TYR H 137 -13.19 -36.67 20.00
CA TYR H 137 -13.79 -37.58 19.05
C TYR H 137 -15.09 -38.12 19.62
N ARG H 138 -16.19 -37.90 18.89
CA ARG H 138 -17.50 -38.41 19.29
C ARG H 138 -17.75 -39.74 18.60
N ILE H 139 -17.77 -40.82 19.39
CA ILE H 139 -17.94 -42.17 18.86
C ILE H 139 -19.30 -42.67 19.34
N MET H 140 -20.15 -43.05 18.40
CA MET H 140 -21.44 -43.62 18.73
C MET H 140 -21.33 -45.14 18.75
N LEU H 141 -21.72 -45.74 19.88
CA LEU H 141 -21.82 -47.18 20.01
C LEU H 141 -23.29 -47.57 19.90
N SER H 142 -23.54 -48.74 19.32
CA SER H 142 -24.91 -49.18 19.13
C SER H 142 -24.93 -50.70 19.22
N VAL H 143 -25.63 -51.24 20.21
CA VAL H 143 -25.74 -52.68 20.36
C VAL H 143 -26.75 -53.22 19.36
N HIS H 144 -26.28 -54.11 18.49
CA HIS H 144 -27.14 -54.78 17.52
C HIS H 144 -27.97 -55.83 18.27
N GLY H 145 -29.28 -55.75 18.11
CA GLY H 145 -30.18 -56.54 18.93
C GLY H 145 -31.63 -56.15 18.77
N SER H 146 -32.32 -55.91 19.88
CA SER H 146 -33.75 -55.59 19.87
C SER H 146 -33.94 -54.15 19.39
N GLN H 147 -33.99 -54.01 18.06
CA GLN H 147 -34.27 -52.74 17.41
C GLN H 147 -34.89 -53.04 16.05
N HIS H 148 -35.66 -52.08 15.54
CA HIS H 148 -36.34 -52.24 14.26
C HIS H 148 -35.49 -51.66 13.14
N SER H 149 -36.07 -51.60 11.95
CA SER H 149 -35.39 -50.98 10.81
C SER H 149 -35.31 -49.47 10.92
N GLY H 150 -36.21 -48.85 11.70
CA GLY H 150 -36.19 -47.41 11.90
C GLY H 150 -35.27 -46.95 13.00
N MET H 151 -34.53 -47.89 13.61
CA MET H 151 -33.51 -47.54 14.60
C MET H 151 -32.10 -47.78 14.07
N ILE H 152 -31.97 -48.34 12.86
CA ILE H 152 -30.67 -48.51 12.23
C ILE H 152 -30.11 -47.15 11.79
N VAL H 153 -30.97 -46.33 11.20
CA VAL H 153 -30.57 -44.98 10.82
C VAL H 153 -31.18 -43.92 11.73
N ASN H 154 -32.23 -44.28 12.48
CA ASN H 154 -32.88 -43.32 13.37
C ASN H 154 -32.03 -43.12 14.61
N ASP H 155 -31.11 -42.16 14.55
CA ASP H 155 -30.21 -41.86 15.66
C ASP H 155 -30.73 -40.72 16.54
N THR H 156 -32.00 -40.34 16.39
CA THR H 156 -32.57 -39.26 17.20
C THR H 156 -32.80 -39.75 18.63
N GLY H 157 -31.89 -39.40 19.52
CA GLY H 157 -31.97 -39.82 20.91
C GLY H 157 -30.98 -40.92 21.24
N HIS H 158 -29.87 -40.57 21.89
CA HIS H 158 -28.88 -41.55 22.30
C HIS H 158 -28.79 -41.72 23.80
N GLU H 159 -29.12 -40.70 24.59
CA GLU H 159 -29.12 -40.84 26.04
C GLU H 159 -30.31 -41.66 26.54
N THR H 160 -31.46 -41.53 25.90
CA THR H 160 -32.67 -42.24 26.31
C THR H 160 -32.93 -43.47 25.47
N ASP H 161 -31.95 -43.91 24.67
CA ASP H 161 -32.12 -45.05 23.80
C ASP H 161 -31.99 -46.38 24.52
N GLU H 162 -30.84 -46.67 25.13
CA GLU H 162 -30.59 -47.93 25.81
C GLU H 162 -30.15 -49.05 24.86
N ASN H 163 -30.12 -48.77 23.56
CA ASN H 163 -29.52 -49.66 22.58
C ASN H 163 -28.36 -49.01 21.84
N ARG H 164 -28.39 -47.69 21.67
CA ARG H 164 -27.30 -46.93 21.10
C ARG H 164 -27.12 -45.65 21.89
N ALA H 165 -25.88 -45.15 21.91
CA ALA H 165 -25.56 -43.92 22.61
C ALA H 165 -24.18 -43.45 22.15
N LYS H 166 -23.98 -42.14 22.15
CA LYS H 166 -22.73 -41.54 21.76
C LYS H 166 -21.90 -41.16 22.98
N VAL H 167 -20.60 -41.37 22.89
CA VAL H 167 -19.66 -41.02 23.96
C VAL H 167 -18.55 -40.18 23.33
N GLU H 168 -18.21 -39.07 23.97
CA GLU H 168 -17.14 -38.21 23.50
C GLU H 168 -15.87 -38.54 24.27
N ILE H 169 -14.82 -38.90 23.55
CA ILE H 169 -13.52 -39.22 24.15
C ILE H 169 -12.58 -38.09 23.75
N THR H 170 -11.95 -37.48 24.74
CA THR H 170 -11.01 -36.41 24.51
C THR H 170 -9.61 -36.84 24.92
N PRO H 171 -8.60 -35.99 24.68
CA PRO H 171 -7.27 -36.24 25.26
C PRO H 171 -7.25 -36.18 26.78
N ASN H 172 -8.09 -35.35 27.39
CA ASN H 172 -8.16 -35.30 28.84
C ASN H 172 -8.91 -36.50 29.41
N SER H 173 -9.82 -37.07 28.64
CA SER H 173 -10.63 -38.21 29.08
C SER H 173 -10.50 -39.33 28.05
N PRO H 174 -9.37 -40.04 28.05
CA PRO H 174 -9.21 -41.15 27.11
C PRO H 174 -9.94 -42.40 27.52
N ARG H 175 -10.07 -42.66 28.82
CA ARG H 175 -10.76 -43.85 29.31
C ARG H 175 -12.18 -43.48 29.72
N ALA H 176 -13.14 -44.31 29.31
CA ALA H 176 -14.54 -44.09 29.61
C ALA H 176 -15.27 -45.42 29.62
N GLU H 177 -16.48 -45.41 30.16
CA GLU H 177 -17.32 -46.59 30.22
C GLU H 177 -18.76 -46.17 29.94
N ALA H 178 -19.29 -46.56 28.78
CA ALA H 178 -20.65 -46.22 28.39
C ALA H 178 -21.58 -47.35 28.83
N THR H 179 -22.49 -47.03 29.75
CA THR H 179 -23.42 -48.02 30.28
C THR H 179 -24.53 -48.22 29.26
N LEU H 180 -24.46 -49.30 28.50
CA LEU H 180 -25.47 -49.67 27.51
C LEU H 180 -26.46 -50.55 28.25
N GLY H 181 -27.68 -50.03 28.47
CA GLY H 181 -28.70 -50.65 29.29
C GLY H 181 -29.20 -52.00 28.83
N GLY H 182 -29.09 -52.98 29.71
CA GLY H 182 -29.32 -54.38 29.38
C GLY H 182 -28.04 -55.11 29.01
N PHE H 183 -27.20 -54.50 28.17
CA PHE H 183 -25.96 -55.11 27.73
C PHE H 183 -24.81 -54.90 28.71
N GLY H 184 -24.98 -54.08 29.73
CA GLY H 184 -23.94 -53.83 30.70
C GLY H 184 -23.23 -52.50 30.45
N SER H 185 -21.91 -52.55 30.27
CA SER H 185 -21.14 -51.33 30.10
C SER H 185 -19.99 -51.61 29.13
N LEU H 186 -19.96 -50.90 28.01
CA LEU H 186 -18.86 -51.02 27.06
C LEU H 186 -17.74 -50.08 27.48
N GLY H 187 -16.53 -50.63 27.64
CA GLY H 187 -15.40 -49.84 28.08
C GLY H 187 -14.57 -49.34 26.91
N LEU H 188 -14.48 -48.02 26.79
CA LEU H 188 -13.66 -47.40 25.77
C LEU H 188 -12.32 -46.99 26.36
N ASP H 189 -11.25 -47.43 25.71
CA ASP H 189 -9.89 -47.12 26.13
C ASP H 189 -9.13 -46.49 24.97
N CYS H 190 -9.77 -45.53 24.31
CA CYS H 190 -9.18 -44.83 23.19
C CYS H 190 -8.05 -43.91 23.65
N GLU H 191 -7.02 -43.79 22.81
CA GLU H 191 -5.85 -42.98 23.09
C GLU H 191 -6.02 -41.65 22.38
N PRO H 192 -6.53 -40.61 23.07
CA PRO H 192 -6.66 -39.30 22.45
C PRO H 192 -5.34 -38.58 22.25
N ARG H 193 -4.32 -38.94 23.01
CA ARG H 193 -2.98 -38.41 22.77
C ARG H 193 -2.37 -38.97 21.49
N THR H 194 -2.68 -40.22 21.17
CA THR H 194 -2.23 -40.83 19.91
C THR H 194 -3.25 -40.56 18.80
N GLY H 195 -3.27 -39.31 18.34
CA GLY H 195 -4.21 -38.91 17.32
C GLY H 195 -3.67 -39.08 15.91
N LEU H 196 -4.39 -38.58 14.92
CA LEU H 196 -4.00 -38.73 13.52
C LEU H 196 -3.24 -37.50 13.03
N ASP H 197 -2.16 -37.19 13.74
CA ASP H 197 -1.25 -36.10 13.38
C ASP H 197 -1.88 -34.72 13.51
N PHE H 198 -2.49 -34.44 14.67
CA PHE H 198 -3.14 -33.16 14.90
C PHE H 198 -2.17 -32.01 15.10
N SER H 199 -0.93 -32.29 15.50
CA SER H 199 0.06 -31.25 15.71
C SER H 199 0.85 -30.90 14.45
N ASP H 200 0.70 -31.68 13.38
CA ASP H 200 1.44 -31.45 12.14
C ASP H 200 0.58 -30.77 11.08
N LEU H 201 -0.63 -30.34 11.45
CA LEU H 201 -1.55 -29.77 10.48
C LEU H 201 -2.22 -28.52 11.04
N TYR H 202 -2.63 -27.64 10.15
CA TYR H 202 -3.37 -26.43 10.48
C TYR H 202 -4.71 -26.45 9.75
N TYR H 203 -5.69 -25.72 10.30
CA TYR H 203 -7.03 -25.64 9.73
C TYR H 203 -7.15 -24.27 9.06
N LEU H 204 -6.87 -24.22 7.76
CA LEU H 204 -6.98 -22.99 7.02
C LEU H 204 -8.43 -22.71 6.65
N THR H 205 -8.84 -21.45 6.80
CA THR H 205 -10.18 -21.01 6.43
C THR H 205 -10.03 -19.91 5.40
N MET H 206 -10.74 -20.05 4.28
CA MET H 206 -10.73 -19.06 3.20
C MET H 206 -12.08 -19.14 2.49
N ASN H 207 -12.92 -18.11 2.68
CA ASN H 207 -14.24 -18.04 2.08
C ASN H 207 -15.21 -19.01 2.75
N ASN H 208 -14.95 -19.31 4.02
CA ASN H 208 -15.72 -20.30 4.76
C ASN H 208 -15.39 -21.72 4.30
N LYS H 209 -14.16 -21.89 3.80
CA LYS H 209 -13.70 -23.18 3.31
C LYS H 209 -12.64 -23.70 4.26
N HIS H 210 -13.06 -24.55 5.19
CA HIS H 210 -12.15 -25.17 6.16
C HIS H 210 -11.38 -26.28 5.46
N TRP H 211 -10.06 -26.26 5.61
CA TRP H 211 -9.20 -27.28 5.03
C TRP H 211 -8.09 -27.60 6.03
N LEU H 212 -7.95 -28.89 6.32
CA LEU H 212 -6.90 -29.37 7.22
C LEU H 212 -5.62 -29.55 6.41
N VAL H 213 -4.95 -28.43 6.15
CA VAL H 213 -3.72 -28.44 5.36
C VAL H 213 -2.57 -28.82 6.28
N HIS H 214 -1.44 -29.19 5.68
CA HIS H 214 -0.26 -29.56 6.45
C HIS H 214 0.38 -28.32 7.08
N LYS H 215 1.22 -28.57 8.09
CA LYS H 215 1.90 -27.47 8.78
C LYS H 215 2.99 -26.86 7.90
N GLU H 216 3.67 -27.68 7.10
CA GLU H 216 4.68 -27.17 6.20
C GLU H 216 4.06 -26.41 5.03
N TRP H 217 2.91 -26.87 4.53
CA TRP H 217 2.20 -26.15 3.49
C TRP H 217 1.55 -24.88 4.03
N PHE H 218 1.10 -24.91 5.28
CA PHE H 218 0.54 -23.70 5.89
C PHE H 218 1.62 -22.67 6.21
N HIS H 219 2.83 -23.13 6.55
CA HIS H 219 3.95 -22.24 6.79
C HIS H 219 4.73 -21.92 5.51
N ASP H 220 4.30 -22.46 4.37
CA ASP H 220 4.95 -22.20 3.10
C ASP H 220 4.07 -21.43 2.12
N ILE H 221 2.97 -20.84 2.59
CA ILE H 221 2.06 -20.10 1.71
C ILE H 221 2.65 -18.73 1.41
N PRO H 222 2.88 -18.40 0.14
CA PRO H 222 3.46 -17.08 -0.20
C PRO H 222 2.42 -16.01 -0.47
N LEU H 223 1.78 -15.54 0.59
CA LEU H 223 0.80 -14.47 0.54
C LEU H 223 1.28 -13.35 1.45
N PRO H 224 0.55 -12.23 1.49
CA PRO H 224 0.89 -11.16 2.44
C PRO H 224 0.47 -11.58 3.84
N TRP H 225 1.46 -11.95 4.65
CA TRP H 225 1.21 -12.64 5.91
C TRP H 225 0.96 -11.64 7.04
N HIS H 226 -0.31 -11.53 7.44
CA HIS H 226 -0.65 -10.94 8.71
C HIS H 226 -0.17 -11.88 9.80
N ALA H 227 0.43 -11.31 10.84
CA ALA H 227 1.19 -12.10 11.81
C ALA H 227 0.29 -12.87 12.78
N GLY H 228 -0.46 -12.15 13.61
CA GLY H 228 -1.27 -12.79 14.64
C GLY H 228 -2.68 -12.27 14.73
N ALA H 229 -3.09 -11.82 15.91
CA ALA H 229 -4.42 -11.28 16.13
C ALA H 229 -4.49 -9.77 15.95
N ASP H 230 -3.47 -9.19 15.31
CA ASP H 230 -3.44 -7.77 15.01
C ASP H 230 -4.39 -7.53 13.84
N THR H 231 -5.66 -7.24 14.14
CA THR H 231 -6.69 -7.12 13.13
C THR H 231 -6.78 -5.73 12.53
N GLY H 232 -5.91 -4.82 12.93
CA GLY H 232 -5.92 -3.47 12.41
C GLY H 232 -5.11 -3.39 11.13
N THR H 233 -4.08 -2.56 11.14
CA THR H 233 -3.15 -2.49 10.03
C THR H 233 -2.32 -3.76 10.01
N PRO H 234 -2.49 -4.63 9.02
CA PRO H 234 -1.71 -5.88 8.98
C PRO H 234 -0.26 -5.64 8.63
N HIS H 235 0.60 -6.54 9.13
CA HIS H 235 2.03 -6.45 8.86
C HIS H 235 2.36 -6.72 7.41
N TRP H 236 1.64 -7.65 6.78
CA TRP H 236 1.85 -8.08 5.40
C TRP H 236 3.25 -8.67 5.20
N ASN H 237 3.50 -9.77 5.91
CA ASN H 237 4.75 -10.50 5.77
C ASN H 237 4.80 -11.16 4.40
N ASN H 238 5.79 -10.76 3.60
CA ASN H 238 5.84 -11.10 2.18
C ASN H 238 4.70 -10.42 1.43
N LYS H 239 4.48 -9.14 1.77
CA LYS H 239 3.42 -8.38 1.15
C LYS H 239 3.81 -7.85 -0.23
N GLU H 240 5.10 -7.87 -0.55
CA GLU H 240 5.58 -7.37 -1.83
C GLU H 240 5.39 -8.39 -2.96
N ALA H 241 5.07 -9.63 -2.63
CA ALA H 241 4.88 -10.68 -3.62
C ALA H 241 3.55 -10.57 -4.36
N LEU H 242 2.60 -9.79 -3.86
CA LEU H 242 1.30 -9.66 -4.50
C LEU H 242 1.26 -8.63 -5.62
N VAL H 243 2.09 -7.60 -5.56
CA VAL H 243 2.14 -6.59 -6.60
C VAL H 243 3.43 -6.71 -7.38
N GLU H 244 3.44 -6.16 -8.59
CA GLU H 244 4.62 -6.13 -9.45
C GLU H 244 4.73 -4.74 -10.04
N PHE H 245 5.83 -4.05 -9.77
CA PHE H 245 6.09 -2.72 -10.30
C PHE H 245 6.83 -2.88 -11.62
N LYS H 246 6.07 -3.01 -12.71
CA LYS H 246 6.63 -3.15 -14.04
C LYS H 246 7.04 -1.77 -14.55
N ASP H 247 8.33 -1.55 -14.70
CA ASP H 247 8.84 -0.30 -15.25
C ASP H 247 8.72 -0.33 -16.77
N ALA H 248 8.44 0.82 -17.37
CA ALA H 248 8.35 0.94 -18.82
C ALA H 248 9.73 1.32 -19.38
N HIS H 249 9.78 1.65 -20.66
CA HIS H 249 11.00 2.13 -21.29
C HIS H 249 11.34 3.57 -20.90
N ALA H 250 10.36 4.31 -20.39
CA ALA H 250 10.54 5.66 -19.90
C ALA H 250 10.20 5.65 -18.40
N LYS H 251 10.07 6.83 -17.81
CA LYS H 251 9.79 6.93 -16.37
C LYS H 251 8.34 6.63 -16.02
N ARG H 252 7.89 5.40 -16.25
CA ARG H 252 6.55 4.98 -15.86
C ARG H 252 6.64 3.59 -15.25
N GLN H 253 6.65 3.52 -13.93
CA GLN H 253 6.74 2.25 -13.19
C GLN H 253 5.33 1.90 -12.73
N THR H 254 4.57 1.21 -13.58
CA THR H 254 3.20 0.86 -13.28
C THR H 254 3.19 -0.31 -12.29
N VAL H 255 2.63 -0.06 -11.10
CA VAL H 255 2.53 -1.08 -10.07
C VAL H 255 1.17 -1.76 -10.23
N VAL H 256 1.19 -3.02 -10.66
CA VAL H 256 -0.03 -3.78 -10.89
C VAL H 256 -0.10 -4.89 -9.85
N VAL H 257 -1.19 -4.92 -9.10
CA VAL H 257 -1.41 -5.97 -8.11
C VAL H 257 -1.82 -7.24 -8.84
N LEU H 258 -1.54 -8.38 -8.22
CA LEU H 258 -1.92 -9.66 -8.79
C LEU H 258 -3.42 -9.91 -8.55
N GLY H 259 -3.93 -10.96 -9.18
CA GLY H 259 -5.32 -11.31 -9.08
C GLY H 259 -5.64 -12.09 -7.81
N SER H 260 -6.84 -12.65 -7.78
CA SER H 260 -7.31 -13.39 -6.61
C SER H 260 -6.63 -14.75 -6.57
N GLN H 261 -5.93 -15.04 -5.47
CA GLN H 261 -5.21 -16.29 -5.30
C GLN H 261 -6.04 -17.38 -4.64
N GLU H 262 -7.35 -17.16 -4.49
CA GLU H 262 -8.22 -18.16 -3.89
C GLU H 262 -8.40 -19.36 -4.80
N GLY H 263 -8.38 -19.14 -6.12
CA GLY H 263 -8.37 -20.25 -7.06
C GLY H 263 -7.10 -21.07 -7.03
N ALA H 264 -5.94 -20.41 -6.93
CA ALA H 264 -4.68 -21.11 -6.75
C ALA H 264 -4.57 -21.79 -5.39
N VAL H 265 -5.17 -21.19 -4.36
CA VAL H 265 -5.30 -21.83 -3.06
C VAL H 265 -6.21 -23.06 -3.10
N HIS H 266 -7.29 -23.03 -3.89
CA HIS H 266 -8.10 -24.21 -4.09
C HIS H 266 -7.35 -25.26 -4.90
N THR H 267 -6.51 -24.82 -5.84
CA THR H 267 -5.63 -25.71 -6.58
C THR H 267 -4.55 -26.33 -5.72
N ALA H 268 -4.08 -25.63 -4.69
CA ALA H 268 -3.16 -26.20 -3.73
C ALA H 268 -3.85 -26.93 -2.59
N LEU H 269 -5.17 -26.82 -2.48
CA LEU H 269 -5.93 -27.45 -1.41
C LEU H 269 -6.59 -28.74 -1.86
N ALA H 270 -6.17 -29.24 -3.02
CA ALA H 270 -6.65 -30.51 -3.52
C ALA H 270 -6.10 -31.70 -2.73
N GLY H 271 -4.84 -31.63 -2.30
CA GLY H 271 -4.23 -32.71 -1.55
C GLY H 271 -4.55 -32.71 -0.07
N ALA H 272 -5.25 -31.69 0.41
CA ALA H 272 -5.66 -31.63 1.80
C ALA H 272 -7.10 -32.13 1.94
N LEU H 273 -7.52 -32.35 3.18
CA LEU H 273 -8.87 -32.79 3.48
C LEU H 273 -9.70 -31.58 3.90
N GLU H 274 -10.83 -31.38 3.24
CA GLU H 274 -11.72 -30.28 3.58
C GLU H 274 -12.47 -30.61 4.86
N ALA H 275 -12.29 -29.76 5.88
CA ALA H 275 -12.93 -29.94 7.17
C ALA H 275 -14.06 -28.93 7.34
N GLU H 276 -15.00 -29.27 8.22
CA GLU H 276 -16.14 -28.41 8.51
C GLU H 276 -15.85 -27.59 9.76
N MET H 277 -16.61 -26.51 9.93
CA MET H 277 -16.43 -25.63 11.08
C MET H 277 -17.80 -25.33 11.67
N ASP H 278 -18.06 -25.84 12.86
CA ASP H 278 -19.33 -25.66 13.56
C ASP H 278 -19.25 -24.56 14.61
N GLY H 279 -18.46 -23.53 14.35
CA GLY H 279 -18.25 -22.47 15.30
C GLY H 279 -16.90 -22.59 15.97
N ALA H 280 -16.90 -22.59 17.30
CA ALA H 280 -15.69 -22.83 18.08
C ALA H 280 -15.18 -24.25 17.97
N LYS H 281 -16.06 -25.21 17.71
CA LYS H 281 -15.66 -26.60 17.49
C LYS H 281 -15.74 -26.90 16.01
N GLY H 282 -14.58 -26.92 15.35
CA GLY H 282 -14.48 -27.35 13.97
C GLY H 282 -14.74 -28.84 13.83
N ARG H 283 -15.63 -29.19 12.90
CA ARG H 283 -16.02 -30.59 12.73
C ARG H 283 -15.16 -31.26 11.67
N LEU H 284 -14.16 -32.03 12.12
CA LEU H 284 -13.39 -32.90 11.25
C LEU H 284 -14.01 -34.29 11.26
N SER H 285 -14.44 -34.73 10.08
CA SER H 285 -15.18 -35.98 9.93
C SER H 285 -14.31 -37.15 9.49
N SER H 286 -12.98 -37.00 9.53
CA SER H 286 -12.09 -38.07 9.13
C SER H 286 -10.99 -38.20 10.17
N GLY H 287 -10.31 -39.35 10.13
CA GLY H 287 -9.22 -39.63 11.03
C GLY H 287 -9.14 -41.10 11.34
N HIS H 288 -8.27 -41.45 12.27
CA HIS H 288 -8.07 -42.84 12.65
C HIS H 288 -7.50 -42.88 14.06
N LEU H 289 -8.33 -43.31 15.01
CA LEU H 289 -7.91 -43.44 16.40
C LEU H 289 -7.64 -44.91 16.71
N LYS H 290 -7.20 -45.19 17.94
CA LYS H 290 -6.92 -46.56 18.36
C LYS H 290 -7.64 -46.76 19.70
N CYS H 291 -8.63 -47.65 19.70
CA CYS H 291 -9.54 -47.80 20.82
C CYS H 291 -9.27 -49.12 21.54
N ARG H 292 -9.29 -49.08 22.86
CA ARG H 292 -9.26 -50.27 23.69
C ARG H 292 -10.69 -50.61 24.10
N LEU H 293 -11.26 -51.62 23.45
CA LEU H 293 -12.62 -52.07 23.71
C LEU H 293 -12.58 -52.95 24.95
N LYS H 294 -13.22 -52.47 26.02
CA LYS H 294 -13.36 -53.23 27.25
C LYS H 294 -14.68 -53.99 27.19
N MET H 295 -14.60 -55.30 26.95
CA MET H 295 -15.77 -56.15 26.82
C MET H 295 -16.04 -56.94 28.09
N ASP H 296 -15.36 -56.61 29.18
CA ASP H 296 -15.59 -57.28 30.45
C ASP H 296 -16.93 -56.89 31.07
N LYS H 297 -17.30 -55.62 30.99
CA LYS H 297 -18.60 -55.16 31.48
C LYS H 297 -19.73 -55.42 30.50
N LEU H 298 -19.41 -55.80 29.26
CA LEU H 298 -20.43 -56.08 28.24
C LEU H 298 -21.00 -57.46 28.50
N ARG H 299 -22.29 -57.53 28.78
CA ARG H 299 -23.00 -58.78 29.03
C ARG H 299 -24.05 -59.01 27.94
N LEU H 300 -24.54 -60.24 27.87
CA LEU H 300 -25.59 -60.59 26.92
C LEU H 300 -26.94 -60.36 27.59
N LYS H 301 -27.61 -59.28 27.20
CA LYS H 301 -28.90 -58.93 27.78
C LYS H 301 -29.98 -59.85 27.23
N GLY H 302 -30.92 -60.24 28.08
CA GLY H 302 -32.00 -61.11 27.68
C GLY H 302 -31.62 -62.56 27.48
N VAL H 303 -30.47 -62.98 28.02
CA VAL H 303 -30.07 -64.39 27.94
C VAL H 303 -30.96 -65.26 28.83
N SER H 304 -31.35 -64.75 30.00
CA SER H 304 -32.28 -65.47 30.85
C SER H 304 -33.73 -65.37 30.37
N TYR H 305 -34.02 -64.44 29.45
CA TYR H 305 -35.33 -64.37 28.84
C TYR H 305 -35.55 -65.56 27.92
N SER H 306 -36.76 -66.11 27.93
CA SER H 306 -37.04 -67.32 27.19
C SER H 306 -37.28 -67.02 25.71
N LEU H 307 -37.54 -68.08 24.95
CA LEU H 307 -37.82 -67.96 23.53
C LEU H 307 -39.22 -67.36 23.31
N CYS H 308 -39.42 -66.82 22.12
CA CYS H 308 -40.70 -66.23 21.76
C CYS H 308 -41.73 -67.34 21.52
N THR H 309 -43.01 -66.96 21.60
CA THR H 309 -44.09 -67.93 21.43
C THR H 309 -44.26 -68.36 19.99
N ALA H 310 -44.62 -67.44 19.10
CA ALA H 310 -44.82 -67.78 17.70
C ALA H 310 -45.03 -66.49 16.91
N ALA H 311 -45.33 -66.66 15.62
CA ALA H 311 -45.72 -65.56 14.74
C ALA H 311 -44.53 -64.64 14.42
N PHE H 312 -43.41 -65.27 14.09
CA PHE H 312 -42.29 -64.54 13.54
C PHE H 312 -42.46 -64.43 12.02
N THR H 313 -42.87 -63.25 11.57
CA THR H 313 -43.20 -63.06 10.16
C THR H 313 -42.15 -62.17 9.53
N PHE H 314 -41.40 -62.72 8.57
CA PHE H 314 -40.33 -61.98 7.93
C PHE H 314 -40.91 -60.97 6.93
N THR H 315 -41.27 -59.80 7.43
CA THR H 315 -41.74 -58.70 6.59
C THR H 315 -40.58 -57.82 6.20
N LYS H 316 -40.49 -57.47 4.91
CA LYS H 316 -39.28 -56.88 4.34
C LYS H 316 -38.14 -57.89 4.45
N ILE H 317 -38.26 -58.98 3.71
CA ILE H 317 -37.29 -60.09 3.71
C ILE H 317 -35.97 -59.60 3.13
N PRO H 318 -34.86 -59.76 3.86
CA PRO H 318 -33.61 -59.11 3.44
C PRO H 318 -32.72 -60.03 2.63
N ALA H 319 -31.60 -59.47 2.19
CA ALA H 319 -30.57 -60.20 1.46
C ALA H 319 -29.22 -59.80 2.05
N GLU H 320 -28.15 -60.13 1.32
CA GLU H 320 -26.79 -59.81 1.73
C GLU H 320 -26.58 -58.30 1.61
N THR H 321 -26.10 -57.68 2.68
CA THR H 321 -25.94 -56.23 2.74
C THR H 321 -24.51 -55.81 2.40
N LEU H 322 -24.02 -56.32 1.27
CA LEU H 322 -22.74 -55.90 0.72
C LEU H 322 -21.53 -56.58 1.37
N HIS H 323 -21.76 -57.46 2.34
CA HIS H 323 -20.68 -58.14 3.03
C HIS H 323 -20.97 -59.60 3.36
N GLY H 324 -22.10 -60.14 2.91
CA GLY H 324 -22.48 -61.49 3.25
C GLY H 324 -23.43 -61.60 4.43
N THR H 325 -23.58 -60.52 5.20
CA THR H 325 -24.52 -60.52 6.31
C THR H 325 -25.93 -60.27 5.81
N VAL H 326 -26.85 -61.10 6.27
CA VAL H 326 -28.25 -61.05 5.85
C VAL H 326 -29.04 -60.39 6.98
N THR H 327 -29.55 -59.19 6.72
CA THR H 327 -30.31 -58.45 7.70
C THR H 327 -31.75 -58.96 7.69
N VAL H 328 -32.15 -59.63 8.77
CA VAL H 328 -33.47 -60.23 8.87
C VAL H 328 -34.38 -59.23 9.59
N GLU H 329 -35.38 -58.74 8.88
CA GLU H 329 -36.40 -57.87 9.45
C GLU H 329 -37.65 -58.70 9.70
N VAL H 330 -38.05 -58.80 10.96
CA VAL H 330 -39.16 -59.66 11.34
C VAL H 330 -40.20 -58.84 12.10
N GLN H 331 -41.43 -59.34 12.07
CA GLN H 331 -42.53 -58.81 12.86
C GLN H 331 -42.96 -59.95 13.78
N TYR H 332 -42.61 -59.86 15.05
CA TYR H 332 -43.05 -60.82 16.04
C TYR H 332 -44.53 -60.59 16.33
N ALA H 333 -45.38 -61.43 15.77
CA ALA H 333 -46.81 -61.40 16.03
C ALA H 333 -47.06 -62.25 17.27
N GLY H 334 -47.18 -61.58 18.41
CA GLY H 334 -47.35 -62.27 19.67
C GLY H 334 -47.02 -61.37 20.84
N THR H 335 -47.64 -61.68 21.98
CA THR H 335 -47.52 -60.88 23.20
C THR H 335 -46.59 -61.51 24.21
N ASP H 336 -45.48 -62.09 23.74
CA ASP H 336 -44.55 -62.79 24.63
C ASP H 336 -43.72 -61.83 25.49
N GLY H 337 -43.67 -60.55 25.15
CA GLY H 337 -42.93 -59.58 25.92
C GLY H 337 -41.44 -59.70 25.69
N PRO H 338 -40.72 -60.19 26.70
CA PRO H 338 -39.28 -60.42 26.52
C PRO H 338 -38.98 -61.81 25.99
N CYS H 339 -39.51 -62.14 24.83
CA CYS H 339 -39.29 -63.43 24.18
C CYS H 339 -38.04 -63.35 23.32
N LYS H 340 -37.50 -64.52 22.98
CA LYS H 340 -36.30 -64.64 22.16
C LYS H 340 -36.70 -65.19 20.81
N VAL H 341 -36.14 -64.60 19.75
CA VAL H 341 -36.45 -65.02 18.38
C VAL H 341 -35.73 -66.32 18.07
N PRO H 342 -36.44 -67.44 17.99
CA PRO H 342 -35.77 -68.72 17.62
C PRO H 342 -35.67 -68.89 16.11
N ALA H 343 -34.69 -68.23 15.52
CA ALA H 343 -34.47 -68.24 14.08
C ALA H 343 -33.25 -69.09 13.75
N GLN H 344 -33.24 -69.64 12.54
CA GLN H 344 -32.14 -70.47 12.08
C GLN H 344 -31.97 -70.26 10.58
N MET H 345 -30.71 -70.29 10.14
CA MET H 345 -30.37 -70.20 8.73
C MET H 345 -29.55 -71.43 8.34
N ALA H 346 -30.14 -72.26 7.48
CA ALA H 346 -29.50 -73.51 7.08
C ALA H 346 -29.99 -73.91 5.70
N VAL H 347 -29.14 -74.63 4.97
CA VAL H 347 -29.57 -75.19 3.69
C VAL H 347 -30.41 -76.44 3.91
N ASP H 348 -29.86 -77.41 4.64
CA ASP H 348 -30.54 -78.67 4.91
C ASP H 348 -31.62 -78.48 5.99
N MET H 349 -32.87 -78.53 5.53
CA MET H 349 -34.01 -78.40 6.43
C MET H 349 -34.42 -79.72 7.06
N GLN H 350 -33.93 -80.85 6.52
CA GLN H 350 -34.19 -82.14 7.13
C GLN H 350 -33.28 -82.43 8.30
N THR H 351 -32.19 -81.68 8.44
CA THR H 351 -31.30 -81.84 9.58
C THR H 351 -31.55 -80.82 10.67
N LEU H 352 -31.72 -79.55 10.32
CA LEU H 352 -31.99 -78.50 11.29
C LEU H 352 -30.73 -78.09 12.05
N THR H 353 -29.59 -78.37 11.45
CA THR H 353 -28.32 -78.00 12.05
C THR H 353 -28.06 -76.51 11.83
N PRO H 354 -27.23 -75.88 12.66
CA PRO H 354 -26.88 -74.47 12.41
C PRO H 354 -25.92 -74.34 11.24
N VAL H 355 -26.23 -73.41 10.33
CA VAL H 355 -25.45 -73.26 9.11
C VAL H 355 -24.44 -72.12 9.17
N GLY H 356 -24.79 -70.99 9.77
CA GLY H 356 -23.88 -69.86 9.82
C GLY H 356 -23.99 -69.08 11.11
N ARG H 357 -22.97 -68.26 11.38
CA ARG H 357 -22.97 -67.40 12.54
C ARG H 357 -23.92 -66.22 12.33
N LEU H 358 -24.42 -65.68 13.44
CA LEU H 358 -25.37 -64.57 13.41
C LEU H 358 -24.66 -63.29 13.76
N ILE H 359 -24.97 -62.22 13.04
CA ILE H 359 -24.40 -60.91 13.35
C ILE H 359 -25.03 -60.34 14.62
N THR H 360 -26.35 -60.18 14.60
CA THR H 360 -27.08 -59.81 15.82
C THR H 360 -27.39 -61.10 16.59
N ALA H 361 -26.40 -61.58 17.33
CA ALA H 361 -26.56 -62.81 18.09
C ALA H 361 -27.43 -62.55 19.32
N ASN H 362 -28.14 -63.59 19.76
CA ASN H 362 -29.12 -63.50 20.84
C ASN H 362 -30.27 -62.60 20.41
N PRO H 363 -31.01 -62.97 19.36
CA PRO H 363 -32.14 -62.15 18.92
C PRO H 363 -33.32 -62.30 19.87
N VAL H 364 -33.61 -61.23 20.61
CA VAL H 364 -34.66 -61.23 21.63
C VAL H 364 -35.65 -60.13 21.29
N ILE H 365 -36.93 -60.50 21.23
CA ILE H 365 -37.99 -59.51 21.06
C ILE H 365 -38.16 -58.77 22.38
N THR H 366 -38.21 -57.44 22.31
CA THR H 366 -38.28 -56.59 23.49
C THR H 366 -39.68 -56.06 23.78
N GLU H 367 -40.46 -55.77 22.74
CA GLU H 367 -41.75 -55.14 22.93
C GLU H 367 -42.80 -56.14 23.41
N SER H 368 -43.75 -55.66 24.19
CA SER H 368 -44.85 -56.48 24.69
C SER H 368 -46.14 -56.30 23.90
N THR H 369 -46.07 -55.64 22.74
CA THR H 369 -47.26 -55.37 21.94
C THR H 369 -47.65 -56.59 21.10
N GLU H 370 -48.60 -56.39 20.19
CA GLU H 370 -49.07 -57.50 19.36
C GLU H 370 -48.08 -57.82 18.25
N ASN H 371 -47.82 -56.85 17.38
CA ASN H 371 -46.87 -57.02 16.28
C ASN H 371 -45.67 -56.12 16.57
N SER H 372 -44.54 -56.73 16.92
CA SER H 372 -43.34 -56.00 17.28
C SER H 372 -42.34 -56.11 16.15
N LYS H 373 -42.00 -54.96 15.54
CA LYS H 373 -40.99 -54.96 14.49
C LYS H 373 -39.60 -55.03 15.09
N MET H 374 -38.78 -55.95 14.58
CA MET H 374 -37.43 -56.13 15.08
C MET H 374 -36.51 -56.43 13.89
N MET H 375 -35.23 -56.13 14.07
CA MET H 375 -34.22 -56.40 13.05
C MET H 375 -33.20 -57.37 13.62
N LEU H 376 -32.96 -58.47 12.91
CA LEU H 376 -31.93 -59.43 13.23
C LEU H 376 -30.91 -59.45 12.10
N GLU H 377 -29.80 -60.15 12.33
CA GLU H 377 -28.72 -60.21 11.34
C GLU H 377 -28.02 -61.55 11.44
N LEU H 378 -27.81 -62.19 10.30
CA LEU H 378 -27.13 -63.47 10.23
C LEU H 378 -26.16 -63.46 9.05
N ASP H 379 -25.09 -64.26 9.18
CA ASP H 379 -24.04 -64.35 8.17
C ASP H 379 -23.87 -65.82 7.80
N PRO H 380 -24.61 -66.32 6.82
CA PRO H 380 -24.48 -67.73 6.42
C PRO H 380 -23.32 -67.93 5.47
N PRO H 381 -23.17 -69.15 4.93
CA PRO H 381 -22.08 -69.41 3.99
C PRO H 381 -22.37 -68.84 2.60
N PHE H 382 -21.46 -69.13 1.67
CA PHE H 382 -21.53 -68.58 0.32
C PHE H 382 -22.62 -69.28 -0.47
N GLY H 383 -23.60 -68.51 -0.94
CA GLY H 383 -24.68 -69.04 -1.74
C GLY H 383 -26.01 -68.61 -1.18
N ASP H 384 -27.04 -69.42 -1.45
CA ASP H 384 -28.37 -69.18 -0.92
C ASP H 384 -28.75 -70.32 0.02
N SER H 385 -29.68 -70.07 0.93
CA SER H 385 -30.09 -71.07 1.91
C SER H 385 -31.51 -70.78 2.36
N TYR H 386 -31.95 -71.55 3.35
CA TYR H 386 -33.30 -71.42 3.90
C TYR H 386 -33.23 -70.71 5.25
N ILE H 387 -34.14 -69.77 5.45
CA ILE H 387 -34.21 -69.02 6.70
C ILE H 387 -35.52 -69.39 7.38
N VAL H 388 -35.43 -70.24 8.40
CA VAL H 388 -36.60 -70.63 9.19
C VAL H 388 -36.69 -69.69 10.38
N ILE H 389 -37.69 -68.82 10.37
CA ILE H 389 -37.90 -67.85 11.44
C ILE H 389 -39.01 -68.38 12.33
N GLY H 390 -38.65 -69.12 13.36
CA GLY H 390 -39.61 -69.72 14.26
C GLY H 390 -39.67 -71.22 14.09
N VAL H 391 -40.58 -71.84 14.83
CA VAL H 391 -40.81 -73.28 14.77
C VAL H 391 -42.16 -73.51 14.12
N GLY H 392 -42.15 -74.29 13.03
CA GLY H 392 -43.37 -74.56 12.28
C GLY H 392 -43.82 -73.39 11.45
N ILE I 1 17.21 14.85 -30.22
CA ILE I 1 16.06 15.29 -30.99
C ILE I 1 15.01 14.19 -31.06
N ARG I 2 14.65 13.66 -29.89
CA ARG I 2 13.68 12.59 -29.67
C ARG I 2 14.23 11.20 -29.96
N CYS I 3 15.48 11.06 -30.43
CA CYS I 3 16.07 9.76 -30.66
C CYS I 3 17.48 9.64 -30.09
N ILE I 4 18.15 10.77 -29.82
CA ILE I 4 19.49 10.72 -29.26
C ILE I 4 19.51 10.39 -27.77
N GLY I 5 18.40 10.65 -27.07
CA GLY I 5 18.34 10.38 -25.64
C GLY I 5 17.88 8.97 -25.31
N VAL I 6 17.64 8.17 -26.33
CA VAL I 6 17.20 6.78 -26.14
C VAL I 6 18.40 5.94 -25.73
N SER I 7 18.23 5.14 -24.68
CA SER I 7 19.27 4.22 -24.25
C SER I 7 19.50 3.08 -25.24
N ASN I 8 18.46 2.66 -25.94
CA ASN I 8 18.56 1.68 -27.02
C ASN I 8 18.55 2.36 -28.38
N ARG I 9 19.14 3.54 -28.46
CA ARG I 9 19.17 4.33 -29.69
C ARG I 9 20.13 3.72 -30.69
N ASP I 10 19.68 3.60 -31.94
CA ASP I 10 20.47 3.02 -33.02
C ASP I 10 20.96 4.11 -33.94
N PHE I 11 22.25 4.05 -34.28
CA PHE I 11 22.89 5.01 -35.17
C PHE I 11 22.93 4.40 -36.57
N VAL I 12 22.28 5.06 -37.52
CA VAL I 12 22.23 4.60 -38.91
C VAL I 12 23.16 5.48 -39.72
N GLU I 13 24.19 4.88 -40.29
CA GLU I 13 25.13 5.59 -41.15
C GLU I 13 25.40 4.74 -42.38
N GLY I 14 25.20 5.33 -43.55
CA GLY I 14 25.40 4.62 -44.80
C GLY I 14 24.15 3.90 -45.26
N MET I 15 23.70 4.19 -46.46
CA MET I 15 22.53 3.55 -47.05
C MET I 15 22.92 2.93 -48.38
N SER I 16 21.95 2.31 -49.04
CA SER I 16 22.17 1.68 -50.35
C SER I 16 22.10 2.73 -51.45
N GLY I 17 23.17 3.53 -51.53
CA GLY I 17 23.22 4.63 -52.46
C GLY I 17 22.37 5.83 -52.10
N GLY I 18 21.83 5.88 -50.89
CA GLY I 18 20.92 6.93 -50.48
C GLY I 18 19.48 6.70 -50.89
N THR I 19 19.19 5.64 -51.65
CA THR I 19 17.83 5.40 -52.12
C THR I 19 17.02 4.61 -51.11
N TRP I 20 17.49 3.41 -50.76
CA TRP I 20 16.75 2.57 -49.83
C TRP I 20 17.68 2.13 -48.71
N VAL I 21 17.19 2.29 -47.47
CA VAL I 21 17.90 1.81 -46.29
C VAL I 21 16.98 0.85 -45.55
N ASP I 22 17.51 -0.32 -45.20
CA ASP I 22 16.76 -1.33 -44.47
C ASP I 22 16.97 -1.10 -42.97
N VAL I 23 15.89 -0.82 -42.26
CA VAL I 23 15.98 -0.53 -40.83
C VAL I 23 14.98 -1.42 -40.09
N VAL I 24 15.23 -1.58 -38.79
CA VAL I 24 14.37 -2.37 -37.91
C VAL I 24 13.54 -1.38 -37.11
N LEU I 25 12.27 -1.23 -37.47
CA LEU I 25 11.37 -0.30 -36.78
C LEU I 25 10.87 -1.00 -35.52
N GLU I 26 11.64 -0.86 -34.44
CA GLU I 26 11.29 -1.48 -33.18
C GLU I 26 10.16 -0.71 -32.48
N HIS I 27 9.30 -1.45 -31.80
CA HIS I 27 8.20 -0.86 -31.04
C HIS I 27 8.68 -0.11 -29.81
N GLY I 28 9.78 -0.54 -29.21
CA GLY I 28 10.33 0.15 -28.06
C GLY I 28 11.58 0.97 -28.34
N GLY I 29 12.19 0.77 -29.50
CA GLY I 29 13.42 1.45 -29.86
C GLY I 29 13.20 2.59 -30.83
N CYS I 30 14.24 3.41 -30.95
CA CYS I 30 14.28 4.50 -31.93
C CYS I 30 15.64 4.49 -32.61
N VAL I 31 15.63 4.72 -33.92
CA VAL I 31 16.84 4.63 -34.73
C VAL I 31 17.11 6.00 -35.34
N THR I 32 18.32 6.52 -35.12
CA THR I 32 18.75 7.79 -35.69
C THR I 32 19.56 7.50 -36.94
N VAL I 33 19.19 8.14 -38.05
CA VAL I 33 19.83 7.92 -39.34
C VAL I 33 20.63 9.17 -39.70
N MET I 34 21.89 8.99 -40.03
CA MET I 34 22.76 10.06 -40.49
C MET I 34 23.23 9.74 -41.90
N ALA I 35 23.07 10.70 -42.80
CA ALA I 35 23.38 10.50 -44.21
C ALA I 35 24.41 11.52 -44.68
N GLN I 36 24.83 11.39 -45.95
CA GLN I 36 25.85 12.27 -46.50
C GLN I 36 25.31 13.66 -46.78
N ASP I 37 24.10 13.75 -47.32
CA ASP I 37 23.50 15.04 -47.69
C ASP I 37 22.16 15.23 -46.99
N LYS I 38 21.91 14.49 -45.93
CA LYS I 38 20.67 14.59 -45.17
C LYS I 38 20.99 14.74 -43.70
N PRO I 39 20.11 15.37 -42.93
CA PRO I 39 20.34 15.49 -41.49
C PRO I 39 20.00 14.20 -40.78
N THR I 40 20.40 14.12 -39.51
CA THR I 40 20.12 12.95 -38.68
C THR I 40 18.65 12.97 -38.31
N VAL I 41 17.90 11.96 -38.75
CA VAL I 41 16.49 11.85 -38.45
C VAL I 41 16.29 10.63 -37.56
N ASP I 42 15.68 10.85 -36.39
CA ASP I 42 15.36 9.78 -35.45
C ASP I 42 13.94 9.33 -35.72
N ILE I 43 13.78 8.05 -36.06
CA ILE I 43 12.47 7.45 -36.30
C ILE I 43 12.21 6.48 -35.15
N GLU I 44 11.08 6.66 -34.48
CA GLU I 44 10.71 5.81 -33.36
C GLU I 44 9.27 5.36 -33.56
N LEU I 45 9.08 4.04 -33.75
CA LEU I 45 7.75 3.48 -33.87
C LEU I 45 7.14 3.37 -32.48
N VAL I 46 6.51 4.45 -32.01
CA VAL I 46 6.01 4.53 -30.65
C VAL I 46 4.55 4.11 -30.56
N THR I 47 3.73 4.48 -31.54
CA THR I 47 2.32 4.16 -31.52
C THR I 47 2.12 2.80 -32.20
N THR I 48 1.14 2.06 -31.68
CA THR I 48 0.75 0.78 -32.27
C THR I 48 -0.74 0.59 -31.95
N THR I 49 -1.59 0.93 -32.91
CA THR I 49 -3.03 0.88 -32.70
C THR I 49 -3.60 -0.36 -33.38
N VAL I 50 -4.22 -1.23 -32.58
CA VAL I 50 -4.94 -2.39 -33.10
C VAL I 50 -6.43 -2.07 -33.06
N SER I 51 -7.05 -2.00 -34.23
CA SER I 51 -8.44 -1.56 -34.34
C SER I 51 -9.31 -2.71 -34.85
N ASN I 52 -10.52 -2.80 -34.30
CA ASN I 52 -11.50 -3.81 -34.65
C ASN I 52 -11.02 -5.22 -34.26
N MET I 53 -10.78 -5.40 -32.98
CA MET I 53 -10.40 -6.69 -32.44
C MET I 53 -11.66 -7.46 -32.06
N ALA I 54 -12.02 -8.44 -32.89
CA ALA I 54 -13.24 -9.21 -32.71
C ALA I 54 -13.04 -10.25 -31.61
N GLU I 55 -14.11 -10.50 -30.85
CA GLU I 55 -14.04 -11.35 -29.68
C GLU I 55 -13.86 -12.82 -30.06
N VAL I 56 -13.23 -13.56 -29.15
CA VAL I 56 -12.94 -14.98 -29.35
C VAL I 56 -13.58 -15.75 -28.20
N ARG I 57 -13.39 -17.08 -28.19
CA ARG I 57 -13.90 -17.91 -27.11
C ARG I 57 -13.19 -17.62 -25.81
N SER I 58 -13.90 -16.98 -24.88
CA SER I 58 -13.34 -16.47 -23.64
C SER I 58 -13.83 -17.34 -22.49
N TYR I 59 -12.87 -17.92 -21.75
CA TYR I 59 -13.19 -18.77 -20.61
C TYR I 59 -13.67 -17.92 -19.44
N CYS I 60 -14.45 -18.56 -18.57
CA CYS I 60 -14.96 -17.93 -17.36
C CYS I 60 -13.82 -17.80 -16.35
N TYR I 61 -13.77 -16.64 -15.69
CA TYR I 61 -12.70 -16.35 -14.74
C TYR I 61 -13.09 -16.58 -13.28
N GLU I 62 -14.37 -16.53 -12.95
CA GLU I 62 -14.86 -16.84 -11.61
C GLU I 62 -16.32 -17.25 -11.73
N ALA I 63 -16.59 -18.53 -11.56
CA ALA I 63 -17.94 -19.07 -11.63
C ALA I 63 -18.52 -19.22 -10.23
N SER I 64 -19.73 -19.77 -10.17
CA SER I 64 -20.39 -20.04 -8.89
C SER I 64 -21.61 -20.90 -9.15
N ILE I 65 -21.92 -21.77 -8.20
CA ILE I 65 -23.02 -22.72 -8.33
C ILE I 65 -24.30 -22.03 -7.89
N SER I 66 -25.42 -22.45 -8.48
CA SER I 66 -26.73 -21.95 -8.12
C SER I 66 -27.32 -22.83 -7.01
N ASP I 67 -28.64 -22.78 -6.83
CA ASP I 67 -29.32 -23.66 -5.88
C ASP I 67 -29.27 -25.10 -6.36
N MET I 68 -28.45 -25.92 -5.69
CA MET I 68 -28.22 -27.29 -6.10
C MET I 68 -29.11 -28.24 -5.32
N ALA I 69 -29.45 -29.36 -5.96
CA ALA I 69 -30.26 -30.38 -5.34
C ALA I 69 -29.76 -31.73 -5.84
N SER I 70 -30.35 -32.80 -5.31
CA SER I 70 -29.92 -34.14 -5.68
C SER I 70 -31.15 -35.00 -5.95
N ASP I 71 -31.04 -35.84 -6.96
CA ASP I 71 -32.02 -36.85 -7.28
C ASP I 71 -31.39 -38.21 -7.00
N SER I 72 -32.02 -38.98 -6.12
CA SER I 72 -31.47 -40.24 -5.66
C SER I 72 -32.42 -41.37 -6.00
N ARG I 73 -31.85 -42.45 -6.56
CA ARG I 73 -32.55 -43.70 -6.79
C ARG I 73 -31.84 -44.78 -6.01
N CYS I 74 -32.58 -45.83 -5.66
CA CYS I 74 -32.05 -46.91 -4.85
C CYS I 74 -31.15 -47.83 -5.67
N PRO I 75 -30.43 -48.73 -5.01
CA PRO I 75 -29.58 -49.69 -5.74
C PRO I 75 -30.44 -50.73 -6.44
N THR I 76 -30.48 -50.64 -7.77
CA THR I 76 -31.43 -51.40 -8.57
C THR I 76 -32.82 -50.78 -8.54
N GLN I 77 -32.88 -49.50 -8.19
CA GLN I 77 -34.12 -48.75 -8.12
C GLN I 77 -34.15 -47.58 -9.09
N GLY I 78 -33.40 -47.68 -10.19
CA GLY I 78 -33.35 -46.65 -11.20
C GLY I 78 -32.26 -45.63 -10.93
N GLU I 79 -31.77 -45.04 -12.01
CA GLU I 79 -30.72 -44.02 -11.95
C GLU I 79 -31.36 -42.67 -11.68
N ALA I 80 -30.52 -41.73 -11.24
CA ALA I 80 -30.99 -40.39 -10.93
C ALA I 80 -31.24 -39.60 -12.22
N TYR I 81 -32.43 -39.03 -12.31
CA TYR I 81 -32.79 -38.20 -13.46
C TYR I 81 -33.38 -36.91 -12.91
N LEU I 82 -32.53 -35.91 -12.72
CA LEU I 82 -32.94 -34.63 -12.15
C LEU I 82 -33.72 -33.82 -13.18
N ASP I 83 -34.73 -33.09 -12.68
CA ASP I 83 -35.47 -32.16 -13.52
C ASP I 83 -34.61 -30.99 -13.95
N LYS I 84 -33.71 -30.51 -13.08
CA LYS I 84 -32.71 -29.53 -13.45
C LYS I 84 -31.50 -30.16 -14.12
N GLN I 85 -31.42 -31.49 -14.12
CA GLN I 85 -30.37 -32.21 -14.83
C GLN I 85 -30.54 -32.12 -16.35
N SER I 86 -31.76 -31.96 -16.84
CA SER I 86 -32.01 -31.73 -18.25
C SER I 86 -31.97 -30.26 -18.64
N ASP I 87 -31.75 -29.38 -17.67
CA ASP I 87 -31.65 -27.94 -17.93
C ASP I 87 -30.21 -27.60 -18.25
N THR I 88 -30.02 -26.85 -19.35
CA THR I 88 -28.68 -26.47 -19.80
C THR I 88 -28.01 -25.45 -18.89
N GLN I 89 -28.79 -24.63 -18.17
CA GLN I 89 -28.23 -23.65 -17.25
C GLN I 89 -27.72 -24.28 -15.96
N TYR I 90 -28.13 -25.50 -15.64
CA TYR I 90 -27.69 -26.19 -14.43
C TYR I 90 -26.73 -27.31 -14.82
N VAL I 91 -25.51 -27.23 -14.28
CA VAL I 91 -24.54 -28.30 -14.44
C VAL I 91 -24.79 -29.35 -13.37
N CYS I 92 -24.69 -30.62 -13.75
CA CYS I 92 -24.99 -31.72 -12.84
C CYS I 92 -23.93 -32.80 -12.97
N LYS I 93 -23.75 -33.55 -11.88
CA LYS I 93 -22.83 -34.68 -11.84
C LYS I 93 -23.54 -35.86 -11.21
N ARG I 94 -23.49 -37.00 -11.89
CA ARG I 94 -24.08 -38.24 -11.39
C ARG I 94 -22.99 -39.13 -10.81
N THR I 95 -23.36 -39.91 -9.80
CA THR I 95 -22.41 -40.79 -9.13
C THR I 95 -23.17 -41.94 -8.50
N LEU I 96 -22.43 -42.97 -8.09
CA LEU I 96 -22.97 -44.15 -7.42
C LEU I 96 -22.65 -44.04 -5.94
N VAL I 97 -23.67 -43.79 -5.12
CA VAL I 97 -23.51 -43.63 -3.69
C VAL I 97 -24.11 -44.84 -2.98
N ASP I 98 -23.87 -44.92 -1.68
CA ASP I 98 -24.35 -46.05 -0.91
C ASP I 98 -25.82 -45.84 -0.54
N ARG I 99 -26.66 -46.82 -0.85
CA ARG I 99 -28.06 -46.82 -0.44
C ARG I 99 -28.36 -48.18 0.19
N GLY I 100 -28.82 -48.17 1.43
CA GLY I 100 -29.07 -49.39 2.14
C GLY I 100 -30.44 -49.45 2.76
N TRP I 101 -30.69 -50.51 3.53
CA TRP I 101 -31.93 -50.62 4.31
C TRP I 101 -32.01 -49.55 5.39
N GLY I 102 -30.89 -49.24 6.05
CA GLY I 102 -30.83 -48.06 6.88
C GLY I 102 -30.64 -46.78 6.09
N ASN I 103 -30.21 -46.89 4.83
CA ASN I 103 -29.99 -45.75 3.97
C ASN I 103 -31.22 -45.40 3.14
N GLY I 104 -32.36 -46.04 3.40
CA GLY I 104 -33.60 -45.72 2.74
C GLY I 104 -33.96 -46.60 1.56
N CYS I 105 -33.00 -47.30 0.98
CA CYS I 105 -33.29 -48.20 -0.13
C CYS I 105 -33.83 -49.53 0.41
N GLY I 106 -34.35 -50.35 -0.50
CA GLY I 106 -34.89 -51.63 -0.09
C GLY I 106 -33.86 -52.75 -0.15
N LEU I 107 -32.67 -52.43 -0.64
CA LEU I 107 -31.58 -53.39 -0.72
C LEU I 107 -30.28 -52.65 -0.43
N PHE I 108 -29.40 -53.27 0.35
CA PHE I 108 -28.08 -52.69 0.60
C PHE I 108 -27.23 -52.80 -0.64
N GLY I 109 -26.79 -51.66 -1.17
CA GLY I 109 -26.04 -51.65 -2.40
C GLY I 109 -25.71 -50.23 -2.83
N LYS I 110 -25.47 -50.10 -4.13
CA LYS I 110 -25.03 -48.83 -4.70
C LYS I 110 -26.18 -48.16 -5.44
N GLY I 111 -26.82 -47.19 -4.79
CA GLY I 111 -27.82 -46.37 -5.45
C GLY I 111 -27.18 -45.30 -6.30
N SER I 112 -28.01 -44.55 -7.03
CA SER I 112 -27.49 -43.56 -7.95
C SER I 112 -27.99 -42.18 -7.57
N LEU I 113 -27.05 -41.25 -7.35
CA LEU I 113 -27.40 -39.89 -6.95
C LEU I 113 -26.80 -38.91 -7.94
N VAL I 114 -27.61 -37.96 -8.41
CA VAL I 114 -27.17 -36.93 -9.34
C VAL I 114 -27.43 -35.58 -8.69
N THR I 115 -26.38 -34.77 -8.59
CA THR I 115 -26.45 -33.45 -7.95
C THR I 115 -26.31 -32.39 -9.03
N CYS I 116 -27.27 -31.47 -9.08
CA CYS I 116 -27.30 -30.41 -10.08
C CYS I 116 -27.31 -29.05 -9.40
N ALA I 117 -26.85 -28.03 -10.12
CA ALA I 117 -26.84 -26.66 -9.60
C ALA I 117 -26.60 -25.71 -10.76
N LYS I 118 -27.17 -24.50 -10.67
CA LYS I 118 -27.09 -23.53 -11.76
C LYS I 118 -25.70 -22.90 -11.78
N PHE I 119 -24.75 -23.57 -12.42
CA PHE I 119 -23.37 -23.10 -12.47
C PHE I 119 -23.25 -21.96 -13.46
N ALA I 120 -23.19 -20.73 -12.94
CA ALA I 120 -23.13 -19.53 -13.78
C ALA I 120 -21.78 -18.87 -13.56
N CYS I 121 -21.18 -18.39 -14.65
CA CYS I 121 -19.89 -17.70 -14.59
C CYS I 121 -20.14 -16.24 -14.24
N SER I 122 -19.70 -15.85 -13.04
CA SER I 122 -19.93 -14.49 -12.55
C SER I 122 -19.08 -13.46 -13.27
N LYS I 123 -17.96 -13.88 -13.87
CA LYS I 123 -17.16 -13.01 -14.71
C LYS I 123 -16.22 -13.87 -15.55
N LYS I 124 -15.93 -13.41 -16.76
CA LYS I 124 -15.07 -14.15 -17.67
C LYS I 124 -14.13 -13.20 -18.40
N MET I 125 -12.87 -13.61 -18.50
CA MET I 125 -11.88 -12.90 -19.29
C MET I 125 -12.12 -13.19 -20.77
N THR I 126 -12.07 -12.15 -21.59
CA THR I 126 -12.44 -12.25 -22.99
C THR I 126 -11.24 -11.91 -23.85
N GLY I 127 -10.93 -12.79 -24.80
CA GLY I 127 -9.78 -12.58 -25.67
C GLY I 127 -10.20 -12.12 -27.06
N LYS I 128 -9.84 -10.89 -27.38
CA LYS I 128 -10.09 -10.34 -28.70
C LYS I 128 -9.10 -10.91 -29.71
N SER I 129 -9.58 -11.19 -30.90
CA SER I 129 -8.73 -11.67 -31.99
C SER I 129 -8.37 -10.51 -32.89
N ILE I 130 -7.08 -10.35 -33.17
CA ILE I 130 -6.57 -9.22 -33.94
C ILE I 130 -6.32 -9.69 -35.36
N GLN I 131 -7.06 -9.11 -36.30
CA GLN I 131 -6.86 -9.39 -37.73
C GLN I 131 -5.63 -8.63 -38.22
N PRO I 132 -5.08 -9.03 -39.38
CA PRO I 132 -3.91 -8.33 -39.92
C PRO I 132 -4.22 -6.95 -40.47
N GLU I 133 -5.47 -6.64 -40.78
CA GLU I 133 -5.85 -5.33 -41.30
C GLU I 133 -6.29 -4.35 -40.22
N ASN I 134 -5.89 -4.57 -38.97
CA ASN I 134 -6.26 -3.69 -37.88
C ASN I 134 -5.07 -2.97 -37.27
N LEU I 135 -3.85 -3.38 -37.61
CA LEU I 135 -2.65 -2.77 -37.03
C LEU I 135 -2.33 -1.46 -37.72
N GLU I 136 -1.81 -0.50 -36.95
CA GLU I 136 -1.39 0.80 -37.45
C GLU I 136 -0.26 1.28 -36.55
N TYR I 137 0.97 1.27 -37.08
CA TYR I 137 2.14 1.66 -36.32
C TYR I 137 2.38 3.17 -36.50
N ARG I 138 2.39 3.90 -35.40
CA ARG I 138 2.66 5.33 -35.43
C ARG I 138 4.14 5.56 -35.16
N ILE I 139 4.86 6.03 -36.16
CA ILE I 139 6.31 6.24 -36.06
C ILE I 139 6.53 7.74 -36.15
N MET I 140 7.19 8.29 -35.14
CA MET I 140 7.55 9.70 -35.13
C MET I 140 8.96 9.87 -35.67
N LEU I 141 9.10 10.69 -36.69
CA LEU I 141 10.40 11.07 -37.23
C LEU I 141 10.73 12.47 -36.72
N SER I 142 12.02 12.71 -36.49
CA SER I 142 12.44 14.00 -35.95
C SER I 142 13.83 14.30 -36.50
N VAL I 143 13.94 15.37 -37.28
CA VAL I 143 15.24 15.76 -37.83
C VAL I 143 16.05 16.46 -36.75
N HIS I 144 17.22 15.89 -36.45
CA HIS I 144 18.14 16.49 -35.49
C HIS I 144 18.82 17.68 -36.17
N GLY I 145 18.74 18.84 -35.53
CA GLY I 145 19.16 20.07 -36.17
C GLY I 145 18.78 21.31 -35.36
N SER I 146 18.13 22.26 -36.01
CA SER I 146 17.77 23.53 -35.38
C SER I 146 16.59 23.32 -34.43
N GLN I 147 16.92 22.89 -33.21
CA GLN I 147 15.96 22.73 -32.13
C GLN I 147 16.69 22.90 -30.81
N HIS I 148 15.95 23.28 -29.78
CA HIS I 148 16.51 23.53 -28.46
C HIS I 148 16.41 22.26 -27.61
N SER I 149 16.74 22.41 -26.33
CA SER I 149 16.62 21.29 -25.38
C SER I 149 15.16 21.00 -25.05
N GLY I 150 14.28 21.98 -25.20
CA GLY I 150 12.87 21.79 -24.93
C GLY I 150 12.08 21.22 -26.09
N MET I 151 12.77 20.89 -27.18
CA MET I 151 12.14 20.22 -28.31
C MET I 151 12.61 18.77 -28.44
N ILE I 152 13.56 18.35 -27.61
CA ILE I 152 14.01 16.95 -27.60
C ILE I 152 12.92 16.07 -26.99
N VAL I 153 12.32 16.53 -25.89
CA VAL I 153 11.22 15.80 -25.29
C VAL I 153 9.88 16.49 -25.51
N ASN I 154 9.90 17.76 -25.90
CA ASN I 154 8.66 18.51 -26.13
C ASN I 154 8.07 18.08 -27.47
N ASP I 155 7.23 17.05 -27.45
CA ASP I 155 6.60 16.54 -28.66
C ASP I 155 5.20 17.11 -28.88
N THR I 156 4.84 18.17 -28.16
CA THR I 156 3.53 18.80 -28.33
C THR I 156 3.46 19.56 -29.64
N GLY I 157 2.85 18.94 -30.65
CA GLY I 157 2.75 19.54 -31.96
C GLY I 157 3.71 18.93 -32.96
N HIS I 158 3.20 18.05 -33.83
CA HIS I 158 4.02 17.43 -34.86
C HIS I 158 3.64 17.87 -36.27
N GLU I 159 2.39 18.27 -36.51
CA GLU I 159 2.01 18.77 -37.83
C GLU I 159 2.53 20.17 -38.08
N THR I 160 2.60 21.02 -37.06
CA THR I 160 3.06 22.39 -37.20
C THR I 160 4.50 22.57 -36.74
N ASP I 161 5.23 21.46 -36.56
CA ASP I 161 6.60 21.53 -36.09
C ASP I 161 7.60 21.87 -37.18
N GLU I 162 7.70 21.05 -38.23
CA GLU I 162 8.65 21.25 -39.32
C GLU I 162 10.05 20.73 -39.00
N ASN I 163 10.25 20.23 -37.78
CA ASN I 163 11.46 19.49 -37.43
C ASN I 163 11.18 18.07 -37.00
N ARG I 164 10.00 17.81 -36.43
CA ARG I 164 9.54 16.48 -36.09
C ARG I 164 8.07 16.36 -36.45
N ALA I 165 7.64 15.13 -36.75
CA ALA I 165 6.27 14.84 -37.11
C ALA I 165 6.05 13.34 -37.05
N LYS I 166 4.83 12.93 -36.72
CA LYS I 166 4.47 11.53 -36.64
C LYS I 166 3.71 11.11 -37.90
N VAL I 167 4.00 9.90 -38.37
CA VAL I 167 3.34 9.33 -39.54
C VAL I 167 2.83 7.95 -39.13
N GLU I 168 1.59 7.65 -39.47
CA GLU I 168 0.99 6.35 -39.18
C GLU I 168 1.07 5.48 -40.43
N ILE I 169 1.72 4.33 -40.30
CA ILE I 169 1.87 3.38 -41.39
C ILE I 169 0.99 2.19 -41.04
N THR I 170 0.10 1.83 -41.95
CA THR I 170 -0.78 0.68 -41.74
C THR I 170 -0.45 -0.41 -42.75
N PRO I 171 -1.12 -1.56 -42.65
CA PRO I 171 -1.02 -2.56 -43.72
C PRO I 171 -1.62 -2.10 -45.04
N ASN I 172 -2.65 -1.26 -45.00
CA ASN I 172 -3.23 -0.72 -46.23
C ASN I 172 -2.34 0.36 -46.83
N SER I 173 -1.57 1.06 -46.00
CA SER I 173 -0.70 2.15 -46.45
C SER I 173 0.71 1.88 -45.96
N PRO I 174 1.42 0.95 -46.60
CA PRO I 174 2.80 0.68 -46.18
C PRO I 174 3.80 1.70 -46.67
N ARG I 175 3.58 2.30 -47.84
CA ARG I 175 4.48 3.30 -48.38
C ARG I 175 3.93 4.68 -48.10
N ALA I 176 4.81 5.58 -47.66
CA ALA I 176 4.42 6.95 -47.33
C ALA I 176 5.63 7.86 -47.49
N GLU I 177 5.38 9.16 -47.51
CA GLU I 177 6.43 10.16 -47.63
C GLU I 177 6.06 11.33 -46.73
N ALA I 178 6.81 11.50 -45.65
CA ALA I 178 6.57 12.58 -44.70
C ALA I 178 7.43 13.78 -45.09
N THR I 179 6.76 14.88 -45.45
CA THR I 179 7.46 16.08 -45.88
C THR I 179 7.96 16.82 -44.65
N LEU I 180 9.25 16.68 -44.36
CA LEU I 180 9.89 17.36 -43.24
C LEU I 180 10.42 18.68 -43.79
N GLY I 181 9.78 19.78 -43.37
CA GLY I 181 10.02 21.11 -43.91
C GLY I 181 11.43 21.65 -43.76
N GLY I 182 12.04 22.00 -44.88
CA GLY I 182 13.46 22.34 -44.95
C GLY I 182 14.33 21.16 -45.32
N PHE I 183 14.10 20.01 -44.70
CA PHE I 183 14.87 18.80 -44.97
C PHE I 183 14.38 18.02 -46.18
N GLY I 184 13.24 18.39 -46.75
CA GLY I 184 12.71 17.69 -47.91
C GLY I 184 11.60 16.73 -47.52
N SER I 185 11.77 15.45 -47.86
CA SER I 185 10.72 14.46 -47.61
C SER I 185 11.38 13.13 -47.28
N LEU I 186 11.12 12.62 -46.08
CA LEU I 186 11.61 11.31 -45.70
C LEU I 186 10.64 10.24 -46.19
N GLY I 187 11.14 9.26 -46.93
CA GLY I 187 10.30 8.21 -47.49
C GLY I 187 10.29 6.98 -46.61
N LEU I 188 9.11 6.63 -46.12
CA LEU I 188 8.93 5.42 -45.33
C LEU I 188 8.39 4.31 -46.23
N ASP I 189 9.08 3.17 -46.19
CA ASP I 189 8.70 1.99 -46.96
C ASP I 189 8.56 0.80 -46.02
N CYS I 190 7.86 1.01 -44.91
CA CYS I 190 7.64 -0.02 -43.92
C CYS I 190 6.66 -1.08 -44.45
N GLU I 191 6.90 -2.32 -44.06
CA GLU I 191 6.08 -3.46 -44.47
C GLU I 191 5.09 -3.76 -43.37
N PRO I 192 3.86 -3.23 -43.47
CA PRO I 192 2.85 -3.53 -42.45
C PRO I 192 2.31 -4.95 -42.53
N ARG I 193 2.41 -5.60 -43.69
CA ARG I 193 2.07 -7.01 -43.80
C ARG I 193 3.07 -7.89 -43.09
N THR I 194 4.35 -7.50 -43.08
CA THR I 194 5.37 -8.23 -42.34
C THR I 194 5.47 -7.70 -40.92
N GLY I 195 4.48 -8.04 -40.11
CA GLY I 195 4.42 -7.58 -38.74
C GLY I 195 5.11 -8.51 -37.77
N LEU I 196 4.95 -8.25 -36.48
CA LEU I 196 5.61 -9.04 -35.44
C LEU I 196 4.66 -10.12 -34.90
N ASP I 197 4.17 -10.96 -35.82
CA ASP I 197 3.32 -12.10 -35.50
C ASP I 197 1.96 -11.71 -34.96
N PHE I 198 1.27 -10.80 -35.65
CA PHE I 198 -0.04 -10.34 -35.20
C PHE I 198 -1.14 -11.38 -35.38
N SER I 199 -0.97 -12.34 -36.28
CA SER I 199 -1.98 -13.37 -36.50
C SER I 199 -1.81 -14.57 -35.58
N ASP I 200 -0.71 -14.65 -34.83
CA ASP I 200 -0.46 -15.79 -33.94
C ASP I 200 -0.76 -15.45 -32.48
N LEU I 201 -1.35 -14.29 -32.22
CA LEU I 201 -1.56 -13.84 -30.86
C LEU I 201 -2.97 -13.25 -30.72
N TYR I 202 -3.49 -13.32 -29.50
CA TYR I 202 -4.77 -12.72 -29.14
C TYR I 202 -4.55 -11.71 -28.02
N TYR I 203 -5.47 -10.75 -27.91
CA TYR I 203 -5.41 -9.71 -26.89
C TYR I 203 -6.45 -10.05 -25.82
N LEU I 204 -6.02 -10.74 -24.77
CA LEU I 204 -6.92 -11.10 -23.69
C LEU I 204 -7.11 -9.92 -22.75
N THR I 205 -8.36 -9.70 -22.33
CA THR I 205 -8.69 -8.65 -21.38
C THR I 205 -9.36 -9.32 -20.19
N MET I 206 -8.85 -8.99 -18.99
CA MET I 206 -9.39 -9.53 -17.73
C MET I 206 -9.13 -8.49 -16.64
N ASN I 207 -10.19 -7.84 -16.18
CA ASN I 207 -10.10 -6.81 -15.14
C ASN I 207 -9.47 -5.53 -15.68
N ASN I 208 -9.63 -5.30 -16.98
CA ASN I 208 -9.01 -4.18 -17.67
C ASN I 208 -7.51 -4.40 -17.83
N LYS I 209 -7.11 -5.67 -17.90
CA LYS I 209 -5.72 -6.04 -18.04
C LYS I 209 -5.52 -6.62 -19.42
N HIS I 210 -5.08 -5.78 -20.36
CA HIS I 210 -4.80 -6.20 -21.72
C HIS I 210 -3.49 -6.96 -21.75
N TRP I 211 -3.50 -8.14 -22.37
CA TRP I 211 -2.31 -8.96 -22.50
C TRP I 211 -2.30 -9.60 -23.87
N LEU I 212 -1.20 -9.43 -24.59
CA LEU I 212 -1.02 -10.02 -25.92
C LEU I 212 -0.51 -11.44 -25.74
N VAL I 213 -1.43 -12.34 -25.39
CA VAL I 213 -1.09 -13.74 -25.17
C VAL I 213 -1.01 -14.45 -26.52
N HIS I 214 -0.40 -15.64 -26.52
CA HIS I 214 -0.28 -16.40 -27.75
C HIS I 214 -1.62 -17.01 -28.14
N LYS I 215 -1.72 -17.40 -29.41
CA LYS I 215 -2.96 -18.00 -29.92
C LYS I 215 -3.17 -19.40 -29.35
N GLU I 216 -2.08 -20.16 -29.17
CA GLU I 216 -2.20 -21.49 -28.58
C GLU I 216 -2.53 -21.42 -27.09
N TRP I 217 -1.97 -20.44 -26.39
CA TRP I 217 -2.31 -20.25 -24.98
C TRP I 217 -3.71 -19.68 -24.81
N PHE I 218 -4.15 -18.85 -25.75
CA PHE I 218 -5.52 -18.32 -25.71
C PHE I 218 -6.53 -19.40 -26.05
N HIS I 219 -6.17 -20.33 -26.93
CA HIS I 219 -7.04 -21.45 -27.28
C HIS I 219 -6.85 -22.64 -26.35
N ASP I 220 -5.97 -22.53 -25.37
CA ASP I 220 -5.72 -23.60 -24.40
C ASP I 220 -6.14 -23.23 -22.99
N ILE I 221 -6.91 -22.16 -22.81
CA ILE I 221 -7.32 -21.72 -21.47
C ILE I 221 -8.46 -22.61 -20.98
N PRO I 222 -8.31 -23.30 -19.86
CA PRO I 222 -9.40 -24.18 -19.36
C PRO I 222 -10.36 -23.48 -18.40
N LEU I 223 -11.19 -22.61 -18.95
CA LEU I 223 -12.22 -21.90 -18.20
C LEU I 223 -13.57 -22.23 -18.82
N PRO I 224 -14.66 -21.74 -18.23
CA PRO I 224 -15.98 -21.92 -18.86
C PRO I 224 -16.11 -20.99 -20.06
N TRP I 225 -16.00 -21.58 -21.25
CA TRP I 225 -15.82 -20.82 -22.48
C TRP I 225 -17.16 -20.39 -23.06
N HIS I 226 -17.46 -19.10 -22.90
CA HIS I 226 -18.49 -18.45 -23.70
C HIS I 226 -17.97 -18.39 -25.13
N ALA I 227 -18.84 -18.70 -26.09
CA ALA I 227 -18.41 -18.94 -27.46
C ALA I 227 -18.08 -17.67 -28.22
N GLY I 228 -19.08 -16.82 -28.44
CA GLY I 228 -18.88 -15.62 -29.25
C GLY I 228 -19.47 -14.36 -28.64
N ALA I 229 -20.33 -13.68 -29.38
CA ALA I 229 -20.97 -12.45 -28.91
C ALA I 229 -22.32 -12.71 -28.26
N ASP I 230 -22.59 -13.96 -27.89
CA ASP I 230 -23.82 -14.33 -27.19
C ASP I 230 -23.64 -13.88 -25.74
N THR I 231 -24.09 -12.65 -25.45
CA THR I 231 -23.88 -12.03 -24.15
C THR I 231 -24.97 -12.40 -23.14
N GLY I 232 -25.93 -13.23 -23.53
CA GLY I 232 -27.01 -13.62 -22.65
C GLY I 232 -26.60 -14.79 -21.79
N THR I 233 -27.33 -15.90 -21.93
CA THR I 233 -26.95 -17.14 -21.27
C THR I 233 -25.72 -17.69 -21.97
N PRO I 234 -24.56 -17.72 -21.31
CA PRO I 234 -23.35 -18.23 -21.95
C PRO I 234 -23.38 -19.75 -22.11
N HIS I 235 -22.69 -20.22 -23.14
CA HIS I 235 -22.62 -21.66 -23.41
C HIS I 235 -21.83 -22.41 -22.34
N TRP I 236 -20.76 -21.77 -21.82
CA TRP I 236 -19.86 -22.37 -20.83
C TRP I 236 -19.18 -23.63 -21.36
N ASN I 237 -18.40 -23.43 -22.42
CA ASN I 237 -17.60 -24.52 -22.98
C ASN I 237 -16.50 -24.90 -22.01
N ASN I 238 -16.54 -26.15 -21.55
CA ASN I 238 -15.72 -26.61 -20.44
C ASN I 238 -16.14 -25.92 -19.14
N LYS I 239 -17.47 -25.82 -18.96
CA LYS I 239 -18.01 -25.16 -17.78
C LYS I 239 -17.99 -26.07 -16.55
N GLU I 240 -17.81 -27.37 -16.75
CA GLU I 240 -17.79 -28.32 -15.64
C GLU I 240 -16.45 -28.35 -14.92
N ALA I 241 -15.41 -27.72 -15.47
CA ALA I 241 -14.10 -27.70 -14.87
C ALA I 241 -13.99 -26.72 -13.70
N LEU I 242 -14.95 -25.81 -13.54
CA LEU I 242 -14.90 -24.83 -12.46
C LEU I 242 -15.46 -25.34 -11.15
N VAL I 243 -16.41 -26.28 -11.18
CA VAL I 243 -16.98 -26.83 -9.97
C VAL I 243 -16.52 -28.27 -9.80
N GLU I 244 -16.61 -28.77 -8.57
CA GLU I 244 -16.28 -30.15 -8.24
C GLU I 244 -17.37 -30.68 -7.32
N PHE I 245 -18.05 -31.73 -7.76
CA PHE I 245 -19.10 -32.37 -6.96
C PHE I 245 -18.45 -33.47 -6.12
N LYS I 246 -17.98 -33.10 -4.94
CA LYS I 246 -17.34 -34.04 -4.02
C LYS I 246 -18.44 -34.81 -3.29
N ASP I 247 -18.53 -36.11 -3.58
CA ASP I 247 -19.49 -36.96 -2.88
C ASP I 247 -18.92 -37.35 -1.52
N ALA I 248 -19.79 -37.49 -0.52
CA ALA I 248 -19.39 -37.91 0.81
C ALA I 248 -19.49 -39.43 0.91
N HIS I 249 -19.34 -39.95 2.13
CA HIS I 249 -19.51 -41.38 2.37
C HIS I 249 -20.97 -41.82 2.37
N ALA I 250 -21.88 -40.86 2.51
CA ALA I 250 -23.32 -41.09 2.44
C ALA I 250 -23.85 -40.28 1.25
N LYS I 251 -25.18 -40.16 1.15
CA LYS I 251 -25.79 -39.45 0.03
C LYS I 251 -25.70 -37.94 0.17
N ARG I 252 -24.49 -37.38 0.14
CA ARG I 252 -24.30 -35.94 0.15
C ARG I 252 -23.20 -35.59 -0.85
N GLN I 253 -23.61 -35.14 -2.03
CA GLN I 253 -22.68 -34.78 -3.10
C GLN I 253 -22.59 -33.25 -3.11
N THR I 254 -21.68 -32.72 -2.30
CA THR I 254 -21.51 -31.27 -2.17
C THR I 254 -20.78 -30.74 -3.40
N VAL I 255 -21.45 -29.89 -4.15
CA VAL I 255 -20.87 -29.27 -5.34
C VAL I 255 -20.25 -27.95 -4.90
N VAL I 256 -18.92 -27.89 -4.94
CA VAL I 256 -18.18 -26.70 -4.54
C VAL I 256 -17.51 -26.11 -5.76
N VAL I 257 -17.80 -24.84 -6.03
CA VAL I 257 -17.19 -24.13 -7.14
C VAL I 257 -15.76 -23.78 -6.76
N LEU I 258 -14.90 -23.65 -7.76
CA LEU I 258 -13.52 -23.25 -7.52
C LEU I 258 -13.44 -21.75 -7.26
N GLY I 259 -12.26 -21.31 -6.85
CA GLY I 259 -12.02 -19.91 -6.54
C GLY I 259 -11.77 -19.07 -7.78
N SER I 260 -11.31 -17.84 -7.55
CA SER I 260 -11.05 -16.90 -8.63
C SER I 260 -9.76 -17.30 -9.34
N GLN I 261 -9.85 -17.53 -10.65
CA GLN I 261 -8.71 -17.93 -11.46
C GLN I 261 -7.97 -16.75 -12.07
N GLU I 262 -8.29 -15.53 -11.65
CA GLU I 262 -7.61 -14.35 -12.17
C GLU I 262 -6.16 -14.27 -11.69
N GLY I 263 -5.90 -14.78 -10.48
CA GLY I 263 -4.54 -14.91 -10.00
C GLY I 263 -3.72 -15.94 -10.77
N ALA I 264 -4.32 -17.10 -11.06
CA ALA I 264 -3.67 -18.09 -11.91
C ALA I 264 -3.52 -17.62 -13.34
N VAL I 265 -4.48 -16.83 -13.84
CA VAL I 265 -4.34 -16.17 -15.14
C VAL I 265 -3.22 -15.13 -15.15
N HIS I 266 -3.02 -14.39 -14.06
CA HIS I 266 -1.88 -13.50 -13.94
C HIS I 266 -0.58 -14.30 -13.86
N THR I 267 -0.62 -15.45 -13.20
CA THR I 267 0.52 -16.36 -13.15
C THR I 267 0.84 -16.98 -14.50
N ALA I 268 -0.16 -17.19 -15.35
CA ALA I 268 0.07 -17.64 -16.72
C ALA I 268 0.31 -16.50 -17.69
N LEU I 269 0.12 -15.25 -17.26
CA LEU I 269 0.28 -14.09 -18.12
C LEU I 269 1.62 -13.41 -17.89
N ALA I 270 2.52 -14.09 -17.19
CA ALA I 270 3.88 -13.59 -16.97
C ALA I 270 4.72 -13.65 -18.24
N GLY I 271 4.56 -14.68 -19.06
CA GLY I 271 5.34 -14.82 -20.28
C GLY I 271 4.79 -14.03 -21.46
N ALA I 272 3.63 -13.40 -21.30
CA ALA I 272 3.07 -12.57 -22.35
C ALA I 272 3.42 -11.11 -22.09
N LEU I 273 3.17 -10.26 -23.10
CA LEU I 273 3.40 -8.84 -22.99
C LEU I 273 2.10 -8.13 -22.68
N GLU I 274 2.09 -7.34 -21.62
CA GLU I 274 0.90 -6.59 -21.24
C GLU I 274 0.71 -5.40 -22.19
N ALA I 275 -0.42 -5.37 -22.88
CA ALA I 275 -0.74 -4.33 -23.83
C ALA I 275 -1.79 -3.40 -23.25
N GLU I 276 -1.83 -2.18 -23.78
CA GLU I 276 -2.78 -1.17 -23.34
C GLU I 276 -3.99 -1.18 -24.28
N MET I 277 -5.09 -0.59 -23.82
CA MET I 277 -6.32 -0.53 -24.61
C MET I 277 -6.86 0.88 -24.53
N ASP I 278 -6.82 1.61 -25.64
CA ASP I 278 -7.29 2.99 -25.71
C ASP I 278 -8.69 3.07 -26.32
N GLY I 279 -9.53 2.07 -26.05
CA GLY I 279 -10.85 2.01 -26.63
C GLY I 279 -10.91 1.01 -27.76
N ALA I 280 -11.38 1.45 -28.92
CA ALA I 280 -11.39 0.61 -30.12
C ALA I 280 -9.98 0.34 -30.66
N LYS I 281 -9.03 1.23 -30.41
CA LYS I 281 -7.65 1.03 -30.80
C LYS I 281 -6.84 0.66 -29.57
N GLY I 282 -6.54 -0.62 -29.43
CA GLY I 282 -5.65 -1.10 -28.39
C GLY I 282 -4.21 -0.65 -28.64
N ARG I 283 -3.59 -0.07 -27.62
CA ARG I 283 -2.24 0.47 -27.76
C ARG I 283 -1.21 -0.57 -27.37
N LEU I 284 -0.61 -1.20 -28.37
CA LEU I 284 0.55 -2.06 -28.15
C LEU I 284 1.82 -1.26 -28.38
N SER I 285 2.64 -1.16 -27.33
CA SER I 285 3.82 -0.31 -27.34
C SER I 285 5.10 -1.07 -27.64
N SER I 286 5.00 -2.30 -28.11
CA SER I 286 6.19 -3.09 -28.41
C SER I 286 6.00 -3.75 -29.77
N GLY I 287 7.11 -4.19 -30.35
CA GLY I 287 7.09 -4.87 -31.63
C GLY I 287 8.37 -4.58 -32.39
N HIS I 288 8.40 -5.03 -33.63
CA HIS I 288 9.57 -4.86 -34.48
C HIS I 288 9.13 -4.91 -35.94
N LEU I 289 9.15 -3.76 -36.60
CA LEU I 289 8.81 -3.67 -38.01
C LEU I 289 10.08 -3.57 -38.84
N LYS I 290 9.92 -3.52 -40.17
CA LYS I 290 11.07 -3.42 -41.08
C LYS I 290 10.75 -2.27 -42.04
N CYS I 291 11.54 -1.20 -41.96
CA CYS I 291 11.24 0.04 -42.65
C CYS I 291 12.23 0.25 -43.79
N ARG I 292 11.71 0.70 -44.93
CA ARG I 292 12.55 1.14 -46.04
C ARG I 292 12.65 2.65 -45.99
N LEU I 293 13.79 3.15 -45.53
CA LEU I 293 14.06 4.58 -45.39
C LEU I 293 14.44 5.09 -46.78
N LYS I 294 13.59 5.96 -47.33
CA LYS I 294 13.86 6.63 -48.59
C LYS I 294 14.53 7.96 -48.29
N MET I 295 15.84 8.02 -48.52
CA MET I 295 16.62 9.22 -48.24
C MET I 295 16.90 10.03 -49.50
N ASP I 296 16.23 9.69 -50.61
CA ASP I 296 16.39 10.44 -51.85
C ASP I 296 15.75 11.83 -51.77
N LYS I 297 14.58 11.92 -51.16
CA LYS I 297 13.92 13.21 -50.96
C LYS I 297 14.46 13.99 -49.77
N LEU I 298 15.27 13.35 -48.93
CA LEU I 298 15.84 14.00 -47.75
C LEU I 298 17.03 14.85 -48.21
N ARG I 299 16.93 16.16 -47.99
CA ARG I 299 17.98 17.09 -48.34
C ARG I 299 18.52 17.76 -47.08
N LEU I 300 19.68 18.40 -47.22
CA LEU I 300 20.30 19.13 -46.12
C LEU I 300 19.79 20.56 -46.14
N LYS I 301 18.88 20.87 -45.21
CA LYS I 301 18.30 22.20 -45.13
C LYS I 301 19.31 23.18 -44.53
N GLY I 302 19.32 24.40 -45.06
CA GLY I 302 20.23 25.42 -44.59
C GLY I 302 21.66 25.25 -45.02
N VAL I 303 21.92 24.43 -46.04
CA VAL I 303 23.28 24.27 -46.57
C VAL I 303 23.74 25.53 -47.28
N SER I 304 22.83 26.20 -48.00
CA SER I 304 23.16 27.47 -48.63
C SER I 304 23.17 28.63 -47.65
N TYR I 305 22.62 28.45 -46.45
CA TYR I 305 22.71 29.45 -45.40
C TYR I 305 24.15 29.54 -44.89
N SER I 306 24.59 30.77 -44.63
CA SER I 306 25.98 30.99 -44.26
C SER I 306 26.21 30.67 -42.78
N LEU I 307 27.45 30.85 -42.36
CA LEU I 307 27.83 30.63 -40.97
C LEU I 307 27.29 31.74 -40.09
N CYS I 308 27.21 31.44 -38.79
CA CYS I 308 26.73 32.42 -37.82
C CYS I 308 27.79 33.49 -37.58
N THR I 309 27.36 34.63 -37.07
CA THR I 309 28.27 35.75 -36.82
C THR I 309 29.18 35.50 -35.63
N ALA I 310 28.63 35.39 -34.44
CA ALA I 310 29.43 35.17 -33.24
C ALA I 310 28.50 34.89 -32.07
N ALA I 311 29.09 34.78 -30.88
CA ALA I 311 28.37 34.65 -29.63
C ALA I 311 27.68 33.29 -29.50
N PHE I 312 28.43 32.25 -29.82
CA PHE I 312 28.01 30.89 -29.51
C PHE I 312 28.42 30.54 -28.09
N THR I 313 27.47 30.58 -27.17
CA THR I 313 27.77 30.39 -25.75
C THR I 313 27.21 29.04 -25.31
N PHE I 314 28.09 28.14 -24.92
CA PHE I 314 27.68 26.80 -24.52
C PHE I 314 27.07 26.83 -23.12
N THR I 315 25.78 27.14 -23.05
CA THR I 315 25.04 27.12 -21.79
C THR I 315 24.40 25.76 -21.60
N LYS I 316 24.53 25.20 -20.39
CA LYS I 316 24.24 23.79 -20.17
C LYS I 316 25.19 22.92 -20.99
N ILE I 317 26.48 22.98 -20.64
CA ILE I 317 27.55 22.27 -21.35
C ILE I 317 27.36 20.76 -21.18
N PRO I 318 27.30 20.00 -22.27
CA PRO I 318 26.91 18.59 -22.17
C PRO I 318 28.09 17.65 -22.07
N ALA I 319 27.77 16.37 -21.92
CA ALA I 319 28.75 15.29 -21.89
C ALA I 319 28.24 14.17 -22.78
N GLU I 320 28.85 13.00 -22.64
CA GLU I 320 28.46 11.81 -23.38
C GLU I 320 27.12 11.32 -22.88
N THR I 321 26.17 11.13 -23.80
CA THR I 321 24.80 10.75 -23.45
C THR I 321 24.59 9.25 -23.56
N LEU I 322 25.48 8.49 -22.91
CA LEU I 322 25.35 7.05 -22.77
C LEU I 322 25.80 6.26 -23.99
N HIS I 323 26.27 6.95 -25.03
CA HIS I 323 26.71 6.28 -26.25
C HIS I 323 27.94 6.91 -26.89
N GLY I 324 28.56 7.90 -26.26
CA GLY I 324 29.69 8.60 -26.83
C GLY I 324 29.32 9.88 -27.55
N THR I 325 28.05 10.09 -27.83
CA THR I 325 27.61 11.33 -28.46
C THR I 325 27.48 12.44 -27.42
N VAL I 326 28.06 13.59 -27.74
CA VAL I 326 28.09 14.74 -26.85
C VAL I 326 27.04 15.72 -27.34
N THR I 327 25.99 15.91 -26.54
CA THR I 327 24.91 16.83 -26.90
C THR I 327 25.33 18.24 -26.52
N VAL I 328 25.56 19.08 -27.52
CA VAL I 328 26.02 20.44 -27.32
C VAL I 328 24.79 21.34 -27.30
N GLU I 329 24.54 21.97 -26.16
CA GLU I 329 23.48 22.95 -26.01
C GLU I 329 24.12 24.33 -26.02
N VAL I 330 23.74 25.15 -27.00
CA VAL I 330 24.36 26.44 -27.21
C VAL I 330 23.28 27.52 -27.22
N GLN I 331 23.70 28.74 -26.90
CA GLN I 331 22.87 29.93 -27.02
C GLN I 331 23.60 30.82 -28.02
N TYR I 332 23.06 30.91 -29.25
CA TYR I 332 23.60 31.80 -30.25
C TYR I 332 23.21 33.23 -29.89
N ALA I 333 24.17 33.98 -29.36
CA ALA I 333 23.98 35.39 -29.04
C ALA I 333 24.31 36.17 -30.30
N GLY I 334 23.27 36.55 -31.04
CA GLY I 334 23.48 37.25 -32.29
C GLY I 334 22.24 37.16 -33.16
N THR I 335 22.08 38.16 -34.03
CA THR I 335 20.91 38.31 -34.88
C THR I 335 21.19 37.89 -36.32
N ASP I 336 21.94 36.81 -36.50
CA ASP I 336 22.32 36.36 -37.84
C ASP I 336 21.16 35.71 -38.59
N GLY I 337 20.08 35.34 -37.91
CA GLY I 337 18.94 34.73 -38.55
C GLY I 337 19.20 33.30 -38.94
N PRO I 338 19.33 33.04 -40.23
CA PRO I 338 19.67 31.68 -40.68
C PRO I 338 21.18 31.46 -40.77
N CYS I 339 21.87 31.63 -39.65
CA CYS I 339 23.30 31.43 -39.57
C CYS I 339 23.60 29.97 -39.26
N LYS I 340 24.84 29.56 -39.53
CA LYS I 340 25.29 28.20 -39.30
C LYS I 340 26.27 28.21 -38.13
N VAL I 341 26.12 27.24 -37.22
CA VAL I 341 26.98 27.16 -36.05
C VAL I 341 28.34 26.60 -36.46
N PRO I 342 29.39 27.43 -36.47
CA PRO I 342 30.73 26.90 -36.80
C PRO I 342 31.44 26.34 -35.58
N ALA I 343 31.07 25.12 -35.20
CA ALA I 343 31.61 24.45 -34.03
C ALA I 343 32.57 23.35 -34.46
N GLN I 344 33.51 23.03 -33.57
CA GLN I 344 34.51 22.00 -33.84
C GLN I 344 34.84 21.31 -32.52
N MET I 345 35.08 20.00 -32.61
CA MET I 345 35.52 19.20 -31.47
C MET I 345 36.83 18.54 -31.82
N ALA I 346 37.90 18.93 -31.12
CA ALA I 346 39.24 18.42 -31.41
C ALA I 346 40.07 18.49 -30.14
N VAL I 347 41.05 17.58 -30.02
CA VAL I 347 42.00 17.65 -28.93
C VAL I 347 43.05 18.72 -29.21
N ASP I 348 43.72 18.60 -30.35
CA ASP I 348 44.77 19.55 -30.75
C ASP I 348 44.17 20.86 -31.23
N MET I 349 44.31 21.89 -30.38
CA MET I 349 43.82 23.22 -30.72
C MET I 349 44.83 24.03 -31.53
N GLN I 350 46.08 23.60 -31.59
CA GLN I 350 47.07 24.25 -32.43
C GLN I 350 46.96 23.85 -33.88
N THR I 351 46.26 22.74 -34.17
CA THR I 351 46.04 22.32 -35.55
C THR I 351 44.69 22.74 -36.10
N LEU I 352 43.62 22.57 -35.32
CA LEU I 352 42.28 22.96 -35.73
C LEU I 352 41.69 21.98 -36.74
N THR I 353 42.22 20.76 -36.72
CA THR I 353 41.71 19.71 -37.59
C THR I 353 40.41 19.15 -37.03
N PRO I 354 39.56 18.54 -37.86
CA PRO I 354 38.35 17.89 -37.33
C PRO I 354 38.70 16.60 -36.61
N VAL I 355 38.14 16.42 -35.41
CA VAL I 355 38.46 15.28 -34.58
C VAL I 355 37.42 14.17 -34.65
N GLY I 356 36.14 14.50 -34.69
CA GLY I 356 35.11 13.48 -34.71
C GLY I 356 33.91 13.88 -35.55
N ARG I 357 33.11 12.88 -35.90
CA ARG I 357 31.87 13.11 -36.65
C ARG I 357 30.82 13.73 -35.75
N LEU I 358 29.89 14.46 -36.36
CA LEU I 358 28.83 15.15 -35.64
C LEU I 358 27.53 14.38 -35.80
N ILE I 359 26.77 14.25 -34.71
CA ILE I 359 25.46 13.61 -34.79
C ILE I 359 24.47 14.51 -35.48
N THR I 360 24.25 15.71 -34.94
CA THR I 360 23.45 16.73 -35.61
C THR I 360 24.35 17.47 -36.57
N ALA I 361 24.60 16.88 -37.74
CA ALA I 361 25.46 17.50 -38.74
C ALA I 361 24.75 18.66 -39.41
N ASN I 362 25.53 19.64 -39.86
CA ASN I 362 25.01 20.89 -40.41
C ASN I 362 24.27 21.67 -39.34
N PRO I 363 24.97 22.08 -38.27
CA PRO I 363 24.30 22.84 -37.20
C PRO I 363 24.05 24.28 -37.65
N VAL I 364 22.78 24.60 -37.85
CA VAL I 364 22.38 25.90 -38.35
C VAL I 364 21.42 26.54 -37.34
N ILE I 365 21.73 27.77 -36.94
CA ILE I 365 20.82 28.53 -36.09
C ILE I 365 19.65 29.00 -36.95
N THR I 366 18.43 28.79 -36.45
CA THR I 366 17.22 29.11 -37.19
C THR I 366 16.56 30.41 -36.76
N GLU I 367 16.61 30.75 -35.47
CA GLU I 367 15.89 31.91 -34.96
C GLU I 367 16.62 33.20 -35.32
N SER I 368 15.85 34.27 -35.50
CA SER I 368 16.39 35.59 -35.79
C SER I 368 16.45 36.49 -34.56
N THR I 369 16.25 35.94 -33.37
CA THR I 369 16.23 36.72 -32.15
C THR I 369 17.64 37.02 -31.66
N GLU I 370 17.74 37.57 -30.45
CA GLU I 370 19.05 37.92 -29.90
C GLU I 370 19.78 36.69 -29.39
N ASN I 371 19.20 35.99 -28.41
CA ASN I 371 19.79 34.77 -27.85
C ASN I 371 18.90 33.61 -28.26
N SER I 372 19.40 32.78 -29.17
CA SER I 372 18.65 31.66 -29.72
C SER I 372 19.19 30.36 -29.11
N LYS I 373 18.36 29.67 -28.36
CA LYS I 373 18.76 28.38 -27.80
C LYS I 373 18.67 27.29 -28.87
N MET I 374 19.76 26.53 -29.01
CA MET I 374 19.81 25.46 -30.00
C MET I 374 20.55 24.28 -29.38
N MET I 375 20.27 23.09 -29.92
CA MET I 375 20.93 21.86 -29.49
C MET I 375 21.68 21.26 -30.67
N LEU I 376 22.97 21.00 -30.47
CA LEU I 376 23.79 20.31 -31.44
C LEU I 376 24.26 18.99 -30.84
N GLU I 377 24.89 18.16 -31.67
CA GLU I 377 25.33 16.85 -31.22
C GLU I 377 26.58 16.45 -31.98
N LEU I 378 27.60 15.99 -31.26
CA LEU I 378 28.86 15.55 -31.85
C LEU I 378 29.30 14.26 -31.19
N ASP I 379 30.05 13.45 -31.95
CA ASP I 379 30.54 12.15 -31.47
C ASP I 379 32.05 12.12 -31.68
N PRO I 380 32.84 12.56 -30.70
CA PRO I 380 34.29 12.56 -30.85
C PRO I 380 34.88 11.21 -30.49
N PRO I 381 36.21 11.08 -30.46
CA PRO I 381 36.84 9.80 -30.12
C PRO I 381 36.78 9.53 -28.62
N PHE I 382 37.42 8.42 -28.24
CA PHE I 382 37.38 7.95 -26.86
C PHE I 382 38.28 8.83 -25.98
N GLY I 383 37.68 9.44 -24.97
CA GLY I 383 38.41 10.28 -24.05
C GLY I 383 37.74 11.63 -23.91
N ASP I 384 38.56 12.62 -23.55
CA ASP I 384 38.09 14.00 -23.45
C ASP I 384 38.81 14.86 -24.49
N SER I 385 38.20 15.98 -24.86
CA SER I 385 38.77 16.83 -25.89
C SER I 385 38.28 18.27 -25.66
N TYR I 386 38.62 19.14 -26.61
CA TYR I 386 38.25 20.54 -26.57
C TYR I 386 37.11 20.79 -27.54
N ILE I 387 36.12 21.55 -27.09
CA ILE I 387 34.96 21.90 -27.91
C ILE I 387 35.01 23.41 -28.14
N VAL I 388 35.46 23.80 -29.34
CA VAL I 388 35.49 25.21 -29.72
C VAL I 388 34.18 25.53 -30.43
N ILE I 389 33.31 26.31 -29.77
CA ILE I 389 32.03 26.69 -30.34
C ILE I 389 32.15 28.11 -30.88
N GLY I 390 32.50 28.24 -32.15
CA GLY I 390 32.70 29.53 -32.76
C GLY I 390 34.16 29.78 -33.07
N VAL I 391 34.43 30.99 -33.58
CA VAL I 391 35.78 31.42 -33.90
C VAL I 391 36.18 32.50 -32.88
N GLY I 392 37.28 32.26 -32.19
CA GLY I 392 37.75 33.19 -31.18
C GLY I 392 36.93 33.13 -29.91
#